data_5NQQ
#
_entry.id   5NQQ
#
_cell.length_a   72.373
_cell.length_b   138.763
_cell.length_c   74.567
_cell.angle_alpha   90.00
_cell.angle_beta   110.12
_cell.angle_gamma   90.00
#
_symmetry.space_group_name_H-M   'P 1 21 1'
#
loop_
_entity.id
_entity.type
_entity.pdbx_description
1 polymer 'L-lactate dehydrogenase A chain'
2 non-polymer '1,4-DIHYDRONICOTINAMIDE ADENINE DINUCLEOTIDE'
3 non-polymer 'SULFATE ION'
4 non-polymer 'OXALOACETATE ION'
5 water water
#
_entity_poly.entity_id   1
_entity_poly.type   'polypeptide(L)'
_entity_poly.pdbx_seq_one_letter_code
;MAALKDQLIHNLLKEEHVPQNKITVVGVGAVGMACAISILMKDLADELALVDVMEDKLKGEMMDLQHGSLFLRTPKIVSG
KDYSVTANSKLVIITAGARQQEGESRLNLVQRNVNIFKFIIPNVVKYSPHCKLLVVSNPVDILTYVAWKISGFPKNRVIG
SGCNLDSARFRYLMGERLGVHALSCHGWILGEHGDSSVPVWSGMNVAGVSLKTLHPELGTDADKEQWKQVHKQVVDSAYE
VIKLKGYTSWAIGLSVADLAESIMKNLRRVHPISTMLKGLYGIKEDVFLSVPCVLGQNGISDVVKVTLTSEEEAHLKKSA
DTLWGIQKELQF
;
_entity_poly.pdbx_strand_id   A,B,C,D
#
loop_
_chem_comp.id
_chem_comp.type
_chem_comp.name
_chem_comp.formula
NAI non-polymer '1,4-DIHYDRONICOTINAMIDE ADENINE DINUCLEOTIDE' 'C21 H29 N7 O14 P2'
OAA non-polymer 'OXALOACETATE ION' 'C4 H3 O5 -1'
SO4 non-polymer 'SULFATE ION' 'O4 S -2'
#
# COMPACT_ATOMS: atom_id res chain seq x y z
N ALA A 2 -41.51 -6.73 -4.98
CA ALA A 2 -40.67 -6.29 -3.82
C ALA A 2 -39.60 -7.30 -3.52
N ALA A 3 -38.65 -7.44 -4.44
CA ALA A 3 -37.44 -8.17 -4.13
C ALA A 3 -36.65 -7.39 -3.07
N LEU A 4 -35.82 -8.11 -2.31
CA LEU A 4 -35.02 -7.48 -1.27
C LEU A 4 -34.13 -6.39 -1.88
N LYS A 5 -33.45 -6.68 -2.98
CA LYS A 5 -32.60 -5.67 -3.59
C LYS A 5 -33.37 -4.39 -3.89
N ASP A 6 -34.62 -4.51 -4.38
CA ASP A 6 -35.37 -3.31 -4.73
C ASP A 6 -35.94 -2.62 -3.51
N GLN A 7 -36.20 -3.37 -2.44
CA GLN A 7 -36.56 -2.79 -1.16
C GLN A 7 -35.42 -1.96 -0.59
N LEU A 8 -34.19 -2.42 -0.80
CA LEU A 8 -33.02 -1.88 -0.12
C LEU A 8 -32.42 -0.72 -0.90
N ILE A 9 -32.43 -0.83 -2.21
CA ILE A 9 -31.62 0.03 -3.06
C ILE A 9 -32.49 0.66 -4.14
N HIS A 10 -32.39 1.97 -4.28
CA HIS A 10 -32.99 2.70 -5.39
C HIS A 10 -31.95 2.94 -6.46
N ASN A 11 -32.14 2.30 -7.62
CA ASN A 11 -31.20 2.42 -8.72
C ASN A 11 -31.44 3.75 -9.42
N LEU A 12 -30.35 4.50 -9.66
CA LEU A 12 -30.45 5.79 -10.30
C LEU A 12 -29.88 5.77 -11.70
N LEU A 13 -29.19 4.71 -12.09
CA LEU A 13 -28.38 4.78 -13.28
C LEU A 13 -28.21 3.40 -13.89
N LYS A 14 -28.56 3.27 -15.16
CA LYS A 14 -28.34 2.04 -15.89
C LYS A 14 -26.85 1.87 -16.20
N GLU A 15 -26.32 0.71 -15.86
CA GLU A 15 -24.87 0.54 -15.82
C GLU A 15 -24.39 0.03 -17.19
N GLU A 16 -23.83 0.94 -17.99
CA GLU A 16 -23.13 0.59 -19.22
C GLU A 16 -21.65 0.46 -18.88
N HIS A 17 -21.34 -0.58 -18.11
CA HIS A 17 -20.01 -0.67 -17.51
C HIS A 17 -18.98 -1.03 -18.57
N VAL A 18 -18.02 -0.14 -18.78
CA VAL A 18 -16.86 -0.39 -19.60
C VAL A 18 -15.64 -0.33 -18.69
N PRO A 19 -14.78 -1.35 -18.65
CA PRO A 19 -13.69 -1.31 -17.69
C PRO A 19 -12.64 -0.32 -18.15
N GLN A 20 -12.03 0.34 -17.17
CA GLN A 20 -11.08 1.41 -17.44
C GLN A 20 -9.65 0.99 -17.22
N ASN A 21 -9.43 0.00 -16.37
CA ASN A 21 -8.10 -0.44 -15.99
C ASN A 21 -8.06 -1.96 -15.90
N LYS A 22 -8.45 -2.64 -16.97
CA LYS A 22 -8.57 -4.08 -16.98
C LYS A 22 -7.28 -4.80 -17.41
N ILE A 23 -6.96 -5.86 -16.69
CA ILE A 23 -5.86 -6.77 -17.01
C ILE A 23 -6.38 -8.19 -17.22
N THR A 24 -5.83 -8.88 -18.22
CA THR A 24 -6.10 -10.29 -18.47
C THR A 24 -4.83 -11.10 -18.24
N VAL A 25 -4.97 -12.28 -17.61
CA VAL A 25 -3.92 -13.28 -17.50
C VAL A 25 -4.36 -14.51 -18.26
N VAL A 26 -3.57 -14.90 -19.24
CA VAL A 26 -3.83 -16.12 -20.02
C VAL A 26 -2.91 -17.23 -19.52
N GLY A 27 -3.52 -18.30 -19.02
CA GLY A 27 -2.78 -19.38 -18.40
C GLY A 27 -2.87 -19.24 -16.90
N VAL A 28 -3.56 -20.17 -16.25
CA VAL A 28 -3.71 -20.13 -14.81
C VAL A 28 -2.97 -21.29 -14.16
N GLY A 29 -1.78 -21.60 -14.66
CA GLY A 29 -0.87 -22.46 -13.95
C GLY A 29 -0.23 -21.69 -12.82
N ALA A 30 0.86 -22.26 -12.29
CA ALA A 30 1.50 -21.64 -11.14
C ALA A 30 1.96 -20.23 -11.46
N VAL A 31 2.55 -20.01 -12.62
CA VAL A 31 3.06 -18.68 -12.94
C VAL A 31 1.92 -17.70 -13.12
N GLY A 32 0.89 -18.10 -13.87
CA GLY A 32 -0.23 -17.20 -14.10
C GLY A 32 -0.92 -16.78 -12.81
N MET A 33 -1.13 -17.73 -11.91
CA MET A 33 -1.79 -17.40 -10.66
C MET A 33 -0.90 -16.55 -9.74
N ALA A 34 0.42 -16.76 -9.78
CA ALA A 34 1.32 -15.87 -9.05
C ALA A 34 1.24 -14.45 -9.59
N CYS A 35 1.17 -14.31 -10.90
CA CYS A 35 0.98 -12.98 -11.47
C CYS A 35 -0.34 -12.39 -10.99
N ALA A 36 -1.39 -13.19 -10.96
CA ALA A 36 -2.71 -12.68 -10.61
C ALA A 36 -2.75 -12.19 -9.17
N ILE A 37 -2.28 -13.01 -8.22
CA ILE A 37 -2.34 -12.59 -6.83
C ILE A 37 -1.49 -11.34 -6.62
N SER A 38 -0.31 -11.27 -7.27
CA SER A 38 0.57 -10.11 -7.10
C SER A 38 -0.07 -8.83 -7.65
N ILE A 39 -0.72 -8.94 -8.80
CA ILE A 39 -1.42 -7.80 -9.39
C ILE A 39 -2.60 -7.38 -8.50
N LEU A 40 -3.33 -8.36 -7.93
CA LEU A 40 -4.48 -8.05 -7.05
C LEU A 40 -4.05 -7.38 -5.77
N MET A 41 -2.94 -7.82 -5.17
CA MET A 41 -2.52 -7.21 -3.92
C MET A 41 -1.84 -5.85 -4.12
N LYS A 42 -1.49 -5.48 -5.35
CA LYS A 42 -0.96 -4.15 -5.64
C LYS A 42 -2.01 -3.20 -6.19
N ASP A 43 -3.30 -3.62 -6.27
CA ASP A 43 -4.38 -2.76 -6.69
C ASP A 43 -4.11 -2.14 -8.06
N LEU A 44 -3.62 -2.95 -9.01
CA LEU A 44 -3.28 -2.39 -10.30
C LEU A 44 -4.43 -2.40 -11.31
N ALA A 45 -5.47 -3.16 -11.05
CA ALA A 45 -6.54 -3.35 -12.00
C ALA A 45 -7.89 -3.11 -11.33
N ASP A 46 -8.84 -2.59 -12.12
CA ASP A 46 -10.21 -2.57 -11.63
C ASP A 46 -11.03 -3.75 -12.13
N GLU A 47 -10.48 -4.53 -13.05
CA GLU A 47 -11.06 -5.80 -13.45
C GLU A 47 -9.92 -6.74 -13.82
N LEU A 48 -9.98 -7.97 -13.35
CA LEU A 48 -9.02 -9.03 -13.71
C LEU A 48 -9.77 -10.13 -14.43
N ALA A 49 -9.32 -10.45 -15.64
CA ALA A 49 -9.87 -11.56 -16.42
C ALA A 49 -8.86 -12.70 -16.51
N LEU A 50 -9.33 -13.93 -16.32
CA LEU A 50 -8.50 -15.13 -16.42
C LEU A 50 -8.98 -16.02 -17.56
N VAL A 51 -8.04 -16.56 -18.35
CA VAL A 51 -8.41 -17.47 -19.42
C VAL A 51 -7.49 -18.68 -19.40
N ASP A 52 -8.06 -19.85 -19.70
CA ASP A 52 -7.27 -21.07 -19.84
C ASP A 52 -8.09 -22.03 -20.70
N VAL A 53 -7.48 -23.15 -21.07
CA VAL A 53 -8.23 -24.22 -21.75
C VAL A 53 -8.79 -25.28 -20.79
N MET A 54 -8.25 -25.40 -19.57
CA MET A 54 -8.75 -26.38 -18.60
C MET A 54 -9.87 -25.72 -17.81
N GLU A 55 -11.12 -26.04 -18.16
CA GLU A 55 -12.26 -25.26 -17.71
C GLU A 55 -12.48 -25.39 -16.21
N ASP A 56 -12.27 -26.58 -15.66
CA ASP A 56 -12.52 -26.83 -14.23
C ASP A 56 -11.52 -26.07 -13.37
N LYS A 57 -10.21 -26.30 -13.59
CA LYS A 57 -9.17 -25.55 -12.86
C LYS A 57 -9.38 -24.03 -12.96
N LEU A 58 -9.74 -23.53 -14.15
CA LEU A 58 -9.97 -22.10 -14.37
C LEU A 58 -11.09 -21.57 -13.50
N LYS A 59 -12.21 -22.29 -13.46
CA LYS A 59 -13.32 -21.83 -12.64
C LYS A 59 -12.96 -21.89 -11.16
N GLY A 60 -12.21 -22.91 -10.75
CA GLY A 60 -11.83 -23.03 -9.37
C GLY A 60 -10.90 -21.92 -8.91
N GLU A 61 -9.96 -21.53 -9.76
CA GLU A 61 -9.05 -20.43 -9.40
C GLU A 61 -9.80 -19.11 -9.30
N MET A 62 -10.70 -18.83 -10.25
CA MET A 62 -11.51 -17.62 -10.20
C MET A 62 -12.31 -17.56 -8.91
N MET A 63 -13.00 -18.67 -8.56
CA MET A 63 -13.82 -18.67 -7.37
C MET A 63 -12.99 -18.46 -6.12
N ASP A 64 -11.83 -19.11 -6.05
CA ASP A 64 -10.95 -18.95 -4.89
C ASP A 64 -10.48 -17.48 -4.74
N LEU A 65 -10.11 -16.82 -5.83
CA LEU A 65 -9.78 -15.38 -5.77
C LEU A 65 -11.00 -14.54 -5.39
N GLN A 66 -12.17 -14.83 -5.98
CA GLN A 66 -13.39 -14.09 -5.65
C GLN A 66 -13.77 -14.20 -4.17
N HIS A 67 -13.56 -15.35 -3.56
CA HIS A 67 -13.86 -15.48 -2.14
C HIS A 67 -12.98 -14.60 -1.25
N GLY A 68 -11.89 -14.08 -1.79
CA GLY A 68 -11.08 -13.13 -1.06
C GLY A 68 -11.41 -11.69 -1.36
N SER A 69 -12.52 -11.40 -2.06
CA SER A 69 -12.83 -10.03 -2.46
C SER A 69 -12.83 -9.03 -1.30
N LEU A 70 -13.37 -9.43 -0.15
CA LEU A 70 -13.43 -8.55 1.01
C LEU A 70 -12.08 -7.96 1.34
N PHE A 71 -11.01 -8.70 1.05
CA PHE A 71 -9.68 -8.29 1.43
C PHE A 71 -8.93 -7.62 0.31
N LEU A 72 -9.58 -7.45 -0.85
CA LEU A 72 -8.97 -6.86 -2.03
C LEU A 72 -9.67 -5.56 -2.40
N ARG A 73 -9.09 -4.87 -3.39
CA ARG A 73 -9.69 -3.63 -3.90
C ARG A 73 -9.78 -3.70 -5.40
N THR A 74 -10.15 -4.87 -5.90
CA THR A 74 -10.36 -5.12 -7.32
C THR A 74 -11.75 -5.71 -7.37
N PRO A 75 -12.76 -4.97 -7.83
CA PRO A 75 -14.16 -5.39 -7.62
C PRO A 75 -14.67 -6.49 -8.55
N LYS A 76 -14.02 -6.75 -9.67
CA LYS A 76 -14.56 -7.68 -10.64
C LYS A 76 -13.46 -8.64 -11.09
N ILE A 77 -13.67 -9.93 -10.85
CA ILE A 77 -12.81 -10.99 -11.34
C ILE A 77 -13.67 -11.94 -12.15
N VAL A 78 -13.27 -12.20 -13.39
CA VAL A 78 -14.05 -13.00 -14.31
C VAL A 78 -13.11 -14.01 -14.95
N SER A 79 -13.71 -15.05 -15.55
CA SER A 79 -12.89 -16.06 -16.21
C SER A 79 -13.76 -16.77 -17.25
N GLY A 80 -13.09 -17.38 -18.21
CA GLY A 80 -13.77 -18.18 -19.21
C GLY A 80 -12.82 -18.68 -20.28
N LYS A 81 -13.28 -19.69 -20.99
CA LYS A 81 -12.56 -20.23 -22.13
C LYS A 81 -12.70 -19.31 -23.33
N ASP A 82 -13.83 -18.62 -23.43
CA ASP A 82 -14.07 -17.71 -24.53
C ASP A 82 -13.49 -16.33 -24.25
N TYR A 83 -12.76 -15.79 -25.22
CA TYR A 83 -12.02 -14.55 -25.04
C TYR A 83 -12.91 -13.33 -24.96
N SER A 84 -14.23 -13.48 -25.09
CA SER A 84 -15.11 -12.34 -24.84
C SER A 84 -14.92 -11.79 -23.43
N VAL A 85 -14.56 -12.63 -22.45
CA VAL A 85 -14.34 -12.14 -21.09
C VAL A 85 -13.14 -11.20 -20.98
N THR A 86 -12.25 -11.17 -21.99
CA THR A 86 -11.05 -10.35 -21.96
C THR A 86 -11.23 -9.02 -22.65
N ALA A 87 -12.41 -8.74 -23.19
CA ALA A 87 -12.59 -7.54 -23.99
C ALA A 87 -12.15 -6.27 -23.26
N ASN A 88 -11.51 -5.38 -24.01
CA ASN A 88 -11.14 -4.05 -23.54
C ASN A 88 -10.09 -4.09 -22.44
N SER A 89 -9.21 -5.09 -22.47
CA SER A 89 -8.07 -5.09 -21.56
C SER A 89 -7.06 -4.03 -21.99
N LYS A 90 -6.44 -3.38 -20.99
CA LYS A 90 -5.30 -2.51 -21.25
C LYS A 90 -4.01 -3.33 -21.44
N LEU A 91 -3.92 -4.45 -20.75
CA LEU A 91 -2.71 -5.26 -20.65
C LEU A 91 -3.13 -6.72 -20.62
N VAL A 92 -2.51 -7.53 -21.48
CA VAL A 92 -2.76 -8.96 -21.54
C VAL A 92 -1.45 -9.65 -21.28
N ILE A 93 -1.41 -10.46 -20.23
CA ILE A 93 -0.22 -11.18 -19.79
C ILE A 93 -0.35 -12.63 -20.22
N ILE A 94 0.61 -13.13 -21.00
CA ILE A 94 0.57 -14.50 -21.54
C ILE A 94 1.53 -15.38 -20.76
N THR A 95 0.99 -16.33 -20.01
CA THR A 95 1.81 -17.30 -19.28
C THR A 95 1.51 -18.73 -19.71
N ALA A 96 0.77 -18.92 -20.79
CA ALA A 96 0.41 -20.26 -21.20
C ALA A 96 1.59 -20.94 -21.87
N GLY A 97 1.68 -22.25 -21.70
CA GLY A 97 2.73 -22.96 -22.41
C GLY A 97 2.50 -24.45 -22.38
N ALA A 98 3.31 -25.14 -23.18
CA ALA A 98 3.22 -26.58 -23.34
C ALA A 98 4.06 -27.28 -22.29
N ARG A 99 3.62 -28.49 -21.96
CA ARG A 99 4.28 -29.36 -21.00
C ARG A 99 5.12 -30.33 -21.83
N GLN A 100 6.41 -30.41 -21.52
CA GLN A 100 7.32 -31.23 -22.31
C GLN A 100 6.99 -32.73 -22.15
N GLN A 101 7.43 -33.51 -23.14
CA GLN A 101 7.10 -34.93 -23.21
C GLN A 101 8.37 -35.77 -23.10
N GLU A 102 8.19 -37.05 -22.78
CA GLU A 102 9.31 -37.99 -22.73
C GLU A 102 9.92 -38.18 -24.11
N GLY A 103 11.23 -37.94 -24.21
CA GLY A 103 11.91 -38.05 -25.49
C GLY A 103 11.45 -37.03 -26.50
N GLU A 104 11.05 -35.86 -26.05
CA GLU A 104 10.57 -34.81 -26.95
C GLU A 104 11.70 -33.83 -27.24
N SER A 105 12.04 -33.68 -28.51
CA SER A 105 13.11 -32.77 -28.88
C SER A 105 12.79 -31.37 -28.41
N ARG A 106 13.82 -30.63 -28.00
CA ARG A 106 13.60 -29.27 -27.51
C ARG A 106 12.87 -28.43 -28.55
N LEU A 107 13.18 -28.63 -29.84
CA LEU A 107 12.57 -27.81 -30.87
C LEU A 107 11.09 -28.15 -31.07
N ASN A 108 10.73 -29.42 -30.93
CA ASN A 108 9.33 -29.80 -31.06
C ASN A 108 8.48 -29.12 -29.99
N LEU A 109 9.03 -28.97 -28.79
CA LEU A 109 8.33 -28.26 -27.73
C LEU A 109 8.08 -26.80 -28.10
N VAL A 110 9.11 -26.10 -28.57
CA VAL A 110 8.95 -24.71 -28.98
C VAL A 110 7.88 -24.59 -30.04
N GLN A 111 7.86 -25.52 -31.00
CA GLN A 111 6.79 -25.51 -31.98
C GLN A 111 5.43 -25.72 -31.33
N ARG A 112 5.38 -26.44 -30.22
CA ARG A 112 4.07 -26.63 -29.61
C ARG A 112 3.62 -25.36 -28.86
N ASN A 113 4.56 -24.56 -28.36
CA ASN A 113 4.20 -23.26 -27.79
C ASN A 113 3.82 -22.26 -28.87
N VAL A 114 4.47 -22.34 -30.04
CA VAL A 114 4.03 -21.52 -31.16
C VAL A 114 2.60 -21.88 -31.55
N ASN A 115 2.30 -23.19 -31.60
CA ASN A 115 0.95 -23.62 -31.95
C ASN A 115 -0.06 -23.11 -30.92
N ILE A 116 0.30 -23.12 -29.65
CA ILE A 116 -0.55 -22.50 -28.64
C ILE A 116 -0.75 -21.02 -28.96
N PHE A 117 0.33 -20.28 -29.22
CA PHE A 117 0.20 -18.85 -29.47
C PHE A 117 -0.59 -18.56 -30.72
N LYS A 118 -0.54 -19.47 -31.71
CA LYS A 118 -1.34 -19.28 -32.92
C LYS A 118 -2.82 -19.29 -32.62
N PHE A 119 -3.23 -19.98 -31.54
CA PHE A 119 -4.61 -19.87 -31.12
C PHE A 119 -4.87 -18.67 -30.21
N ILE A 120 -3.98 -18.43 -29.24
CA ILE A 120 -4.23 -17.39 -28.25
C ILE A 120 -4.19 -15.99 -28.85
N ILE A 121 -3.10 -15.66 -29.57
CA ILE A 121 -2.86 -14.27 -29.93
C ILE A 121 -3.97 -13.68 -30.80
N PRO A 122 -4.47 -14.37 -31.84
CA PRO A 122 -5.56 -13.75 -32.62
C PRO A 122 -6.81 -13.51 -31.81
N ASN A 123 -7.09 -14.36 -30.82
CA ASN A 123 -8.25 -14.14 -29.97
C ASN A 123 -8.05 -12.94 -29.05
N VAL A 124 -6.84 -12.79 -28.48
CA VAL A 124 -6.55 -11.62 -27.67
C VAL A 124 -6.77 -10.34 -28.46
N VAL A 125 -6.14 -10.25 -29.64
CA VAL A 125 -6.19 -9.00 -30.39
C VAL A 125 -7.57 -8.71 -30.93
N LYS A 126 -8.40 -9.73 -31.13
CA LYS A 126 -9.76 -9.44 -31.61
C LYS A 126 -10.57 -8.71 -30.55
N TYR A 127 -10.43 -9.10 -29.30
CA TYR A 127 -11.24 -8.46 -28.25
C TYR A 127 -10.54 -7.29 -27.56
N SER A 128 -9.22 -7.16 -27.69
CA SER A 128 -8.49 -6.02 -27.14
C SER A 128 -7.46 -5.55 -28.15
N PRO A 129 -7.91 -4.93 -29.25
CA PRO A 129 -6.97 -4.49 -30.31
C PRO A 129 -6.02 -3.36 -29.91
N HIS A 130 -6.26 -2.66 -28.80
CA HIS A 130 -5.37 -1.61 -28.35
C HIS A 130 -4.55 -1.97 -27.13
N CYS A 131 -4.55 -3.23 -26.70
CA CYS A 131 -3.85 -3.62 -25.47
C CYS A 131 -2.34 -3.64 -25.68
N LYS A 132 -1.63 -3.69 -24.56
CA LYS A 132 -0.24 -4.14 -24.54
C LYS A 132 -0.19 -5.63 -24.24
N LEU A 133 0.71 -6.31 -24.91
CA LEU A 133 0.95 -7.73 -24.70
C LEU A 133 2.24 -7.89 -23.90
N LEU A 134 2.17 -8.64 -22.81
CA LEU A 134 3.35 -8.95 -22.03
C LEU A 134 3.51 -10.47 -22.02
N VAL A 135 4.56 -10.95 -22.68
CA VAL A 135 4.82 -12.40 -22.82
C VAL A 135 5.78 -12.83 -21.73
N VAL A 136 5.36 -13.84 -20.98
CA VAL A 136 6.17 -14.49 -19.94
C VAL A 136 6.52 -15.94 -20.30
N SER A 137 5.70 -16.62 -21.09
CA SER A 137 5.95 -18.01 -21.49
C SER A 137 7.36 -18.22 -22.06
N ASN A 138 7.95 -19.37 -21.73
CA ASN A 138 9.30 -19.71 -22.20
C ASN A 138 9.25 -20.52 -23.51
N PRO A 139 10.27 -20.36 -24.40
CA PRO A 139 11.41 -19.42 -24.38
C PRO A 139 11.00 -17.98 -24.72
N VAL A 140 11.19 -17.08 -23.77
CA VAL A 140 10.41 -15.85 -23.78
C VAL A 140 10.81 -14.93 -24.94
N ASP A 141 12.11 -14.91 -25.32
CA ASP A 141 12.53 -14.05 -26.43
C ASP A 141 11.93 -14.50 -27.74
N ILE A 142 11.87 -15.81 -27.98
CA ILE A 142 11.27 -16.35 -29.20
C ILE A 142 9.75 -16.16 -29.18
N LEU A 143 9.09 -16.46 -28.07
CA LEU A 143 7.65 -16.32 -28.06
C LEU A 143 7.18 -14.88 -28.07
N THR A 144 7.99 -13.93 -27.60
CA THR A 144 7.61 -12.53 -27.76
C THR A 144 7.65 -12.14 -29.24
N TYR A 145 8.68 -12.61 -29.95
CA TYR A 145 8.72 -12.42 -31.41
C TYR A 145 7.48 -13.03 -32.07
N VAL A 146 7.14 -14.27 -31.70
CA VAL A 146 5.96 -14.93 -32.28
C VAL A 146 4.71 -14.10 -32.02
N ALA A 147 4.53 -13.63 -30.78
CA ALA A 147 3.38 -12.78 -30.45
C ALA A 147 3.35 -11.51 -31.29
N TRP A 148 4.50 -10.87 -31.50
CA TRP A 148 4.56 -9.66 -32.33
C TRP A 148 4.16 -9.98 -33.77
N LYS A 149 4.68 -11.07 -34.32
CA LYS A 149 4.38 -11.42 -35.71
C LYS A 149 2.91 -11.76 -35.86
N ILE A 150 2.39 -12.61 -34.99
CA ILE A 150 0.99 -13.01 -35.10
C ILE A 150 0.07 -11.82 -34.83
N SER A 151 0.41 -10.97 -33.87
CA SER A 151 -0.53 -9.91 -33.50
C SER A 151 -0.63 -8.85 -34.57
N GLY A 152 0.46 -8.57 -35.29
CA GLY A 152 0.51 -7.38 -36.10
C GLY A 152 0.62 -6.08 -35.31
N PHE A 153 0.87 -6.15 -34.02
CA PHE A 153 1.03 -4.95 -33.22
C PHE A 153 2.35 -4.24 -33.52
N PRO A 154 2.38 -2.91 -33.35
CA PRO A 154 3.66 -2.21 -33.37
C PRO A 154 4.55 -2.70 -32.23
N LYS A 155 5.87 -2.59 -32.43
CA LYS A 155 6.79 -3.20 -31.48
C LYS A 155 6.70 -2.59 -30.09
N ASN A 156 6.24 -1.34 -29.98
CA ASN A 156 6.16 -0.72 -28.65
C ASN A 156 5.14 -1.43 -27.77
N ARG A 157 4.16 -2.15 -28.34
CA ARG A 157 3.10 -2.77 -27.58
C ARG A 157 3.32 -4.25 -27.35
N VAL A 158 4.49 -4.80 -27.67
CA VAL A 158 4.74 -6.23 -27.43
C VAL A 158 6.05 -6.35 -26.65
N ILE A 159 5.94 -6.84 -25.42
CA ILE A 159 7.00 -6.80 -24.42
C ILE A 159 7.24 -8.23 -23.92
N GLY A 160 8.48 -8.63 -23.79
CA GLY A 160 8.79 -9.91 -23.15
C GLY A 160 9.34 -9.67 -21.76
N SER A 161 8.96 -10.54 -20.81
CA SER A 161 9.46 -10.37 -19.44
C SER A 161 10.97 -10.43 -19.41
N GLY A 162 11.56 -11.17 -20.35
CA GLY A 162 12.99 -11.11 -20.57
C GLY A 162 13.84 -11.28 -19.32
N CYS A 163 14.80 -10.38 -19.12
CA CYS A 163 15.77 -10.52 -18.05
C CYS A 163 15.38 -9.70 -16.80
N ASN A 164 14.10 -9.30 -16.68
CA ASN A 164 13.71 -8.53 -15.52
C ASN A 164 13.97 -9.31 -14.23
N LEU A 165 13.58 -10.57 -14.22
CA LEU A 165 13.77 -11.39 -13.03
C LEU A 165 15.23 -11.79 -12.85
N ASP A 166 15.94 -12.11 -13.96
CA ASP A 166 17.36 -12.41 -13.82
C ASP A 166 18.11 -11.28 -13.15
N SER A 167 17.84 -10.03 -13.56
CA SER A 167 18.50 -8.88 -12.93
C SER A 167 18.10 -8.73 -11.45
N ALA A 168 16.83 -9.02 -11.12
CA ALA A 168 16.42 -8.99 -9.71
C ALA A 168 17.15 -10.06 -8.88
N ARG A 169 17.29 -11.29 -9.43
CA ARG A 169 18.05 -12.34 -8.76
C ARG A 169 19.50 -11.93 -8.59
N PHE A 170 20.07 -11.36 -9.63
CA PHE A 170 21.43 -10.85 -9.56
C PHE A 170 21.60 -9.82 -8.44
N ARG A 171 20.66 -8.87 -8.34
CA ARG A 171 20.74 -7.85 -7.29
C ARG A 171 20.55 -8.46 -5.90
N TYR A 172 19.66 -9.44 -5.77
CA TYR A 172 19.53 -10.14 -4.50
C TYR A 172 20.84 -10.79 -4.10
N LEU A 173 21.50 -11.46 -5.05
CA LEU A 173 22.74 -12.16 -4.72
C LEU A 173 23.87 -11.18 -4.40
N MET A 174 23.97 -10.12 -5.19
CA MET A 174 24.90 -9.02 -4.87
C MET A 174 24.69 -8.52 -3.46
N GLY A 175 23.42 -8.27 -3.10
CA GLY A 175 23.11 -7.75 -1.79
C GLY A 175 23.46 -8.71 -0.68
N GLU A 176 23.30 -10.01 -0.91
CA GLU A 176 23.71 -10.96 0.12
C GLU A 176 25.22 -10.85 0.37
N ARG A 177 26.00 -10.73 -0.69
CA ARG A 177 27.46 -10.67 -0.53
C ARG A 177 27.94 -9.36 0.11
N LEU A 178 27.26 -8.25 -0.17
CA LEU A 178 27.72 -6.93 0.28
C LEU A 178 27.06 -6.46 1.55
N GLY A 179 26.00 -7.14 2.00
CA GLY A 179 25.31 -6.78 3.22
C GLY A 179 24.33 -5.62 3.11
N VAL A 180 23.72 -5.41 1.93
CA VAL A 180 22.75 -4.34 1.75
C VAL A 180 21.56 -4.91 0.99
N HIS A 181 20.46 -4.17 1.05
CA HIS A 181 19.24 -4.56 0.36
C HIS A 181 19.42 -4.58 -1.15
N ALA A 182 18.71 -5.49 -1.79
CA ALA A 182 18.76 -5.57 -3.25
C ALA A 182 18.43 -4.22 -3.87
N LEU A 183 17.53 -3.47 -3.25
CA LEU A 183 17.17 -2.13 -3.74
C LEU A 183 18.39 -1.24 -3.93
N SER A 184 19.38 -1.35 -3.07
CA SER A 184 20.56 -0.51 -3.11
C SER A 184 21.72 -1.10 -3.93
N CYS A 185 21.58 -2.33 -4.44
CA CYS A 185 22.56 -2.91 -5.36
C CYS A 185 22.04 -2.76 -6.77
N HIS A 186 22.86 -2.29 -7.68
CA HIS A 186 22.45 -2.11 -9.06
C HIS A 186 23.33 -2.94 -9.98
N GLY A 187 22.71 -3.55 -10.97
CA GLY A 187 23.40 -4.49 -11.84
C GLY A 187 22.41 -4.94 -12.90
N TRP A 188 22.87 -5.07 -14.14
CA TRP A 188 22.04 -5.35 -15.29
C TRP A 188 22.49 -6.64 -15.97
N ILE A 189 21.55 -7.57 -16.14
CA ILE A 189 21.70 -8.76 -16.97
C ILE A 189 20.88 -8.51 -18.24
N LEU A 190 21.55 -8.60 -19.39
CA LEU A 190 20.94 -8.27 -20.67
C LEU A 190 21.00 -9.47 -21.60
N GLY A 191 20.34 -9.30 -22.76
CA GLY A 191 20.39 -10.31 -23.80
C GLY A 191 19.29 -11.35 -23.74
N GLU A 192 19.67 -12.60 -24.02
CA GLU A 192 18.77 -13.76 -23.97
C GLU A 192 18.53 -14.19 -22.54
N HIS A 193 17.27 -14.36 -22.16
CA HIS A 193 16.93 -14.98 -20.90
C HIS A 193 17.38 -16.43 -20.93
N GLY A 194 18.29 -16.82 -20.05
CA GLY A 194 18.79 -18.17 -20.03
C GLY A 194 20.29 -18.19 -19.94
N ASP A 195 20.88 -19.30 -20.39
CA ASP A 195 22.30 -19.56 -20.19
C ASP A 195 23.21 -18.57 -20.91
N SER A 196 22.73 -17.87 -21.94
CA SER A 196 23.61 -16.97 -22.67
C SER A 196 23.37 -15.48 -22.33
N SER A 197 22.71 -15.20 -21.21
CA SER A 197 22.54 -13.80 -20.84
C SER A 197 23.89 -13.12 -20.53
N VAL A 198 23.90 -11.79 -20.59
CA VAL A 198 25.13 -11.02 -20.50
C VAL A 198 25.10 -10.17 -19.24
N PRO A 199 25.92 -10.45 -18.23
CA PRO A 199 26.05 -9.52 -17.09
C PRO A 199 26.95 -8.35 -17.46
N VAL A 200 26.46 -7.13 -17.21
CA VAL A 200 27.18 -5.92 -17.60
C VAL A 200 27.99 -5.46 -16.39
N TRP A 201 29.21 -6.01 -16.28
CA TRP A 201 30.03 -5.79 -15.08
C TRP A 201 30.31 -4.32 -14.85
N SER A 202 30.47 -3.57 -15.94
CA SER A 202 30.82 -2.15 -15.85
C SER A 202 29.75 -1.33 -15.13
N GLY A 203 28.49 -1.77 -15.19
CA GLY A 203 27.40 -1.03 -14.59
C GLY A 203 27.06 -1.38 -13.16
N MET A 204 27.69 -2.40 -12.60
CA MET A 204 27.36 -2.85 -11.27
C MET A 204 27.88 -1.84 -10.26
N ASN A 205 27.04 -1.41 -9.35
CA ASN A 205 27.42 -0.34 -8.45
C ASN A 205 26.53 -0.34 -7.22
N VAL A 206 27.05 0.26 -6.15
CA VAL A 206 26.32 0.63 -4.96
C VAL A 206 26.58 2.12 -4.76
N ALA A 207 25.51 2.90 -4.63
CA ALA A 207 25.63 4.34 -4.42
C ALA A 207 26.46 5.04 -5.50
N GLY A 208 26.38 4.54 -6.74
CA GLY A 208 27.09 5.11 -7.83
C GLY A 208 28.55 4.74 -7.88
N VAL A 209 29.03 3.86 -6.98
CA VAL A 209 30.43 3.42 -6.94
C VAL A 209 30.59 2.19 -7.81
N SER A 210 31.28 2.36 -8.94
CA SER A 210 31.50 1.25 -9.87
C SER A 210 32.38 0.19 -9.22
N LEU A 211 31.80 -1.00 -9.04
CA LEU A 211 32.54 -2.13 -8.47
C LEU A 211 33.71 -2.50 -9.37
N LYS A 212 33.54 -2.38 -10.69
CA LYS A 212 34.61 -2.71 -11.64
C LYS A 212 35.80 -1.76 -11.49
N THR A 213 35.52 -0.47 -11.32
CA THR A 213 36.56 0.52 -11.05
C THR A 213 37.34 0.18 -9.79
N LEU A 214 36.65 -0.33 -8.78
CA LEU A 214 37.26 -0.66 -7.51
C LEU A 214 37.96 -2.02 -7.51
N HIS A 215 37.53 -2.95 -8.37
CA HIS A 215 37.96 -4.34 -8.31
C HIS A 215 38.08 -4.75 -9.77
N PRO A 216 39.14 -4.31 -10.46
CA PRO A 216 39.12 -4.32 -11.94
C PRO A 216 39.06 -5.70 -12.59
N GLU A 217 39.32 -6.78 -11.86
CA GLU A 217 39.15 -8.13 -12.37
C GLU A 217 37.75 -8.69 -12.08
N LEU A 218 36.82 -7.83 -11.71
CA LEU A 218 35.43 -8.23 -11.57
C LEU A 218 34.94 -8.82 -12.87
N GLY A 219 34.39 -10.03 -12.81
CA GLY A 219 33.88 -10.66 -14.01
C GLY A 219 34.86 -11.57 -14.74
N THR A 220 36.07 -11.78 -14.22
CA THR A 220 37.06 -12.67 -14.84
C THR A 220 37.14 -14.01 -14.11
N ASP A 221 37.73 -15.00 -14.80
CA ASP A 221 37.77 -16.36 -14.29
C ASP A 221 38.68 -16.51 -13.07
N ALA A 222 39.78 -15.78 -13.03
CA ALA A 222 40.77 -15.89 -11.96
C ALA A 222 40.45 -15.02 -10.75
N ASP A 223 39.29 -14.40 -10.72
CA ASP A 223 38.98 -13.46 -9.66
C ASP A 223 38.76 -14.23 -8.36
N LYS A 224 39.65 -13.99 -7.39
CA LYS A 224 39.67 -14.79 -6.16
C LYS A 224 38.31 -14.78 -5.49
N GLU A 225 37.68 -13.61 -5.39
CA GLU A 225 36.23 -13.56 -5.31
C GLU A 225 35.74 -13.95 -6.69
N GLN A 226 35.04 -15.06 -6.76
CA GLN A 226 34.53 -15.57 -8.03
C GLN A 226 33.21 -14.88 -8.39
N TRP A 227 33.29 -13.57 -8.63
CA TRP A 227 32.06 -12.84 -8.98
C TRP A 227 31.42 -13.36 -10.26
N LYS A 228 32.20 -13.92 -11.20
CA LYS A 228 31.62 -14.56 -12.37
C LYS A 228 30.67 -15.66 -11.98
N GLN A 229 30.92 -16.30 -10.84
CA GLN A 229 30.06 -17.37 -10.37
C GLN A 229 28.68 -16.85 -9.98
N VAL A 230 28.58 -15.58 -9.60
CA VAL A 230 27.28 -15.02 -9.25
C VAL A 230 26.36 -15.04 -10.45
N HIS A 231 26.89 -14.69 -11.62
CA HIS A 231 26.08 -14.78 -12.83
C HIS A 231 25.69 -16.22 -13.10
N LYS A 232 26.61 -17.16 -12.93
CA LYS A 232 26.29 -18.57 -13.12
C LYS A 232 25.16 -19.01 -12.18
N GLN A 233 25.18 -18.55 -10.92
CA GLN A 233 24.07 -18.80 -10.01
C GLN A 233 22.76 -18.25 -10.55
N VAL A 234 22.80 -17.06 -11.15
CA VAL A 234 21.59 -16.49 -11.73
C VAL A 234 21.05 -17.39 -12.84
N VAL A 235 21.90 -17.75 -13.81
CA VAL A 235 21.38 -18.57 -14.92
C VAL A 235 20.88 -19.94 -14.41
N ASP A 236 21.49 -20.49 -13.35
CA ASP A 236 21.11 -21.79 -12.81
C ASP A 236 19.95 -21.74 -11.84
N SER A 237 19.58 -20.57 -11.33
CA SER A 237 18.69 -20.53 -10.16
C SER A 237 17.33 -21.13 -10.49
N ALA A 238 16.80 -20.87 -11.68
CA ALA A 238 15.50 -21.46 -12.00
C ALA A 238 15.58 -22.97 -11.95
N TYR A 239 16.65 -23.54 -12.52
CA TYR A 239 16.81 -24.99 -12.52
C TYR A 239 16.96 -25.52 -11.09
N GLU A 240 17.68 -24.78 -10.24
CA GLU A 240 17.82 -25.20 -8.84
C GLU A 240 16.46 -25.22 -8.15
N VAL A 241 15.65 -24.16 -8.33
CA VAL A 241 14.35 -24.13 -7.71
C VAL A 241 13.44 -25.23 -8.29
N ILE A 242 13.49 -25.46 -9.59
CA ILE A 242 12.66 -26.51 -10.19
C ILE A 242 13.05 -27.87 -9.63
N LYS A 243 14.34 -28.09 -9.45
CA LYS A 243 14.82 -29.34 -8.88
C LYS A 243 14.32 -29.52 -7.45
N LEU A 244 14.18 -28.42 -6.70
CA LEU A 244 13.79 -28.52 -5.31
C LEU A 244 12.27 -28.61 -5.15
N LYS A 245 11.52 -27.75 -5.83
CA LYS A 245 10.07 -27.70 -5.65
C LYS A 245 9.28 -28.06 -6.90
N GLY A 246 9.93 -28.23 -8.05
CA GLY A 246 9.25 -28.70 -9.24
C GLY A 246 8.91 -27.63 -10.27
N TYR A 247 8.90 -26.36 -9.86
CA TYR A 247 8.53 -25.25 -10.72
C TYR A 247 8.97 -23.99 -9.98
N THR A 248 8.92 -22.85 -10.67
CA THR A 248 9.12 -21.55 -10.03
C THR A 248 7.88 -20.72 -10.26
N SER A 249 7.53 -19.86 -9.30
CA SER A 249 6.35 -19.04 -9.52
C SER A 249 6.41 -17.70 -8.81
N TRP A 250 6.80 -17.65 -7.54
CA TRP A 250 6.59 -16.45 -6.74
C TRP A 250 7.41 -15.27 -7.26
N ALA A 251 8.71 -15.47 -7.54
CA ALA A 251 9.54 -14.36 -7.99
C ALA A 251 9.09 -13.86 -9.36
N ILE A 252 8.77 -14.76 -10.29
CA ILE A 252 8.32 -14.30 -11.59
C ILE A 252 7.02 -13.53 -11.45
N GLY A 253 6.11 -13.96 -10.56
CA GLY A 253 4.88 -13.21 -10.34
C GLY A 253 5.11 -11.78 -9.88
N LEU A 254 6.00 -11.60 -8.91
CA LEU A 254 6.33 -10.28 -8.40
C LEU A 254 7.00 -9.44 -9.47
N SER A 255 7.89 -10.08 -10.24
CA SER A 255 8.57 -9.43 -11.36
C SER A 255 7.59 -8.91 -12.38
N VAL A 256 6.58 -9.73 -12.73
CA VAL A 256 5.57 -9.32 -13.70
C VAL A 256 4.70 -8.18 -13.17
N ALA A 257 4.30 -8.24 -11.90
CA ALA A 257 3.50 -7.18 -11.32
C ALA A 257 4.24 -5.86 -11.28
N ASP A 258 5.58 -5.89 -11.11
CA ASP A 258 6.41 -4.68 -11.20
C ASP A 258 6.36 -4.07 -12.60
N LEU A 259 6.43 -4.91 -13.64
CA LEU A 259 6.27 -4.39 -14.99
C LEU A 259 4.87 -3.84 -15.22
N ALA A 260 3.86 -4.57 -14.74
CA ALA A 260 2.48 -4.13 -14.91
C ALA A 260 2.26 -2.80 -14.24
N GLU A 261 2.90 -2.57 -13.09
CA GLU A 261 2.80 -1.30 -12.40
C GLU A 261 3.35 -0.13 -13.24
N SER A 262 4.53 -0.30 -13.86
CA SER A 262 5.05 0.75 -14.73
C SER A 262 4.12 1.04 -15.88
N ILE A 263 3.54 0.00 -16.48
CA ILE A 263 2.62 0.17 -17.62
C ILE A 263 1.35 0.88 -17.15
N MET A 264 0.68 0.34 -16.11
CA MET A 264 -0.62 0.84 -15.73
C MET A 264 -0.56 2.26 -15.17
N LYS A 265 0.49 2.60 -14.43
CA LYS A 265 0.66 3.92 -13.83
C LYS A 265 1.50 4.86 -14.67
N ASN A 266 1.88 4.47 -15.89
CA ASN A 266 2.69 5.31 -16.80
C ASN A 266 3.96 5.83 -16.14
N LEU A 267 4.71 4.94 -15.46
CA LEU A 267 5.79 5.43 -14.63
C LEU A 267 7.04 5.85 -15.43
N ARG A 268 7.22 5.32 -16.64
CA ARG A 268 8.47 5.55 -17.40
C ARG A 268 9.71 5.22 -16.56
N ARG A 269 9.65 4.07 -15.87
CA ARG A 269 10.79 3.43 -15.25
C ARG A 269 11.54 2.61 -16.30
N VAL A 270 12.81 2.39 -16.02
CA VAL A 270 13.69 1.58 -16.86
C VAL A 270 13.79 0.15 -16.32
N HIS A 271 13.46 -0.82 -17.16
CA HIS A 271 13.49 -2.24 -16.85
C HIS A 271 14.25 -2.99 -17.95
N PRO A 272 14.95 -4.09 -17.58
CA PRO A 272 15.61 -4.93 -18.60
C PRO A 272 14.62 -5.95 -19.12
N ILE A 273 13.92 -5.64 -20.20
CA ILE A 273 12.87 -6.50 -20.72
C ILE A 273 13.10 -6.70 -22.20
N SER A 274 12.35 -7.64 -22.79
CA SER A 274 12.63 -8.07 -24.14
C SER A 274 11.86 -7.25 -25.17
N THR A 275 12.60 -6.68 -26.13
CA THR A 275 12.03 -5.78 -27.13
C THR A 275 12.67 -6.05 -28.49
N MET A 276 11.97 -5.62 -29.54
CA MET A 276 12.44 -5.86 -30.91
C MET A 276 13.57 -4.87 -31.19
N LEU A 277 14.81 -5.37 -31.12
CA LEU A 277 16.01 -4.53 -31.19
C LEU A 277 16.69 -4.27 -32.53
N LYS A 278 16.20 -4.83 -33.61
CA LYS A 278 16.80 -4.56 -34.91
C LYS A 278 17.10 -3.07 -35.07
N GLY A 279 18.32 -2.76 -35.46
CA GLY A 279 18.76 -1.40 -35.65
C GLY A 279 19.49 -0.81 -34.47
N LEU A 280 19.54 -1.50 -33.35
CA LEU A 280 20.25 -1.04 -32.17
C LEU A 280 21.23 -2.11 -31.74
N TYR A 281 22.21 -1.70 -30.94
CA TYR A 281 23.18 -2.62 -30.34
C TYR A 281 23.87 -3.48 -31.37
N GLY A 282 23.92 -3.03 -32.63
CA GLY A 282 24.64 -3.76 -33.66
C GLY A 282 23.85 -4.87 -34.31
N ILE A 283 22.55 -5.00 -34.02
CA ILE A 283 21.75 -6.14 -34.47
C ILE A 283 21.07 -5.80 -35.78
N LYS A 284 21.01 -6.76 -36.69
CA LYS A 284 20.52 -6.57 -38.05
C LYS A 284 19.23 -7.31 -38.36
N GLU A 285 18.77 -8.21 -37.49
CA GLU A 285 17.59 -9.00 -37.78
C GLU A 285 16.51 -8.74 -36.73
N ASP A 286 15.28 -9.07 -37.13
CA ASP A 286 14.08 -9.01 -36.29
C ASP A 286 14.15 -10.04 -35.16
N VAL A 287 14.79 -9.69 -34.05
CA VAL A 287 14.82 -10.58 -32.90
C VAL A 287 14.52 -9.74 -31.67
N PHE A 288 14.11 -10.42 -30.61
CA PHE A 288 13.83 -9.79 -29.33
C PHE A 288 14.91 -10.18 -28.33
N LEU A 289 15.46 -9.19 -27.63
CA LEU A 289 16.49 -9.39 -26.63
C LEU A 289 16.22 -8.40 -25.52
N SER A 290 16.75 -8.68 -24.33
CA SER A 290 16.57 -7.76 -23.22
C SER A 290 17.62 -6.64 -23.25
N VAL A 291 17.14 -5.40 -23.20
CA VAL A 291 17.93 -4.19 -22.99
C VAL A 291 17.14 -3.29 -22.04
N PRO A 292 17.77 -2.27 -21.45
CA PRO A 292 17.00 -1.40 -20.52
C PRO A 292 16.03 -0.54 -21.33
N CYS A 293 14.73 -0.70 -21.05
CA CYS A 293 13.68 0.00 -21.78
C CYS A 293 12.86 0.87 -20.86
N VAL A 294 12.40 2.01 -21.38
CA VAL A 294 11.52 2.92 -20.67
C VAL A 294 10.10 2.43 -20.88
N LEU A 295 9.42 2.12 -19.79
CA LEU A 295 8.16 1.40 -19.84
C LEU A 295 7.04 2.25 -19.26
N GLY A 296 5.98 2.42 -20.02
CA GLY A 296 4.85 3.23 -19.60
C GLY A 296 3.56 2.81 -20.30
N GLN A 297 2.60 3.73 -20.34
CA GLN A 297 1.26 3.37 -20.77
C GLN A 297 1.17 3.09 -22.26
N ASN A 298 2.17 3.50 -23.03
CA ASN A 298 2.25 3.15 -24.44
C ASN A 298 3.23 2.00 -24.68
N GLY A 299 3.54 1.23 -23.64
CA GLY A 299 4.52 0.19 -23.76
C GLY A 299 5.94 0.71 -23.71
N ILE A 300 6.79 0.15 -24.56
CA ILE A 300 8.20 0.51 -24.62
C ILE A 300 8.31 1.70 -25.55
N SER A 301 8.64 2.86 -25.00
CA SER A 301 8.71 4.07 -25.80
C SER A 301 10.14 4.48 -26.13
N ASP A 302 11.12 3.98 -25.39
CA ASP A 302 12.52 4.37 -25.56
C ASP A 302 13.39 3.23 -25.06
N VAL A 303 14.62 3.18 -25.58
CA VAL A 303 15.62 2.21 -25.16
C VAL A 303 16.87 2.93 -24.72
N VAL A 304 17.43 2.52 -23.60
CA VAL A 304 18.70 3.06 -23.13
C VAL A 304 19.84 2.38 -23.88
N LYS A 305 20.80 3.18 -24.34
CA LYS A 305 21.95 2.65 -25.08
C LYS A 305 23.10 2.42 -24.10
N VAL A 306 23.23 1.17 -23.65
CA VAL A 306 24.28 0.82 -22.71
C VAL A 306 25.60 0.77 -23.47
N THR A 307 26.66 1.32 -22.89
CA THR A 307 27.98 1.23 -23.49
C THR A 307 28.55 -0.13 -23.14
N LEU A 308 28.67 -0.99 -24.13
CA LEU A 308 29.15 -2.35 -23.92
C LEU A 308 30.61 -2.48 -24.34
N THR A 309 31.30 -3.44 -23.76
CA THR A 309 32.59 -3.90 -24.29
C THR A 309 32.38 -4.67 -25.58
N SER A 310 33.47 -4.81 -26.35
CA SER A 310 33.39 -5.57 -27.59
C SER A 310 32.96 -7.01 -27.31
N GLU A 311 33.40 -7.55 -26.18
CA GLU A 311 33.05 -8.91 -25.75
C GLU A 311 31.55 -9.03 -25.48
N GLU A 312 31.00 -8.15 -24.64
CA GLU A 312 29.57 -8.12 -24.39
C GLU A 312 28.79 -7.93 -25.67
N GLU A 313 29.25 -7.01 -26.51
CA GLU A 313 28.58 -6.74 -27.77
C GLU A 313 28.61 -7.97 -28.66
N ALA A 314 29.72 -8.72 -28.62
CA ALA A 314 29.83 -9.91 -29.47
C ALA A 314 28.88 -11.00 -29.00
N HIS A 315 28.75 -11.17 -27.68
CA HIS A 315 27.78 -12.11 -27.11
C HIS A 315 26.35 -11.80 -27.55
N LEU A 316 25.94 -10.54 -27.50
CA LEU A 316 24.59 -10.20 -27.93
C LEU A 316 24.36 -10.60 -29.38
N LYS A 317 25.31 -10.30 -30.26
CA LYS A 317 25.12 -10.59 -31.67
C LYS A 317 25.02 -12.08 -31.95
N LYS A 318 25.68 -12.91 -31.15
CA LYS A 318 25.59 -14.35 -31.34
C LYS A 318 24.21 -14.87 -30.93
N SER A 319 23.69 -14.36 -29.82
CA SER A 319 22.30 -14.64 -29.43
C SER A 319 21.33 -14.26 -30.55
N ALA A 320 21.44 -13.03 -31.06
CA ALA A 320 20.57 -12.63 -32.17
C ALA A 320 20.66 -13.62 -33.33
N ASP A 321 21.88 -14.08 -33.63
CA ASP A 321 22.08 -15.07 -34.69
C ASP A 321 21.43 -16.41 -34.32
N THR A 322 21.66 -16.87 -33.09
CA THR A 322 20.98 -18.08 -32.65
C THR A 322 19.47 -17.93 -32.75
N LEU A 323 18.90 -16.89 -32.15
CA LEU A 323 17.45 -16.73 -32.13
C LEU A 323 16.89 -16.69 -33.54
N TRP A 324 17.55 -15.93 -34.42
CA TRP A 324 17.06 -15.78 -35.78
C TRP A 324 17.07 -17.12 -36.50
N GLY A 325 18.02 -17.98 -36.16
CA GLY A 325 18.07 -19.31 -36.76
C GLY A 325 16.96 -20.23 -36.29
N ILE A 326 16.58 -20.10 -35.02
CA ILE A 326 15.44 -20.89 -34.53
C ILE A 326 14.15 -20.38 -35.16
N GLN A 327 13.99 -19.05 -35.25
CA GLN A 327 12.74 -18.47 -35.77
C GLN A 327 12.49 -18.86 -37.24
N LYS A 328 13.49 -18.69 -38.12
CA LYS A 328 13.26 -18.99 -39.53
C LYS A 328 12.80 -20.44 -39.72
N GLU A 329 13.17 -21.30 -38.79
CA GLU A 329 12.68 -22.67 -38.81
C GLU A 329 11.17 -22.75 -38.54
N LEU A 330 10.64 -21.85 -37.72
CA LEU A 330 9.28 -22.02 -37.20
C LEU A 330 8.24 -21.86 -38.30
N GLN A 331 7.14 -22.58 -38.15
CA GLN A 331 6.00 -22.47 -39.04
C GLN A 331 4.91 -21.67 -38.34
N PHE A 332 4.46 -20.60 -38.99
CA PHE A 332 3.47 -19.68 -38.45
C PHE A 332 2.07 -19.89 -38.99
N ALA B 2 41.18 -5.60 1.22
CA ALA B 2 41.52 -6.32 -0.05
C ALA B 2 40.27 -6.91 -0.70
N ALA B 3 39.38 -7.47 0.11
CA ALA B 3 38.11 -7.94 -0.44
C ALA B 3 37.31 -6.76 -1.00
N LEU B 4 36.47 -7.05 -1.98
CA LEU B 4 35.64 -6.03 -2.60
C LEU B 4 34.74 -5.36 -1.57
N LYS B 5 34.10 -6.19 -0.74
CA LYS B 5 33.19 -5.67 0.27
C LYS B 5 33.87 -4.64 1.15
N ASP B 6 35.11 -4.90 1.56
CA ASP B 6 35.80 -3.99 2.49
C ASP B 6 36.35 -2.76 1.79
N GLN B 7 36.67 -2.85 0.51
CA GLN B 7 36.99 -1.64 -0.24
C GLN B 7 35.77 -0.74 -0.37
N LEU B 8 34.60 -1.34 -0.41
CA LEU B 8 33.36 -0.63 -0.72
C LEU B 8 32.70 -0.06 0.51
N ILE B 9 32.72 -0.81 1.61
CA ILE B 9 31.88 -0.59 2.77
C ILE B 9 32.76 -0.57 4.02
N HIS B 10 32.65 0.49 4.81
CA HIS B 10 33.29 0.56 6.12
C HIS B 10 32.24 0.19 7.16
N ASN B 11 32.47 -0.93 7.85
CA ASN B 11 31.55 -1.39 8.88
C ASN B 11 31.79 -0.60 10.15
N LEU B 12 30.73 -0.08 10.73
CA LEU B 12 30.85 0.78 11.89
C LEU B 12 30.35 0.12 13.14
N LEU B 13 29.61 -0.98 13.03
CA LEU B 13 29.29 -1.71 14.23
C LEU B 13 28.89 -3.14 13.89
N LYS B 14 29.18 -4.01 14.85
CA LYS B 14 28.78 -5.40 14.81
C LYS B 14 27.61 -5.55 15.76
N GLU B 15 26.49 -5.98 15.24
CA GLU B 15 25.28 -6.15 16.03
C GLU B 15 24.70 -7.53 15.74
N GLU B 16 24.11 -8.12 16.77
CA GLU B 16 23.38 -9.36 16.59
C GLU B 16 21.94 -9.00 16.28
N HIS B 17 21.37 -9.69 15.30
CA HIS B 17 20.03 -9.37 14.82
C HIS B 17 19.02 -9.89 15.83
N VAL B 18 18.22 -9.01 16.40
CA VAL B 18 17.05 -9.44 17.17
C VAL B 18 15.82 -8.93 16.41
N PRO B 19 14.95 -9.81 15.93
CA PRO B 19 13.83 -9.34 15.12
C PRO B 19 12.76 -8.74 16.00
N GLN B 20 12.10 -7.72 15.46
CA GLN B 20 11.10 -7.00 16.23
C GLN B 20 9.68 -7.36 15.82
N ASN B 21 9.49 -7.73 14.56
CA ASN B 21 8.19 -8.04 14.02
C ASN B 21 8.27 -9.32 13.18
N LYS B 22 8.74 -10.40 13.79
CA LYS B 22 8.95 -11.65 13.08
C LYS B 22 7.68 -12.50 13.06
N ILE B 23 7.39 -13.08 11.89
CA ILE B 23 6.29 -14.03 11.73
C ILE B 23 6.86 -15.36 11.24
N THR B 24 6.34 -16.46 11.79
CA THR B 24 6.65 -17.81 11.33
C THR B 24 5.39 -18.44 10.74
N VAL B 25 5.56 -19.12 9.60
CA VAL B 25 4.56 -20.00 9.01
C VAL B 25 5.10 -21.44 9.07
N VAL B 26 4.33 -22.33 9.73
CA VAL B 26 4.65 -23.77 9.82
C VAL B 26 3.76 -24.53 8.86
N GLY B 27 4.39 -25.16 7.88
CA GLY B 27 3.72 -25.79 6.76
C GLY B 27 3.82 -24.88 5.54
N VAL B 28 4.59 -25.26 4.54
CA VAL B 28 4.76 -24.48 3.32
C VAL B 28 4.11 -25.19 2.14
N GLY B 29 2.94 -25.74 2.38
CA GLY B 29 2.07 -26.25 1.34
C GLY B 29 1.28 -25.15 0.65
N ALA B 30 0.16 -25.55 0.03
CA ALA B 30 -0.63 -24.56 -0.71
C ALA B 30 -1.09 -23.41 0.18
N VAL B 31 -1.61 -23.74 1.37
CA VAL B 31 -2.14 -22.73 2.28
C VAL B 31 -1.02 -21.90 2.89
N GLY B 32 0.04 -22.56 3.38
CA GLY B 32 1.13 -21.83 4.00
C GLY B 32 1.77 -20.81 3.06
N MET B 33 2.00 -21.19 1.80
CA MET B 33 2.62 -20.27 0.87
C MET B 33 1.66 -19.13 0.48
N ALA B 34 0.34 -19.39 0.43
CA ALA B 34 -0.58 -18.29 0.18
C ALA B 34 -0.57 -17.30 1.35
N CYS B 35 -0.51 -17.81 2.58
CA CYS B 35 -0.34 -16.95 3.74
C CYS B 35 0.95 -16.17 3.66
N ALA B 36 2.03 -16.84 3.25
CA ALA B 36 3.32 -16.18 3.19
C ALA B 36 3.32 -15.05 2.19
N ILE B 37 2.81 -15.29 0.98
CA ILE B 37 2.87 -14.23 -0.03
C ILE B 37 1.98 -13.08 0.37
N SER B 38 0.83 -13.36 0.98
CA SER B 38 -0.09 -12.32 1.42
C SER B 38 0.52 -11.47 2.53
N ILE B 39 1.21 -12.11 3.46
CA ILE B 39 1.88 -11.39 4.52
C ILE B 39 3.02 -10.54 3.96
N LEU B 40 3.78 -11.07 3.01
CA LEU B 40 4.89 -10.31 2.43
C LEU B 40 4.37 -9.11 1.66
N MET B 41 3.27 -9.28 0.93
CA MET B 41 2.79 -8.17 0.14
C MET B 41 2.07 -7.12 0.98
N LYS B 42 1.71 -7.43 2.22
CA LYS B 42 1.16 -6.43 3.11
C LYS B 42 2.21 -5.83 4.06
N ASP B 43 3.50 -6.20 3.93
CA ASP B 43 4.57 -5.60 4.76
C ASP B 43 4.31 -5.79 6.26
N LEU B 44 3.85 -6.96 6.69
CA LEU B 44 3.51 -7.13 8.11
C LEU B 44 4.68 -7.56 8.98
N ALA B 45 5.76 -8.03 8.37
CA ALA B 45 6.86 -8.61 9.10
C ALA B 45 8.19 -8.03 8.62
N ASP B 46 9.15 -7.93 9.54
CA ASP B 46 10.52 -7.61 9.17
C ASP B 46 11.38 -8.86 9.04
N GLU B 47 10.86 -10.01 9.43
CA GLU B 47 11.50 -11.30 9.19
C GLU B 47 10.41 -12.34 9.07
N LEU B 48 10.48 -13.14 8.04
CA LEU B 48 9.57 -14.24 7.82
C LEU B 48 10.37 -15.54 7.94
N ALA B 49 9.93 -16.42 8.83
CA ALA B 49 10.52 -17.76 8.94
C ALA B 49 9.52 -18.81 8.46
N LEU B 50 10.01 -19.73 7.66
CA LEU B 50 9.25 -20.86 7.13
C LEU B 50 9.77 -22.17 7.70
N VAL B 51 8.86 -23.04 8.13
CA VAL B 51 9.24 -24.37 8.58
C VAL B 51 8.37 -25.44 7.92
N ASP B 52 8.99 -26.55 7.54
CA ASP B 52 8.30 -27.71 7.02
C ASP B 52 9.19 -28.91 7.32
N VAL B 53 8.67 -30.12 7.11
CA VAL B 53 9.53 -31.30 7.19
C VAL B 53 10.04 -31.73 5.82
N MET B 54 9.45 -31.22 4.74
CA MET B 54 9.93 -31.59 3.42
C MET B 54 11.07 -30.64 3.07
N GLU B 55 12.32 -31.11 3.21
CA GLU B 55 13.47 -30.21 3.20
C GLU B 55 13.70 -29.59 1.83
N ASP B 56 13.50 -30.33 0.75
CA ASP B 56 13.75 -29.76 -0.57
C ASP B 56 12.69 -28.74 -0.93
N LYS B 57 11.43 -29.08 -0.70
CA LYS B 57 10.34 -28.16 -0.99
C LYS B 57 10.51 -26.88 -0.20
N LEU B 58 10.89 -26.99 1.08
CA LEU B 58 11.09 -25.83 1.93
C LEU B 58 12.16 -24.92 1.38
N LYS B 59 13.31 -25.49 1.00
CA LYS B 59 14.39 -24.68 0.47
C LYS B 59 14.00 -24.07 -0.86
N GLY B 60 13.25 -24.82 -1.68
CA GLY B 60 12.80 -24.28 -2.96
C GLY B 60 11.84 -23.10 -2.80
N GLU B 61 10.91 -23.20 -1.86
CA GLU B 61 9.97 -22.10 -1.62
C GLU B 61 10.68 -20.91 -1.01
N MET B 62 11.60 -21.13 -0.07
CA MET B 62 12.37 -20.02 0.49
C MET B 62 13.14 -19.31 -0.61
N MET B 63 13.87 -20.06 -1.44
CA MET B 63 14.65 -19.44 -2.50
C MET B 63 13.79 -18.64 -3.47
N ASP B 64 12.63 -19.18 -3.85
CA ASP B 64 11.75 -18.50 -4.79
C ASP B 64 11.24 -17.18 -4.21
N LEU B 65 10.84 -17.15 -2.94
CA LEU B 65 10.50 -15.86 -2.32
C LEU B 65 11.72 -14.94 -2.27
N GLN B 66 12.89 -15.47 -1.90
CA GLN B 66 14.07 -14.61 -1.78
C GLN B 66 14.38 -13.95 -3.10
N HIS B 67 14.20 -14.66 -4.21
CA HIS B 67 14.52 -14.04 -5.49
C HIS B 67 13.65 -12.86 -5.84
N GLY B 68 12.53 -12.71 -5.16
CA GLY B 68 11.65 -11.57 -5.32
C GLY B 68 11.92 -10.46 -4.34
N SER B 69 13.05 -10.50 -3.61
CA SER B 69 13.34 -9.52 -2.57
C SER B 69 13.30 -8.09 -3.08
N LEU B 70 13.77 -7.85 -4.30
CA LEU B 70 13.78 -6.51 -4.86
C LEU B 70 12.39 -5.88 -4.81
N PHE B 71 11.36 -6.71 -4.90
CA PHE B 71 9.98 -6.25 -5.06
C PHE B 71 9.23 -6.22 -3.73
N LEU B 72 9.89 -6.56 -2.63
CA LEU B 72 9.31 -6.64 -1.31
C LEU B 72 10.02 -5.67 -0.36
N ARG B 73 9.44 -5.49 0.83
CA ARG B 73 10.02 -4.71 1.92
C ARG B 73 10.09 -5.56 3.19
N THR B 74 10.39 -6.85 3.01
CA THR B 74 10.62 -7.80 4.10
C THR B 74 12.02 -8.30 3.85
N PRO B 75 12.99 -7.82 4.62
CA PRO B 75 14.40 -8.00 4.23
C PRO B 75 14.98 -9.36 4.51
N LYS B 76 14.37 -10.16 5.37
CA LYS B 76 14.94 -11.43 5.80
C LYS B 76 13.88 -12.51 5.71
N ILE B 77 14.12 -13.49 4.85
CA ILE B 77 13.30 -14.68 4.74
C ILE B 77 14.22 -15.84 5.07
N VAL B 78 13.82 -16.63 6.06
CA VAL B 78 14.66 -17.72 6.55
C VAL B 78 13.82 -18.98 6.57
N SER B 79 14.49 -20.13 6.63
CA SER B 79 13.74 -21.37 6.66
C SER B 79 14.61 -22.48 7.20
N GLY B 80 13.96 -23.51 7.71
CA GLY B 80 14.68 -24.66 8.21
C GLY B 80 13.74 -25.66 8.87
N LYS B 81 14.24 -26.87 9.06
CA LYS B 81 13.49 -27.88 9.79
C LYS B 81 13.66 -27.70 11.30
N ASP B 82 14.75 -27.06 11.71
CA ASP B 82 15.05 -26.78 13.10
C ASP B 82 14.32 -25.52 13.56
N TYR B 83 13.61 -25.60 14.68
CA TYR B 83 12.82 -24.45 15.10
C TYR B 83 13.65 -23.32 15.66
N SER B 84 14.97 -23.47 15.76
CA SER B 84 15.77 -22.33 16.14
C SER B 84 15.58 -21.16 15.17
N VAL B 85 15.23 -21.42 13.90
CA VAL B 85 15.01 -20.34 12.95
C VAL B 85 13.76 -19.52 13.27
N THR B 86 12.87 -20.01 14.14
CA THR B 86 11.63 -19.33 14.50
C THR B 86 11.74 -18.50 15.76
N ALA B 87 12.91 -18.47 16.38
CA ALA B 87 13.04 -17.88 17.71
C ALA B 87 12.56 -16.43 17.71
N ASN B 88 11.82 -16.07 18.75
CA ASN B 88 11.34 -14.72 19.02
C ASN B 88 10.30 -14.24 17.99
N SER B 89 9.46 -15.16 17.50
CA SER B 89 8.36 -14.75 16.64
C SER B 89 7.28 -14.07 17.48
N LYS B 90 6.68 -13.00 16.93
CA LYS B 90 5.49 -12.40 17.55
C LYS B 90 4.25 -13.24 17.26
N LEU B 91 4.22 -13.87 16.10
CA LEU B 91 3.04 -14.56 15.63
C LEU B 91 3.51 -15.81 14.90
N VAL B 92 2.93 -16.96 15.23
CA VAL B 92 3.25 -18.24 14.60
C VAL B 92 1.96 -18.78 14.02
N ILE B 93 1.96 -18.99 12.72
CA ILE B 93 0.79 -19.43 11.96
C ILE B 93 1.01 -20.92 11.60
N ILE B 94 0.07 -21.78 11.99
CA ILE B 94 0.21 -23.23 11.76
C ILE B 94 -0.70 -23.63 10.63
N THR B 95 -0.11 -24.02 9.51
CA THR B 95 -0.86 -24.44 8.34
C THR B 95 -0.48 -25.87 7.92
N ALA B 96 0.18 -26.61 8.80
CA ALA B 96 0.63 -27.96 8.51
C ALA B 96 -0.47 -29.01 8.65
N GLY B 97 -0.37 -30.09 7.89
CA GLY B 97 -1.26 -31.21 8.14
C GLY B 97 -2.04 -31.63 6.92
N ALA B 98 -2.81 -32.70 7.11
CA ALA B 98 -3.57 -33.29 6.03
C ALA B 98 -4.79 -32.44 5.70
N ARG B 99 -5.13 -32.39 4.42
CA ARG B 99 -6.26 -31.59 3.95
C ARG B 99 -7.39 -32.50 3.51
N GLN B 100 -8.48 -31.87 3.13
CA GLN B 100 -9.66 -32.60 2.68
C GLN B 100 -9.47 -33.10 1.26
N GLN B 101 -9.62 -34.41 1.11
CA GLN B 101 -9.90 -34.98 -0.20
C GLN B 101 -11.36 -34.77 -0.57
N GLU B 102 -11.59 -34.59 -1.86
CA GLU B 102 -12.91 -34.35 -2.42
C GLU B 102 -14.01 -35.09 -1.65
N GLY B 103 -14.99 -34.34 -1.15
CA GLY B 103 -16.12 -34.89 -0.45
C GLY B 103 -15.94 -35.09 1.04
N GLU B 104 -14.69 -35.17 1.54
CA GLU B 104 -14.46 -35.61 2.91
C GLU B 104 -14.57 -34.45 3.89
N SER B 105 -15.16 -34.75 5.05
CA SER B 105 -15.30 -33.76 6.10
C SER B 105 -13.94 -33.42 6.70
N ARG B 106 -13.76 -32.14 7.07
CA ARG B 106 -12.58 -31.73 7.83
C ARG B 106 -12.41 -32.51 9.12
N LEU B 107 -13.45 -33.23 9.58
CA LEU B 107 -13.41 -33.94 10.86
C LEU B 107 -12.61 -35.26 10.80
N ASN B 108 -12.58 -35.97 9.67
CA ASN B 108 -11.77 -37.20 9.58
C ASN B 108 -10.26 -36.93 9.59
N LEU B 109 -9.85 -35.67 9.51
CA LEU B 109 -8.44 -35.35 9.56
C LEU B 109 -7.91 -35.35 10.99
N VAL B 110 -8.76 -35.53 11.99
CA VAL B 110 -8.46 -34.98 13.32
C VAL B 110 -7.24 -35.67 13.92
N GLN B 111 -7.26 -37.00 14.01
CA GLN B 111 -6.20 -37.65 14.78
C GLN B 111 -4.86 -37.52 14.08
N ARG B 112 -4.83 -37.60 12.74
CA ARG B 112 -3.57 -37.42 12.02
C ARG B 112 -2.99 -36.03 12.29
N ASN B 113 -3.81 -34.99 12.27
CA ASN B 113 -3.26 -33.66 12.49
C ASN B 113 -2.94 -33.42 13.96
N VAL B 114 -3.64 -34.09 14.87
CA VAL B 114 -3.28 -34.03 16.28
C VAL B 114 -1.87 -34.54 16.49
N ASN B 115 -1.51 -35.63 15.83
CA ASN B 115 -0.19 -36.23 16.02
C ASN B 115 0.92 -35.30 15.57
N ILE B 116 0.68 -34.61 14.46
CA ILE B 116 1.58 -33.56 13.94
C ILE B 116 1.74 -32.45 14.98
N PHE B 117 0.64 -31.98 15.57
CA PHE B 117 0.72 -30.88 16.54
C PHE B 117 1.54 -31.27 17.76
N LYS B 118 1.54 -32.56 18.11
CA LYS B 118 2.35 -33.06 19.22
C LYS B 118 3.83 -32.76 19.04
N PHE B 119 4.32 -32.70 17.80
CA PHE B 119 5.70 -32.29 17.54
C PHE B 119 5.83 -30.77 17.33
N ILE B 120 4.93 -30.17 16.55
CA ILE B 120 5.06 -28.75 16.21
C ILE B 120 4.97 -27.88 17.44
N ILE B 121 3.89 -28.01 18.20
CA ILE B 121 3.57 -27.01 19.24
C ILE B 121 4.64 -26.93 20.32
N PRO B 122 5.13 -28.04 20.88
CA PRO B 122 6.23 -27.89 21.86
C PRO B 122 7.47 -27.23 21.29
N ASN B 123 7.78 -27.44 20.01
CA ASN B 123 8.93 -26.75 19.41
C ASN B 123 8.67 -25.26 19.24
N VAL B 124 7.45 -24.88 18.84
CA VAL B 124 7.08 -23.48 18.71
C VAL B 124 7.26 -22.77 20.04
N VAL B 125 6.66 -23.32 21.09
CA VAL B 125 6.62 -22.57 22.35
C VAL B 125 8.00 -22.53 22.98
N LYS B 126 8.86 -23.49 22.68
CA LYS B 126 10.21 -23.45 23.22
C LYS B 126 10.99 -22.27 22.69
N TYR B 127 10.84 -21.96 21.41
CA TYR B 127 11.63 -20.87 20.82
C TYR B 127 10.90 -19.53 20.82
N SER B 128 9.59 -19.51 20.96
CA SER B 128 8.82 -18.26 21.02
C SER B 128 7.81 -18.36 22.15
N PRO B 129 8.26 -18.30 23.40
CA PRO B 129 7.33 -18.50 24.52
C PRO B 129 6.27 -17.39 24.67
N HIS B 130 6.42 -16.24 24.04
CA HIS B 130 5.49 -15.13 24.15
C HIS B 130 4.65 -14.90 22.90
N CYS B 131 4.70 -15.79 21.92
CA CYS B 131 3.99 -15.54 20.68
C CYS B 131 2.49 -15.71 20.84
N LYS B 132 1.77 -15.22 19.84
CA LYS B 132 0.41 -15.61 19.54
C LYS B 132 0.46 -16.75 18.54
N LEU B 133 -0.41 -17.74 18.73
CA LEU B 133 -0.55 -18.87 17.84
C LEU B 133 -1.82 -18.72 17.04
N LEU B 134 -1.72 -18.80 15.72
CA LEU B 134 -2.86 -18.73 14.83
C LEU B 134 -2.96 -20.05 14.08
N VAL B 135 -3.99 -20.82 14.41
CA VAL B 135 -4.18 -22.16 13.85
C VAL B 135 -5.12 -22.08 12.66
N VAL B 136 -4.63 -22.58 11.53
CA VAL B 136 -5.41 -22.67 10.30
C VAL B 136 -5.72 -24.13 9.91
N SER B 137 -4.85 -25.08 10.26
CA SER B 137 -5.05 -26.50 9.92
C SER B 137 -6.41 -27.03 10.38
N ASN B 138 -7.02 -27.86 9.55
CA ASN B 138 -8.33 -28.41 9.85
C ASN B 138 -8.32 -29.75 10.56
N PRO B 139 -9.40 -30.06 11.31
CA PRO B 139 -10.58 -29.20 11.58
C PRO B 139 -10.23 -28.11 12.56
N VAL B 140 -10.36 -26.83 12.16
CA VAL B 140 -9.62 -25.78 12.84
C VAL B 140 -10.07 -25.62 14.28
N ASP B 141 -11.36 -25.82 14.56
CA ASP B 141 -11.83 -25.59 15.93
C ASP B 141 -11.24 -26.62 16.91
N ILE B 142 -11.15 -27.89 16.51
CA ILE B 142 -10.56 -28.90 17.37
C ILE B 142 -9.06 -28.70 17.49
N LEU B 143 -8.39 -28.39 16.37
CA LEU B 143 -6.95 -28.22 16.44
C LEU B 143 -6.56 -26.97 17.19
N THR B 144 -7.43 -25.93 17.25
CA THR B 144 -7.06 -24.80 18.11
C THR B 144 -7.11 -25.23 19.58
N TYR B 145 -8.11 -26.02 19.95
CA TYR B 145 -8.17 -26.60 21.29
C TYR B 145 -6.92 -27.42 21.60
N VAL B 146 -6.52 -28.28 20.68
CA VAL B 146 -5.31 -29.09 20.88
C VAL B 146 -4.09 -28.20 21.08
N ALA B 147 -3.91 -27.21 20.20
CA ALA B 147 -2.78 -26.31 20.36
C ALA B 147 -2.79 -25.63 21.73
N TRP B 148 -3.97 -25.23 22.19
CA TRP B 148 -4.09 -24.60 23.51
C TRP B 148 -3.68 -25.56 24.62
N LYS B 149 -4.20 -26.79 24.58
CA LYS B 149 -3.86 -27.76 25.62
C LYS B 149 -2.38 -28.11 25.59
N ILE B 150 -1.84 -28.39 24.40
CA ILE B 150 -0.43 -28.76 24.33
C ILE B 150 0.47 -27.61 24.73
N SER B 151 0.13 -26.37 24.31
CA SER B 151 1.05 -25.24 24.52
C SER B 151 1.08 -24.79 25.96
N GLY B 152 -0.02 -24.92 26.68
CA GLY B 152 -0.14 -24.26 27.95
C GLY B 152 -0.27 -22.76 27.88
N PHE B 153 -0.48 -22.20 26.69
CA PHE B 153 -0.66 -20.76 26.59
C PHE B 153 -2.01 -20.35 27.20
N PRO B 154 -2.09 -19.12 27.69
CA PRO B 154 -3.41 -18.58 28.05
C PRO B 154 -4.27 -18.50 26.80
N LYS B 155 -5.59 -18.59 26.99
CA LYS B 155 -6.47 -18.69 25.85
C LYS B 155 -6.45 -17.44 24.95
N ASN B 156 -6.05 -16.28 25.46
CA ASN B 156 -6.05 -15.09 24.61
C ASN B 156 -5.04 -15.21 23.49
N ARG B 157 -4.01 -16.04 23.65
CA ARG B 157 -2.92 -16.13 22.69
C ARG B 157 -3.01 -17.34 21.77
N VAL B 158 -4.14 -18.05 21.74
CA VAL B 158 -4.33 -19.18 20.85
C VAL B 158 -5.61 -18.93 20.08
N ILE B 159 -5.48 -18.67 18.78
CA ILE B 159 -6.54 -18.20 17.92
C ILE B 159 -6.67 -19.18 16.77
N GLY B 160 -7.90 -19.51 16.42
CA GLY B 160 -8.19 -20.26 15.22
C GLY B 160 -8.75 -19.36 14.13
N SER B 161 -8.34 -19.61 12.89
CA SER B 161 -8.81 -18.79 11.78
C SER B 161 -10.33 -18.82 11.70
N GLY B 162 -10.92 -19.92 12.17
CA GLY B 162 -12.36 -20.02 12.39
C GLY B 162 -13.22 -19.59 11.22
N CYS B 163 -14.20 -18.74 11.49
CA CYS B 163 -15.17 -18.39 10.47
C CYS B 163 -14.83 -17.08 9.77
N ASN B 164 -13.58 -16.60 9.89
CA ASN B 164 -13.24 -15.35 9.22
C ASN B 164 -13.48 -15.46 7.71
N LEU B 165 -13.07 -16.57 7.13
CA LEU B 165 -13.23 -16.79 5.70
C LEU B 165 -14.67 -17.09 5.32
N ASP B 166 -15.37 -17.91 6.13
CA ASP B 166 -16.78 -18.18 5.87
C ASP B 166 -17.57 -16.87 5.80
N SER B 167 -17.31 -15.96 6.74
CA SER B 167 -18.00 -14.66 6.74
C SER B 167 -17.60 -13.83 5.53
N ALA B 168 -16.32 -13.88 5.13
CA ALA B 168 -15.90 -13.17 3.94
C ALA B 168 -16.59 -13.73 2.70
N ARG B 169 -16.71 -15.07 2.61
CA ARG B 169 -17.42 -15.66 1.48
C ARG B 169 -18.87 -15.22 1.47
N PHE B 170 -19.48 -15.21 2.63
CA PHE B 170 -20.88 -14.79 2.75
C PHE B 170 -21.07 -13.34 2.30
N ARG B 171 -20.18 -12.45 2.74
CA ARG B 171 -20.28 -11.04 2.35
C ARG B 171 -20.09 -10.88 0.85
N TYR B 172 -19.19 -11.66 0.26
CA TYR B 172 -19.04 -11.64 -1.20
C TYR B 172 -20.33 -12.05 -1.90
N LEU B 173 -20.95 -13.12 -1.42
CA LEU B 173 -22.14 -13.61 -2.12
C LEU B 173 -23.31 -12.63 -1.94
N MET B 174 -23.48 -12.09 -0.74
CA MET B 174 -24.45 -11.02 -0.50
C MET B 174 -24.20 -9.82 -1.42
N GLY B 175 -22.95 -9.40 -1.56
CA GLY B 175 -22.68 -8.26 -2.41
C GLY B 175 -23.01 -8.50 -3.87
N GLU B 176 -22.72 -9.71 -4.35
CA GLU B 176 -23.08 -10.10 -5.70
C GLU B 176 -24.58 -9.96 -5.91
N ARG B 177 -25.37 -10.36 -4.92
CA ARG B 177 -26.84 -10.31 -5.07
C ARG B 177 -27.38 -8.89 -4.97
N LEU B 178 -26.75 -8.04 -4.16
CA LEU B 178 -27.25 -6.70 -3.91
C LEU B 178 -26.58 -5.65 -4.78
N GLY B 179 -25.49 -6.00 -5.48
CA GLY B 179 -24.81 -5.07 -6.35
C GLY B 179 -23.93 -4.08 -5.61
N VAL B 180 -23.32 -4.48 -4.49
CA VAL B 180 -22.47 -3.62 -3.67
C VAL B 180 -21.20 -4.40 -3.33
N HIS B 181 -20.13 -3.67 -2.99
CA HIS B 181 -18.88 -4.34 -2.61
C HIS B 181 -19.08 -5.09 -1.29
N ALA B 182 -18.36 -6.22 -1.15
CA ALA B 182 -18.42 -7.01 0.06
C ALA B 182 -18.10 -6.18 1.29
N LEU B 183 -17.23 -5.18 1.15
CA LEU B 183 -16.89 -4.25 2.24
C LEU B 183 -18.13 -3.61 2.85
N SER B 184 -19.12 -3.32 2.03
CA SER B 184 -20.32 -2.63 2.47
C SER B 184 -21.47 -3.57 2.84
N CYS B 185 -21.27 -4.88 2.68
CA CYS B 185 -22.23 -5.89 3.13
C CYS B 185 -21.75 -6.46 4.44
N HIS B 186 -22.62 -6.45 5.44
CA HIS B 186 -22.22 -6.97 6.74
C HIS B 186 -23.10 -8.15 7.10
N GLY B 187 -22.47 -9.19 7.65
CA GLY B 187 -23.10 -10.45 7.95
C GLY B 187 -22.12 -11.36 8.66
N TRP B 188 -22.58 -12.13 9.64
CA TRP B 188 -21.71 -12.89 10.52
C TRP B 188 -22.08 -14.37 10.45
N ILE B 189 -21.11 -15.21 10.13
CA ILE B 189 -21.25 -16.66 10.23
C ILE B 189 -20.47 -17.06 11.47
N LEU B 190 -21.15 -17.70 12.44
CA LEU B 190 -20.50 -18.07 13.69
C LEU B 190 -20.52 -19.59 13.88
N GLY B 191 -19.86 -20.04 14.94
CA GLY B 191 -19.89 -21.45 15.29
C GLY B 191 -18.78 -22.28 14.68
N GLU B 192 -19.12 -23.47 14.21
CA GLU B 192 -18.15 -24.37 13.62
C GLU B 192 -17.74 -23.93 12.22
N HIS B 193 -16.43 -23.82 11.99
CA HIS B 193 -16.00 -23.68 10.61
C HIS B 193 -16.39 -24.96 9.88
N GLY B 194 -17.33 -24.89 8.95
CA GLY B 194 -17.76 -26.09 8.29
C GLY B 194 -19.26 -26.23 8.20
N ASP B 195 -19.71 -27.49 8.13
CA ASP B 195 -21.07 -27.83 7.77
C ASP B 195 -22.07 -27.31 8.79
N SER B 196 -21.68 -27.15 10.05
CA SER B 196 -22.65 -26.77 11.06
C SER B 196 -22.54 -25.29 11.48
N SER B 197 -21.94 -24.45 10.64
CA SER B 197 -21.83 -23.04 10.97
C SER B 197 -23.20 -22.37 11.02
N VAL B 198 -23.27 -21.26 11.76
CA VAL B 198 -24.54 -20.59 12.08
C VAL B 198 -24.59 -19.19 11.45
N PRO B 199 -25.40 -18.94 10.43
CA PRO B 199 -25.59 -17.57 9.94
C PRO B 199 -26.52 -16.78 10.85
N VAL B 200 -26.09 -15.57 11.25
CA VAL B 200 -26.90 -14.72 12.14
C VAL B 200 -27.67 -13.76 11.23
N TRP B 201 -28.85 -14.23 10.81
CA TRP B 201 -29.68 -13.48 9.89
C TRP B 201 -30.05 -12.10 10.43
N SER B 202 -30.25 -11.99 11.76
CA SER B 202 -30.69 -10.74 12.38
C SER B 202 -29.66 -9.62 12.20
N GLY B 203 -28.38 -9.96 12.08
CA GLY B 203 -27.34 -8.96 11.96
C GLY B 203 -26.96 -8.56 10.57
N MET B 204 -27.48 -9.22 9.55
CA MET B 204 -27.09 -8.92 8.19
C MET B 204 -27.62 -7.55 7.75
N ASN B 205 -26.75 -6.71 7.19
CA ASN B 205 -27.20 -5.36 6.91
C ASN B 205 -26.30 -4.69 5.88
N VAL B 206 -26.85 -3.64 5.26
CA VAL B 206 -26.12 -2.67 4.47
C VAL B 206 -26.41 -1.29 5.04
N ALA B 207 -25.37 -0.53 5.36
CA ALA B 207 -25.51 0.82 5.89
C ALA B 207 -26.39 0.84 7.13
N GLY B 208 -26.32 -0.23 7.92
CA GLY B 208 -27.12 -0.33 9.12
C GLY B 208 -28.59 -0.67 8.90
N VAL B 209 -29.00 -0.97 7.67
CA VAL B 209 -30.38 -1.36 7.37
C VAL B 209 -30.47 -2.88 7.47
N SER B 210 -31.24 -3.37 8.45
CA SER B 210 -31.42 -4.81 8.64
C SER B 210 -32.16 -5.42 7.47
N LEU B 211 -31.50 -6.36 6.78
CA LEU B 211 -32.17 -7.05 5.68
C LEU B 211 -33.39 -7.85 6.17
N LYS B 212 -33.28 -8.47 7.34
CA LYS B 212 -34.39 -9.25 7.92
C LYS B 212 -35.59 -8.34 8.23
N THR B 213 -35.33 -7.13 8.73
CA THR B 213 -36.42 -6.18 8.97
C THR B 213 -37.11 -5.81 7.65
N LEU B 214 -36.35 -5.72 6.59
CA LEU B 214 -36.91 -5.39 5.27
C LEU B 214 -37.51 -6.60 4.56
N HIS B 215 -37.06 -7.81 4.89
CA HIS B 215 -37.40 -9.02 4.13
C HIS B 215 -37.62 -10.12 5.15
N PRO B 216 -38.82 -10.19 5.76
CA PRO B 216 -39.03 -11.02 6.96
C PRO B 216 -38.79 -12.52 6.78
N GLU B 217 -38.95 -13.06 5.60
CA GLU B 217 -38.66 -14.47 5.46
C GLU B 217 -37.17 -14.77 5.26
N LEU B 218 -36.30 -13.78 5.46
CA LEU B 218 -34.87 -14.01 5.29
C LEU B 218 -34.40 -15.12 6.20
N GLY B 219 -33.79 -16.15 5.63
CA GLY B 219 -33.28 -17.23 6.45
C GLY B 219 -34.26 -18.38 6.68
N THR B 220 -35.45 -18.32 6.11
CA THR B 220 -36.44 -19.39 6.28
C THR B 220 -36.55 -20.19 4.99
N ASP B 221 -37.11 -21.41 5.11
CA ASP B 221 -37.37 -22.22 3.92
C ASP B 221 -38.47 -21.62 3.05
N ALA B 222 -39.37 -20.84 3.63
CA ALA B 222 -40.50 -20.21 2.94
C ALA B 222 -40.13 -18.97 2.14
N ASP B 223 -38.85 -18.64 2.03
CA ASP B 223 -38.39 -17.43 1.36
C ASP B 223 -38.39 -17.66 -0.14
N LYS B 224 -39.12 -16.81 -0.87
CA LYS B 224 -39.13 -16.92 -2.33
C LYS B 224 -37.78 -16.60 -2.95
N GLU B 225 -36.93 -15.83 -2.27
CA GLU B 225 -35.60 -15.58 -2.80
C GLU B 225 -34.57 -16.60 -2.33
N GLN B 226 -34.94 -17.45 -1.38
CA GLN B 226 -34.07 -18.53 -0.93
C GLN B 226 -32.69 -18.03 -0.46
N TRP B 227 -32.71 -17.05 0.44
CA TRP B 227 -31.44 -16.55 0.99
C TRP B 227 -30.74 -17.62 1.80
N LYS B 228 -31.48 -18.58 2.34
CA LYS B 228 -30.88 -19.71 3.05
C LYS B 228 -29.87 -20.46 2.18
N GLN B 229 -30.13 -20.50 0.86
CA GLN B 229 -29.21 -21.15 -0.06
C GLN B 229 -27.86 -20.42 -0.12
N VAL B 230 -27.82 -19.13 0.23
CA VAL B 230 -26.54 -18.42 0.26
C VAL B 230 -25.63 -19.01 1.35
N HIS B 231 -26.21 -19.31 2.52
CA HIS B 231 -25.43 -19.96 3.56
C HIS B 231 -25.01 -21.38 3.15
N LYS B 232 -25.85 -22.06 2.36
CA LYS B 232 -25.47 -23.37 1.87
C LYS B 232 -24.32 -23.26 0.86
N GLN B 233 -24.34 -22.19 0.03
CA GLN B 233 -23.20 -21.93 -0.84
C GLN B 233 -21.93 -21.70 -0.05
N VAL B 234 -22.04 -21.00 1.08
CA VAL B 234 -20.87 -20.82 1.93
C VAL B 234 -20.36 -22.15 2.46
N VAL B 235 -21.27 -22.97 2.99
CA VAL B 235 -20.90 -24.26 3.55
C VAL B 235 -20.23 -25.14 2.49
N ASP B 236 -20.74 -25.08 1.26
CA ASP B 236 -20.32 -25.92 0.14
C ASP B 236 -19.08 -25.38 -0.59
N SER B 237 -18.67 -24.13 -0.33
CA SER B 237 -17.70 -23.45 -1.20
C SER B 237 -16.34 -24.16 -1.20
N ALA B 238 -15.84 -24.55 -0.03
CA ALA B 238 -14.58 -25.26 -0.01
C ALA B 238 -14.68 -26.55 -0.80
N TYR B 239 -15.81 -27.24 -0.67
CA TYR B 239 -16.01 -28.49 -1.40
C TYR B 239 -16.03 -28.24 -2.91
N GLU B 240 -16.72 -27.19 -3.37
CA GLU B 240 -16.81 -26.91 -4.80
C GLU B 240 -15.45 -26.52 -5.39
N VAL B 241 -14.68 -25.69 -4.67
CA VAL B 241 -13.38 -25.30 -5.17
C VAL B 241 -12.44 -26.50 -5.24
N ILE B 242 -12.46 -27.37 -4.23
CA ILE B 242 -11.62 -28.56 -4.22
C ILE B 242 -11.93 -29.44 -5.41
N LYS B 243 -13.21 -29.59 -5.73
CA LYS B 243 -13.60 -30.44 -6.84
C LYS B 243 -13.09 -29.87 -8.17
N LEU B 244 -12.99 -28.56 -8.27
CA LEU B 244 -12.57 -27.92 -9.52
C LEU B 244 -11.06 -27.83 -9.66
N LYS B 245 -10.35 -27.40 -8.61
CA LYS B 245 -8.91 -27.23 -8.71
C LYS B 245 -8.11 -28.10 -7.75
N GLY B 246 -8.77 -28.86 -6.86
CA GLY B 246 -8.08 -29.82 -6.03
C GLY B 246 -7.83 -29.39 -4.60
N TYR B 247 -7.88 -28.08 -4.33
CA TYR B 247 -7.60 -27.58 -2.99
C TYR B 247 -8.01 -26.11 -3.02
N THR B 248 -8.04 -25.45 -1.86
CA THR B 248 -8.23 -24.01 -1.80
C THR B 248 -7.03 -23.35 -1.14
N SER B 249 -6.71 -22.13 -1.58
CA SER B 249 -5.55 -21.48 -0.99
C SER B 249 -5.66 -19.96 -0.92
N TRP B 250 -6.06 -19.31 -2.01
CA TRP B 250 -5.90 -17.86 -2.08
C TRP B 250 -6.77 -17.15 -1.04
N ALA B 251 -8.03 -17.54 -0.93
CA ALA B 251 -8.93 -16.83 -0.03
C ALA B 251 -8.48 -17.00 1.42
N ILE B 252 -8.07 -18.21 1.81
CA ILE B 252 -7.62 -18.42 3.18
C ILE B 252 -6.35 -17.63 3.45
N GLY B 253 -5.43 -17.53 2.47
CA GLY B 253 -4.23 -16.73 2.67
C GLY B 253 -4.54 -15.27 2.95
N LEU B 254 -5.45 -14.69 2.16
CA LEU B 254 -5.87 -13.31 2.38
C LEU B 254 -6.58 -13.13 3.73
N SER B 255 -7.43 -14.08 4.12
CA SER B 255 -8.10 -14.04 5.43
C SER B 255 -7.10 -14.07 6.58
N VAL B 256 -6.10 -14.96 6.50
CA VAL B 256 -5.08 -15.08 7.53
C VAL B 256 -4.24 -13.80 7.63
N ALA B 257 -3.90 -13.22 6.48
CA ALA B 257 -3.11 -11.99 6.50
C ALA B 257 -3.91 -10.84 7.12
N ASP B 258 -5.24 -10.83 6.93
CA ASP B 258 -6.16 -9.87 7.57
C ASP B 258 -6.11 -10.01 9.09
N LEU B 259 -6.14 -11.26 9.59
CA LEU B 259 -5.98 -11.50 11.02
C LEU B 259 -4.60 -11.09 11.51
N ALA B 260 -3.56 -11.46 10.76
CA ALA B 260 -2.20 -11.09 11.12
C ALA B 260 -2.04 -9.57 11.17
N GLU B 261 -2.72 -8.85 10.27
CA GLU B 261 -2.62 -7.40 10.31
C GLU B 261 -3.19 -6.82 11.61
N SER B 262 -4.37 -7.29 12.04
CA SER B 262 -4.95 -6.80 13.30
C SER B 262 -4.04 -7.09 14.49
N ILE B 263 -3.40 -8.27 14.52
CA ILE B 263 -2.49 -8.62 15.62
C ILE B 263 -1.24 -7.75 15.59
N MET B 264 -0.55 -7.71 14.44
CA MET B 264 0.73 -7.04 14.37
C MET B 264 0.59 -5.54 14.56
N LYS B 265 -0.53 -4.94 14.17
CA LYS B 265 -0.74 -3.48 14.27
C LYS B 265 -1.60 -3.10 15.45
N ASN B 266 -2.00 -4.08 16.28
CA ASN B 266 -2.78 -3.84 17.48
C ASN B 266 -4.07 -3.07 17.17
N LEU B 267 -4.78 -3.50 16.13
CA LEU B 267 -5.90 -2.73 15.62
C LEU B 267 -7.16 -2.84 16.48
N ARG B 268 -7.35 -3.93 17.22
CA ARG B 268 -8.59 -4.16 17.98
C ARG B 268 -9.81 -4.09 17.09
N ARG B 269 -9.69 -4.71 15.92
CA ARG B 269 -10.81 -4.99 15.05
C ARG B 269 -11.53 -6.25 15.54
N VAL B 270 -12.81 -6.35 15.20
CA VAL B 270 -13.67 -7.47 15.56
C VAL B 270 -13.73 -8.42 14.37
N HIS B 271 -13.39 -9.67 14.59
CA HIS B 271 -13.34 -10.72 13.58
C HIS B 271 -14.05 -11.94 14.13
N PRO B 272 -14.72 -12.71 13.27
CA PRO B 272 -15.30 -13.98 13.71
C PRO B 272 -14.28 -15.10 13.68
N ILE B 273 -13.59 -15.32 14.79
CA ILE B 273 -12.51 -16.30 14.89
C ILE B 273 -12.81 -17.21 16.07
N SER B 274 -12.08 -18.33 16.12
CA SER B 274 -12.38 -19.38 17.09
C SER B 274 -11.59 -19.17 18.35
N THR B 275 -12.31 -19.20 19.48
CA THR B 275 -11.77 -18.88 20.79
C THR B 275 -12.41 -19.82 21.81
N MET B 276 -11.79 -19.93 22.98
CA MET B 276 -12.30 -20.83 24.00
C MET B 276 -13.52 -20.19 24.64
N LEU B 277 -14.68 -20.75 24.35
CA LEU B 277 -15.96 -20.11 24.57
C LEU B 277 -16.68 -20.53 25.85
N LYS B 278 -16.12 -21.44 26.64
CA LYS B 278 -16.85 -21.96 27.78
C LYS B 278 -17.27 -20.81 28.69
N GLY B 279 -18.48 -20.87 29.20
CA GLY B 279 -18.99 -19.82 30.07
C GLY B 279 -19.69 -18.69 29.36
N LEU B 280 -19.68 -18.69 28.03
CA LEU B 280 -20.35 -17.69 27.23
C LEU B 280 -21.33 -18.42 26.33
N TYR B 281 -22.30 -17.68 25.82
CA TYR B 281 -23.24 -18.21 24.81
C TYR B 281 -23.91 -19.51 25.25
N GLY B 282 -23.91 -19.87 26.53
CA GLY B 282 -24.57 -21.09 26.97
C GLY B 282 -23.74 -22.36 26.90
N ILE B 283 -22.44 -22.26 26.64
CA ILE B 283 -21.60 -23.45 26.45
C ILE B 283 -21.00 -23.82 27.80
N LYS B 284 -20.95 -25.13 28.08
CA LYS B 284 -20.45 -25.62 29.37
C LYS B 284 -19.09 -26.29 29.29
N GLU B 285 -18.68 -26.78 28.13
CA GLU B 285 -17.44 -27.55 27.99
C GLU B 285 -16.33 -26.71 27.34
N ASP B 286 -15.10 -27.22 27.42
CA ASP B 286 -13.91 -26.54 26.87
C ASP B 286 -13.90 -26.76 25.36
N VAL B 287 -14.60 -25.91 24.61
CA VAL B 287 -14.58 -26.03 23.16
C VAL B 287 -14.22 -24.66 22.58
N PHE B 288 -13.74 -24.70 21.35
CA PHE B 288 -13.45 -23.51 20.57
C PHE B 288 -14.47 -23.43 19.45
N LEU B 289 -15.12 -22.28 19.31
CA LEU B 289 -15.97 -22.02 18.16
C LEU B 289 -15.87 -20.52 17.86
N SER B 290 -16.40 -20.12 16.71
CA SER B 290 -16.21 -18.74 16.26
C SER B 290 -17.29 -17.82 16.81
N VAL B 291 -16.86 -16.73 17.44
CA VAL B 291 -17.72 -15.62 17.84
C VAL B 291 -16.97 -14.33 17.51
N PRO B 292 -17.65 -13.19 17.47
CA PRO B 292 -16.91 -11.94 17.14
C PRO B 292 -15.92 -11.58 18.23
N CYS B 293 -14.63 -11.57 17.91
CA CYS B 293 -13.59 -11.31 18.88
C CYS B 293 -12.80 -10.04 18.56
N VAL B 294 -12.39 -9.35 19.61
CA VAL B 294 -11.57 -8.16 19.48
C VAL B 294 -10.13 -8.60 19.47
N LEU B 295 -9.42 -8.28 18.39
CA LEU B 295 -8.12 -8.87 18.09
C LEU B 295 -7.04 -7.80 18.03
N GLY B 296 -5.95 -7.99 18.79
CA GLY B 296 -4.88 -7.01 18.88
C GLY B 296 -3.58 -7.66 19.27
N GLN B 297 -2.68 -6.85 19.82
CA GLN B 297 -1.31 -7.35 20.02
C GLN B 297 -1.23 -8.39 21.14
N ASN B 298 -2.26 -8.52 21.97
CA ASN B 298 -2.28 -9.57 22.98
C ASN B 298 -3.22 -10.71 22.57
N GLY B 299 -3.53 -10.82 21.28
CA GLY B 299 -4.53 -11.75 20.81
C GLY B 299 -5.94 -11.30 21.06
N ILE B 300 -6.77 -12.23 21.51
CA ILE B 300 -8.17 -11.97 21.75
C ILE B 300 -8.32 -11.47 23.18
N SER B 301 -8.71 -10.19 23.32
CA SER B 301 -8.89 -9.55 24.62
C SER B 301 -10.34 -9.39 25.04
N ASP B 302 -11.30 -9.47 24.13
CA ASP B 302 -12.71 -9.28 24.46
C ASP B 302 -13.55 -10.04 23.43
N VAL B 303 -14.79 -10.36 23.81
CA VAL B 303 -15.74 -11.04 22.94
C VAL B 303 -17.02 -10.23 22.88
N VAL B 304 -17.57 -10.06 21.68
CA VAL B 304 -18.86 -9.41 21.53
C VAL B 304 -19.95 -10.41 21.84
N LYS B 305 -20.92 -10.00 22.63
CA LYS B 305 -22.02 -10.88 23.01
C LYS B 305 -23.18 -10.60 22.08
N VAL B 306 -23.31 -11.43 21.04
CA VAL B 306 -24.36 -11.33 20.05
C VAL B 306 -25.67 -11.88 20.63
N THR B 307 -26.77 -11.18 20.40
CA THR B 307 -28.09 -11.65 20.81
C THR B 307 -28.58 -12.67 19.79
N LEU B 308 -28.71 -13.93 20.20
CA LEU B 308 -29.14 -14.98 19.30
C LEU B 308 -30.60 -15.35 19.54
N THR B 309 -31.25 -15.80 18.47
CA THR B 309 -32.54 -16.44 18.58
C THR B 309 -32.39 -17.79 19.28
N SER B 310 -33.52 -18.30 19.77
CA SER B 310 -33.49 -19.59 20.45
C SER B 310 -32.98 -20.70 19.53
N GLU B 311 -33.28 -20.60 18.24
CA GLU B 311 -32.83 -21.59 17.27
C GLU B 311 -31.32 -21.47 17.04
N GLU B 312 -30.83 -20.25 16.83
CA GLU B 312 -29.39 -20.02 16.65
C GLU B 312 -28.61 -20.52 17.85
N GLU B 313 -29.10 -20.22 19.05
CA GLU B 313 -28.43 -20.69 20.28
C GLU B 313 -28.45 -22.20 20.37
N ALA B 314 -29.52 -22.85 19.86
CA ALA B 314 -29.59 -24.31 19.92
C ALA B 314 -28.56 -24.96 18.98
N HIS B 315 -28.37 -24.38 17.79
CA HIS B 315 -27.32 -24.84 16.89
C HIS B 315 -25.94 -24.76 17.52
N LEU B 316 -25.60 -23.63 18.14
CA LEU B 316 -24.31 -23.50 18.80
C LEU B 316 -24.13 -24.55 19.87
N LYS B 317 -25.16 -24.78 20.68
CA LYS B 317 -25.02 -25.74 21.75
C LYS B 317 -24.83 -27.15 21.19
N LYS B 318 -25.42 -27.48 20.05
CA LYS B 318 -25.25 -28.83 19.52
C LYS B 318 -23.86 -29.03 18.91
N SER B 319 -23.37 -28.01 18.21
CA SER B 319 -21.96 -27.98 17.80
C SER B 319 -21.01 -28.15 18.98
N ALA B 320 -21.16 -27.34 20.02
CA ALA B 320 -20.31 -27.53 21.19
C ALA B 320 -20.33 -28.98 21.67
N ASP B 321 -21.50 -29.61 21.66
CA ASP B 321 -21.62 -31.00 22.10
C ASP B 321 -20.87 -31.94 21.16
N THR B 322 -21.06 -31.76 19.85
CA THR B 322 -20.33 -32.53 18.87
C THR B 322 -18.83 -32.41 19.10
N LEU B 323 -18.33 -31.17 19.12
CA LEU B 323 -16.90 -30.96 19.27
C LEU B 323 -16.38 -31.60 20.54
N TRP B 324 -17.09 -31.41 21.65
CA TRP B 324 -16.63 -32.00 22.90
C TRP B 324 -16.62 -33.53 22.77
N GLY B 325 -17.47 -34.05 21.89
CA GLY B 325 -17.53 -35.49 21.65
C GLY B 325 -16.31 -36.03 20.96
N ILE B 326 -15.72 -35.23 20.08
CA ILE B 326 -14.45 -35.60 19.47
C ILE B 326 -13.30 -35.39 20.44
N GLN B 327 -13.27 -34.25 21.12
CA GLN B 327 -12.16 -33.96 22.02
C GLN B 327 -12.04 -35.02 23.10
N LYS B 328 -13.18 -35.44 23.66
CA LYS B 328 -13.18 -36.47 24.70
C LYS B 328 -12.43 -37.71 24.22
N GLU B 329 -12.44 -37.98 22.90
CA GLU B 329 -11.86 -39.19 22.32
C GLU B 329 -10.42 -39.01 21.80
N LEU B 330 -9.85 -37.81 21.84
CA LEU B 330 -8.50 -37.61 21.32
C LEU B 330 -7.46 -38.10 22.33
N GLN B 331 -6.27 -38.39 21.81
CA GLN B 331 -5.11 -38.76 22.63
C GLN B 331 -3.90 -37.98 22.16
N PHE B 332 -3.23 -37.28 23.08
CA PHE B 332 -2.02 -36.56 22.69
C PHE B 332 -0.79 -37.41 23.10
N ALA C 2 -24.71 -2.49 34.12
CA ALA C 2 -25.64 -2.55 32.94
C ALA C 2 -25.32 -1.45 31.94
N ALA C 3 -24.08 -0.95 31.97
CA ALA C 3 -23.62 -0.05 30.93
C ALA C 3 -23.66 -0.74 29.59
N LEU C 4 -23.81 0.05 28.53
CA LEU C 4 -23.89 -0.51 27.19
C LEU C 4 -22.66 -1.32 26.85
N LYS C 5 -21.47 -0.77 27.14
CA LYS C 5 -20.22 -1.46 26.85
C LYS C 5 -20.20 -2.86 27.45
N ASP C 6 -20.70 -3.01 28.68
CA ASP C 6 -20.65 -4.31 29.35
C ASP C 6 -21.77 -5.24 28.86
N GLN C 7 -22.90 -4.69 28.43
CA GLN C 7 -23.91 -5.50 27.77
C GLN C 7 -23.41 -6.05 26.44
N LEU C 8 -22.54 -5.30 25.77
CA LEU C 8 -22.09 -5.62 24.42
C LEU C 8 -20.83 -6.47 24.42
N ILE C 9 -19.91 -6.20 25.35
CA ILE C 9 -18.55 -6.69 25.24
C ILE C 9 -18.22 -7.40 26.53
N HIS C 10 -17.81 -8.67 26.43
CA HIS C 10 -17.29 -9.43 27.55
C HIS C 10 -15.77 -9.35 27.52
N ASN C 11 -15.19 -8.71 28.53
CA ASN C 11 -13.74 -8.56 28.64
C ASN C 11 -13.14 -9.84 29.20
N LEU C 12 -12.09 -10.31 28.54
CA LEU C 12 -11.41 -11.54 28.95
C LEU C 12 -10.00 -11.28 29.47
N LEU C 13 -9.48 -10.06 29.31
CA LEU C 13 -8.06 -9.82 29.56
C LEU C 13 -7.81 -8.37 29.95
N LYS C 14 -7.06 -8.15 31.03
CA LYS C 14 -6.71 -6.79 31.42
C LYS C 14 -5.38 -6.42 30.79
N GLU C 15 -5.31 -5.19 30.28
CA GLU C 15 -4.38 -4.82 29.21
C GLU C 15 -3.46 -3.70 29.69
N GLU C 16 -2.27 -4.08 30.12
CA GLU C 16 -1.22 -3.12 30.47
C GLU C 16 -0.44 -2.79 29.20
N HIS C 17 -1.12 -2.08 28.31
CA HIS C 17 -0.62 -1.87 26.95
C HIS C 17 0.81 -1.33 26.95
N VAL C 18 1.69 -2.05 26.28
CA VAL C 18 3.06 -1.61 26.04
C VAL C 18 3.23 -1.43 24.53
N PRO C 19 3.74 -0.28 24.06
CA PRO C 19 3.84 -0.09 22.61
C PRO C 19 5.01 -0.88 22.03
N GLN C 20 4.80 -1.40 20.82
CA GLN C 20 5.80 -2.23 20.16
C GLN C 20 6.53 -1.53 19.03
N ASN C 21 5.86 -0.61 18.34
CA ASN C 21 6.44 0.07 17.18
C ASN C 21 6.03 1.54 17.25
N LYS C 22 6.42 2.18 18.35
CA LYS C 22 6.01 3.56 18.60
C LYS C 22 7.00 4.55 17.98
N ILE C 23 6.47 5.58 17.33
CA ILE C 23 7.24 6.70 16.81
C ILE C 23 6.74 7.99 17.46
N THR C 24 7.67 8.89 17.79
CA THR C 24 7.40 10.23 18.30
C THR C 24 7.86 11.30 17.30
N VAL C 25 7.04 12.31 17.11
CA VAL C 25 7.42 13.50 16.36
C VAL C 25 7.43 14.68 17.35
N VAL C 26 8.57 15.34 17.47
CA VAL C 26 8.71 16.51 18.33
C VAL C 26 8.72 17.74 17.43
N GLY C 27 7.75 18.61 17.65
CA GLY C 27 7.50 19.77 16.80
C GLY C 27 6.36 19.44 15.84
N VAL C 28 5.18 20.04 16.02
CA VAL C 28 4.06 19.74 15.14
C VAL C 28 3.76 20.94 14.27
N GLY C 29 4.81 21.54 13.74
CA GLY C 29 4.69 22.57 12.73
C GLY C 29 4.44 21.97 11.38
N ALA C 30 4.77 22.75 10.36
CA ALA C 30 4.53 22.32 8.99
C ALA C 30 5.30 21.05 8.68
N VAL C 31 6.58 20.99 9.09
CA VAL C 31 7.40 19.83 8.81
C VAL C 31 6.95 18.66 9.66
N GLY C 32 6.73 18.91 10.94
CA GLY C 32 6.33 17.84 11.84
C GLY C 32 5.05 17.14 11.39
N MET C 33 4.06 17.92 10.96
CA MET C 33 2.79 17.32 10.54
C MET C 33 2.91 16.60 9.20
N ALA C 34 3.75 17.10 8.29
CA ALA C 34 4.00 16.40 7.04
C ALA C 34 4.67 15.06 7.31
N CYS C 35 5.62 15.02 8.26
CA CYS C 35 6.21 13.76 8.66
C CYS C 35 5.15 12.83 9.26
N ALA C 36 4.29 13.37 10.14
CA ALA C 36 3.27 12.56 10.79
C ALA C 36 2.31 11.97 9.76
N ILE C 37 1.80 12.79 8.82
CA ILE C 37 0.81 12.23 7.89
C ILE C 37 1.46 11.19 6.98
N SER C 38 2.71 11.41 6.55
CA SER C 38 3.38 10.44 5.67
C SER C 38 3.66 9.11 6.40
N ILE C 39 4.06 9.18 7.65
CA ILE C 39 4.29 7.98 8.45
C ILE C 39 2.99 7.24 8.67
N LEU C 40 1.90 7.98 8.94
CA LEU C 40 0.59 7.37 9.17
C LEU C 40 0.07 6.67 7.92
N MET C 41 0.25 7.28 6.75
CA MET C 41 -0.24 6.68 5.52
C MET C 41 0.61 5.53 5.03
N LYS C 42 1.80 5.35 5.58
CA LYS C 42 2.64 4.21 5.27
C LYS C 42 2.61 3.10 6.32
N ASP C 43 1.82 3.24 7.38
CA ASP C 43 1.64 2.18 8.37
C ASP C 43 2.97 1.77 9.00
N LEU C 44 3.79 2.72 9.34
CA LEU C 44 5.06 2.38 9.92
C LEU C 44 5.02 2.25 11.44
N ALA C 45 3.98 2.75 12.09
CA ALA C 45 3.90 2.80 13.54
C ALA C 45 2.58 2.22 14.02
N ASP C 46 2.60 1.60 15.19
CA ASP C 46 1.35 1.21 15.85
C ASP C 46 0.91 2.21 16.89
N GLU C 47 1.77 3.18 17.23
CA GLU C 47 1.40 4.31 18.08
C GLU C 47 2.21 5.52 17.64
N LEU C 48 1.55 6.67 17.50
CA LEU C 48 2.23 7.91 17.18
C LEU C 48 2.05 8.87 18.34
N ALA C 49 3.16 9.39 18.87
CA ALA C 49 3.14 10.42 19.91
C ALA C 49 3.58 11.76 19.34
N LEU C 50 2.87 12.81 19.71
CA LEU C 50 3.18 14.17 19.30
C LEU C 50 3.54 15.03 20.52
N VAL C 51 4.60 15.83 20.38
CA VAL C 51 5.02 16.79 21.42
C VAL C 51 5.23 18.15 20.80
N ASP C 52 4.84 19.18 21.54
CA ASP C 52 5.15 20.56 21.18
C ASP C 52 5.09 21.39 22.45
N VAL C 53 5.56 22.64 22.36
CA VAL C 53 5.34 23.56 23.49
C VAL C 53 4.04 24.35 23.34
N MET C 54 3.47 24.45 22.12
CA MET C 54 2.23 25.19 21.89
C MET C 54 1.05 24.26 22.11
N GLU C 55 0.45 24.35 23.30
CA GLU C 55 -0.46 23.33 23.79
C GLU C 55 -1.76 23.27 22.99
N ASP C 56 -2.33 24.41 22.61
CA ASP C 56 -3.60 24.37 21.88
C ASP C 56 -3.39 23.82 20.47
N LYS C 57 -2.38 24.32 19.77
CA LYS C 57 -2.07 23.77 18.45
C LYS C 57 -1.80 22.26 18.53
N LEU C 58 -1.07 21.82 19.55
CA LEU C 58 -0.77 20.40 19.71
C LEU C 58 -2.04 19.56 19.83
N LYS C 59 -2.98 19.98 20.70
CA LYS C 59 -4.22 19.21 20.87
C LYS C 59 -5.07 19.27 19.60
N GLY C 60 -5.05 20.40 18.90
CA GLY C 60 -5.80 20.52 17.65
C GLY C 60 -5.27 19.61 16.55
N GLU C 61 -3.95 19.46 16.44
CA GLU C 61 -3.38 18.59 15.43
C GLU C 61 -3.63 17.12 15.78
N MET C 62 -3.47 16.75 17.05
CA MET C 62 -3.77 15.39 17.47
C MET C 62 -5.21 15.05 17.14
N MET C 63 -6.15 15.95 17.48
CA MET C 63 -7.56 15.67 17.26
C MET C 63 -7.89 15.55 15.78
N ASP C 64 -7.32 16.40 14.95
CA ASP C 64 -7.56 16.32 13.50
C ASP C 64 -7.09 14.96 12.97
N LEU C 65 -5.90 14.50 13.39
CA LEU C 65 -5.46 13.17 12.99
C LEU C 65 -6.36 12.07 13.52
N GLN C 66 -6.74 12.14 14.80
CA GLN C 66 -7.60 11.12 15.37
C GLN C 66 -8.91 10.99 14.62
N HIS C 67 -9.45 12.10 14.15
CA HIS C 67 -10.71 12.05 13.41
C HIS C 67 -10.58 11.32 12.10
N GLY C 68 -9.36 11.12 11.60
CA GLY C 68 -9.20 10.33 10.40
C GLY C 68 -8.90 8.87 10.66
N SER C 69 -9.07 8.39 11.91
CA SER C 69 -8.68 7.04 12.30
C SER C 69 -9.31 5.95 11.43
N LEU C 70 -10.59 6.13 11.06
CA LEU C 70 -11.26 5.16 10.22
C LEU C 70 -10.45 4.83 8.97
N PHE C 71 -9.68 5.80 8.47
CA PHE C 71 -8.99 5.69 7.20
C PHE C 71 -7.55 5.29 7.38
N LEU C 72 -7.11 5.08 8.59
CA LEU C 72 -5.74 4.74 8.91
C LEU C 72 -5.67 3.34 9.56
N ARG C 73 -4.44 2.85 9.73
CA ARG C 73 -4.18 1.58 10.40
CA ARG C 73 -4.17 1.58 10.40
C ARG C 73 -3.15 1.78 11.51
N THR C 74 -3.22 2.95 12.16
CA THR C 74 -2.40 3.30 13.33
C THR C 74 -3.42 3.55 14.43
N PRO C 75 -3.61 2.63 15.37
CA PRO C 75 -4.77 2.70 16.24
C PRO C 75 -4.68 3.74 17.35
N LYS C 76 -3.49 4.24 17.67
CA LYS C 76 -3.32 5.09 18.83
C LYS C 76 -2.46 6.30 18.47
N ILE C 77 -3.04 7.49 18.60
CA ILE C 77 -2.34 8.76 18.45
C ILE C 77 -2.49 9.54 19.76
N VAL C 78 -1.36 9.92 20.36
CA VAL C 78 -1.35 10.65 21.63
C VAL C 78 -0.48 11.90 21.50
N SER C 79 -0.65 12.81 22.45
CA SER C 79 0.13 14.04 22.45
C SER C 79 0.18 14.66 23.84
N GLY C 80 1.19 15.49 24.05
CA GLY C 80 1.33 16.17 25.33
C GLY C 80 2.57 17.03 25.30
N LYS C 81 2.56 18.04 26.16
CA LYS C 81 3.77 18.84 26.35
C LYS C 81 4.80 18.07 27.17
N ASP C 82 4.33 17.20 28.04
CA ASP C 82 5.21 16.41 28.89
C ASP C 82 5.65 15.15 28.15
N TYR C 83 6.95 14.87 28.19
CA TYR C 83 7.51 13.80 27.39
C TYR C 83 7.16 12.42 27.90
N SER C 84 6.40 12.30 28.99
CA SER C 84 5.94 10.99 29.38
C SER C 84 5.14 10.32 28.27
N VAL C 85 4.48 11.08 27.39
CA VAL C 85 3.71 10.46 26.31
C VAL C 85 4.61 9.78 25.27
N THR C 86 5.91 10.07 25.27
CA THR C 86 6.84 9.54 24.29
C THR C 86 7.56 8.26 24.75
N ALA C 87 7.24 7.75 25.95
CA ALA C 87 8.01 6.68 26.56
C ALA C 87 8.06 5.45 25.67
N ASN C 88 9.26 4.87 25.56
CA ASN C 88 9.51 3.61 24.86
C ASN C 88 9.25 3.75 23.38
N SER C 89 9.58 4.91 22.81
CA SER C 89 9.57 5.07 21.36
C SER C 89 10.72 4.28 20.77
N LYS C 90 10.49 3.68 19.59
CA LYS C 90 11.59 3.11 18.82
C LYS C 90 12.37 4.17 18.06
N LEU C 91 11.69 5.25 17.66
CA LEU C 91 12.23 6.27 16.77
C LEU C 91 11.66 7.61 17.19
N VAL C 92 12.54 8.60 17.39
CA VAL C 92 12.10 9.95 17.78
C VAL C 92 12.62 10.89 16.72
N ILE C 93 11.70 11.60 16.09
CA ILE C 93 11.94 12.49 14.98
C ILE C 93 11.85 13.93 15.51
N ILE C 94 12.91 14.72 15.35
CA ILE C 94 12.97 16.09 15.88
C ILE C 94 12.81 17.06 14.71
N THR C 95 11.68 17.77 14.68
CA THR C 95 11.36 18.78 13.68
C THR C 95 11.09 20.14 14.31
N ALA C 96 11.46 20.33 15.55
CA ALA C 96 11.18 21.57 16.26
C ALA C 96 12.19 22.64 15.91
N GLY C 97 11.77 23.89 15.97
CA GLY C 97 12.75 24.95 15.89
C GLY C 97 12.34 26.04 14.93
N ALA C 98 13.22 27.05 14.85
CA ALA C 98 13.04 28.15 13.94
C ALA C 98 13.40 27.71 12.54
N ARG C 99 12.73 28.33 11.57
CA ARG C 99 12.94 28.02 10.16
C ARG C 99 13.36 29.29 9.40
N GLN C 100 13.89 29.08 8.20
CA GLN C 100 14.37 30.18 7.37
C GLN C 100 13.26 31.13 6.95
N GLN C 101 13.60 32.42 6.95
CA GLN C 101 12.82 33.42 6.24
C GLN C 101 13.40 33.53 4.84
N GLU C 102 12.80 34.34 3.97
CA GLU C 102 13.37 34.55 2.65
C GLU C 102 14.79 35.10 2.79
N GLY C 103 15.71 34.51 2.03
CA GLY C 103 17.09 34.96 2.03
C GLY C 103 17.93 34.57 3.23
N GLU C 104 17.43 33.76 4.15
CA GLU C 104 18.17 33.39 5.34
C GLU C 104 18.80 32.01 5.15
N SER C 105 20.08 31.89 5.48
CA SER C 105 20.74 30.59 5.39
C SER C 105 20.31 29.71 6.54
N ARG C 106 20.38 28.40 6.32
CA ARG C 106 20.07 27.44 7.39
C ARG C 106 21.01 27.62 8.57
N LEU C 107 22.28 27.95 8.32
CA LEU C 107 23.21 28.14 9.41
C LEU C 107 22.85 29.34 10.29
N ASN C 108 22.06 30.30 9.81
CA ASN C 108 21.66 31.42 10.68
C ASN C 108 20.70 30.99 11.78
N LEU C 109 20.16 29.76 11.72
CA LEU C 109 19.23 29.23 12.69
C LEU C 109 19.91 28.59 13.88
N VAL C 110 21.24 28.49 13.89
CA VAL C 110 21.88 27.51 14.78
C VAL C 110 21.72 27.90 16.25
N GLN C 111 21.87 29.18 16.58
CA GLN C 111 21.85 29.52 17.99
C GLN C 111 20.46 29.31 18.58
N ARG C 112 19.42 29.75 17.87
CA ARG C 112 18.07 29.48 18.33
C ARG C 112 17.81 27.98 18.49
N ASN C 113 18.24 27.19 17.53
CA ASN C 113 17.83 25.79 17.60
C ASN C 113 18.71 24.97 18.55
N VAL C 114 19.95 25.36 18.77
CA VAL C 114 20.72 24.69 19.83
C VAL C 114 20.04 24.89 21.17
N ASN C 115 19.56 26.09 21.45
CA ASN C 115 18.97 26.32 22.76
C ASN C 115 17.72 25.48 22.94
N ILE C 116 16.90 25.38 21.89
CA ILE C 116 15.75 24.47 21.91
C ILE C 116 16.19 23.03 22.20
N PHE C 117 17.24 22.55 21.51
CA PHE C 117 17.68 21.15 21.67
C PHE C 117 18.19 20.86 23.07
N LYS C 118 18.74 21.86 23.76
CA LYS C 118 19.16 21.63 25.14
C LYS C 118 18.01 21.25 26.03
N PHE C 119 16.80 21.68 25.68
CA PHE C 119 15.62 21.27 26.41
C PHE C 119 15.04 19.95 25.92
N ILE C 120 14.96 19.78 24.61
CA ILE C 120 14.28 18.61 24.02
C ILE C 120 15.05 17.33 24.30
N ILE C 121 16.33 17.29 23.96
CA ILE C 121 17.04 16.01 23.89
C ILE C 121 17.11 15.33 25.26
N PRO C 122 17.47 16.00 26.34
CA PRO C 122 17.49 15.28 27.63
C PRO C 122 16.13 14.73 28.01
N ASN C 123 15.05 15.38 27.58
CA ASN C 123 13.73 14.83 27.90
C ASN C 123 13.41 13.60 27.07
N VAL C 124 13.82 13.59 25.80
CA VAL C 124 13.64 12.42 24.95
C VAL C 124 14.34 11.23 25.56
N VAL C 125 15.62 11.39 25.92
CA VAL C 125 16.39 10.22 26.30
C VAL C 125 15.94 9.71 27.66
N LYS C 126 15.30 10.56 28.45
CA LYS C 126 14.80 10.16 29.75
C LYS C 126 13.68 9.13 29.63
N TYR C 127 12.80 9.30 28.63
CA TYR C 127 11.69 8.38 28.45
C TYR C 127 11.91 7.30 27.37
N SER C 128 12.88 7.46 26.47
CA SER C 128 13.21 6.48 25.42
C SER C 128 14.73 6.34 25.31
N PRO C 129 15.35 5.73 26.32
CA PRO C 129 16.82 5.62 26.32
C PRO C 129 17.38 4.70 25.24
N HIS C 130 16.55 3.88 24.59
CA HIS C 130 17.01 2.97 23.55
C HIS C 130 16.57 3.37 22.15
N CYS C 131 15.95 4.54 21.98
CA CYS C 131 15.44 4.92 20.67
C CYS C 131 16.57 5.27 19.70
N LYS C 132 16.21 5.35 18.42
CA LYS C 132 17.00 6.08 17.44
C LYS C 132 16.46 7.52 17.34
N LEU C 133 17.36 8.48 17.18
CA LEU C 133 17.03 9.88 17.02
C LEU C 133 17.23 10.23 15.56
N LEU C 134 16.20 10.76 14.94
CA LEU C 134 16.29 11.24 13.57
C LEU C 134 16.05 12.73 13.61
N VAL C 135 17.10 13.52 13.30
CA VAL C 135 17.08 14.98 13.40
C VAL C 135 16.75 15.56 12.03
N VAL C 136 15.72 16.39 11.98
CA VAL C 136 15.35 17.10 10.75
C VAL C 136 15.53 18.62 10.88
N SER C 137 15.36 19.20 12.06
CA SER C 137 15.54 20.64 12.26
C SER C 137 16.87 21.13 11.71
N ASN C 138 16.87 22.35 11.17
CA ASN C 138 18.06 22.96 10.56
C ASN C 138 18.84 23.87 11.52
N PRO C 139 20.16 24.01 11.31
CA PRO C 139 20.99 23.35 10.30
C PRO C 139 21.26 21.86 10.66
N VAL C 140 20.80 20.94 9.80
CA VAL C 140 20.59 19.57 10.27
C VAL C 140 21.91 18.90 10.63
N ASP C 141 22.98 19.19 9.93
CA ASP C 141 24.25 18.52 10.24
C ASP C 141 24.80 18.92 11.61
N ILE C 142 24.74 20.22 11.93
CA ILE C 142 25.21 20.70 13.23
C ILE C 142 24.28 20.22 14.32
N LEU C 143 22.96 20.25 14.08
CA LEU C 143 22.05 19.84 15.12
C LEU C 143 22.06 18.33 15.36
N THR C 144 22.43 17.51 14.35
CA THR C 144 22.61 16.08 14.61
C THR C 144 23.81 15.86 15.54
N TYR C 145 24.88 16.62 15.33
CA TYR C 145 26.02 16.62 16.24
C TYR C 145 25.63 17.01 17.66
N VAL C 146 24.85 18.09 17.80
CA VAL C 146 24.36 18.54 19.12
C VAL C 146 23.49 17.48 19.78
N ALA C 147 22.52 16.94 19.03
CA ALA C 147 21.73 15.84 19.59
C ALA C 147 22.62 14.70 20.05
N TRP C 148 23.65 14.40 19.28
CA TRP C 148 24.54 13.30 19.64
C TRP C 148 25.29 13.58 20.93
N LYS C 149 25.87 14.77 21.04
CA LYS C 149 26.64 15.09 22.24
C LYS C 149 25.75 15.14 23.47
N ILE C 150 24.56 15.77 23.35
CA ILE C 150 23.66 15.90 24.50
C ILE C 150 23.11 14.55 24.93
N SER C 151 22.75 13.69 23.95
CA SER C 151 22.08 12.45 24.30
C SER C 151 23.03 11.47 24.97
N GLY C 152 24.30 11.50 24.58
CA GLY C 152 25.24 10.46 24.93
C GLY C 152 25.05 9.14 24.21
N PHE C 153 24.20 9.11 23.20
CA PHE C 153 23.97 7.89 22.45
C PHE C 153 25.19 7.49 21.64
N PRO C 154 25.37 6.20 21.36
CA PRO C 154 26.37 5.80 20.38
C PRO C 154 26.03 6.41 19.03
N LYS C 155 27.05 6.67 18.20
CA LYS C 155 26.82 7.41 16.96
C LYS C 155 25.89 6.68 15.99
N ASN C 156 25.76 5.35 16.07
CA ASN C 156 24.87 4.66 15.13
C ASN C 156 23.41 5.02 15.35
N ARG C 157 23.03 5.51 16.53
CA ARG C 157 21.64 5.75 16.85
C ARG C 157 21.23 7.22 16.72
N VAL C 158 22.06 8.08 16.14
CA VAL C 158 21.74 9.52 15.98
C VAL C 158 21.96 9.87 14.51
N ILE C 159 20.86 10.16 13.81
CA ILE C 159 20.85 10.28 12.36
C ILE C 159 20.31 11.66 11.98
N GLY C 160 20.89 12.30 10.98
CA GLY C 160 20.32 13.51 10.39
C GLY C 160 19.71 13.21 9.04
N SER C 161 18.59 13.86 8.72
CA SER C 161 17.98 13.61 7.42
C SER C 161 18.90 14.02 6.29
N GLY C 162 19.81 14.95 6.56
CA GLY C 162 20.91 15.25 5.65
C GLY C 162 20.50 15.51 4.21
N CYS C 163 21.17 14.82 3.29
CA CYS C 163 21.02 15.04 1.85
C CYS C 163 20.06 14.07 1.18
N ASN C 164 19.24 13.35 1.95
CA ASN C 164 18.30 12.42 1.33
C ASN C 164 17.34 13.20 0.42
N LEU C 165 16.84 14.33 0.92
CA LEU C 165 15.94 15.14 0.11
C LEU C 165 16.67 15.85 -1.03
N ASP C 166 17.88 16.35 -0.78
CA ASP C 166 18.67 16.97 -1.86
C ASP C 166 18.89 16.00 -3.01
N SER C 167 19.21 14.74 -2.70
CA SER C 167 19.41 13.73 -3.74
C SER C 167 18.11 13.41 -4.46
N ALA C 168 17.00 13.37 -3.72
CA ALA C 168 15.71 13.15 -4.35
C ALA C 168 15.34 14.27 -5.32
N ARG C 169 15.56 15.53 -4.90
CA ARG C 169 15.35 16.67 -5.80
C ARG C 169 16.22 16.56 -7.04
N PHE C 170 17.48 16.18 -6.85
CA PHE C 170 18.40 16.02 -7.97
C PHE C 170 17.89 14.97 -8.95
N ARG C 171 17.44 13.83 -8.42
CA ARG C 171 16.97 12.75 -9.29
C ARG C 171 15.70 13.15 -10.04
N TYR C 172 14.85 13.92 -9.39
CA TYR C 172 13.68 14.45 -10.07
C TYR C 172 14.08 15.34 -11.23
N LEU C 173 15.02 16.25 -10.99
CA LEU C 173 15.40 17.19 -12.03
C LEU C 173 16.10 16.48 -13.18
N MET C 174 16.97 15.51 -12.83
CA MET C 174 17.60 14.65 -13.81
C MET C 174 16.56 13.91 -14.64
N GLY C 175 15.52 13.35 -13.98
CA GLY C 175 14.50 12.64 -14.71
C GLY C 175 13.69 13.52 -15.66
N GLU C 176 13.36 14.74 -15.22
CA GLU C 176 12.67 15.68 -16.10
C GLU C 176 13.49 15.95 -17.36
N ARG C 177 14.81 16.03 -17.24
CA ARG C 177 15.65 16.29 -18.40
C ARG C 177 15.77 15.06 -19.29
N LEU C 178 15.80 13.85 -18.72
CA LEU C 178 16.04 12.67 -19.55
C LEU C 178 14.77 11.95 -19.99
N GLY C 179 13.61 12.32 -19.43
CA GLY C 179 12.36 11.71 -19.79
C GLY C 179 12.12 10.37 -19.14
N VAL C 180 12.68 10.14 -17.93
CA VAL C 180 12.43 8.92 -17.18
C VAL C 180 12.12 9.29 -15.73
N HIS C 181 11.53 8.33 -15.03
CA HIS C 181 11.17 8.53 -13.64
C HIS C 181 12.39 8.72 -12.77
N ALA C 182 12.24 9.55 -11.74
CA ALA C 182 13.32 9.77 -10.77
C ALA C 182 13.87 8.44 -10.21
N LEU C 183 13.00 7.45 -10.00
CA LEU C 183 13.42 6.11 -9.55
C LEU C 183 14.51 5.53 -10.43
N SER C 184 14.48 5.79 -11.72
CA SER C 184 15.47 5.22 -12.64
C SER C 184 16.68 6.13 -12.86
N CYS C 185 16.71 7.30 -12.27
CA CYS C 185 17.84 8.20 -12.31
C CYS C 185 18.62 8.09 -11.02
N HIS C 186 19.93 7.90 -11.12
CA HIS C 186 20.72 7.74 -9.92
C HIS C 186 21.77 8.84 -9.85
N GLY C 187 21.96 9.37 -8.65
CA GLY C 187 22.81 10.52 -8.45
C GLY C 187 22.86 10.83 -6.97
N TRP C 188 24.05 11.18 -6.48
CA TRP C 188 24.30 11.36 -5.05
C TRP C 188 24.80 12.79 -4.79
N ILE C 189 24.11 13.49 -3.90
CA ILE C 189 24.54 14.76 -3.33
C ILE C 189 24.98 14.44 -1.90
N LEU C 190 26.25 14.76 -1.60
CA LEU C 190 26.85 14.47 -0.31
C LEU C 190 27.28 15.76 0.39
N GLY C 191 27.71 15.62 1.64
CA GLY C 191 28.24 16.75 2.39
C GLY C 191 27.21 17.48 3.22
N GLU C 192 27.27 18.83 3.23
CA GLU C 192 26.33 19.65 3.99
C GLU C 192 24.98 19.69 3.30
N HIS C 193 23.92 19.47 4.05
CA HIS C 193 22.61 19.79 3.55
C HIS C 193 22.51 21.31 3.43
N GLY C 194 22.53 21.82 2.20
CA GLY C 194 22.53 23.25 2.01
C GLY C 194 23.46 23.75 0.91
N ASP C 195 23.95 24.98 1.10
CA ASP C 195 24.63 25.70 0.04
C ASP C 195 25.93 25.02 -0.40
N SER C 196 26.59 24.29 0.49
CA SER C 196 27.89 23.76 0.15
C SER C 196 27.86 22.25 -0.17
N SER C 197 26.70 21.70 -0.50
CA SER C 197 26.60 20.29 -0.83
C SER C 197 27.42 19.95 -2.08
N VAL C 198 27.76 18.67 -2.19
CA VAL C 198 28.71 18.19 -3.20
C VAL C 198 28.01 17.20 -4.14
N PRO C 199 27.77 17.54 -5.40
CA PRO C 199 27.27 16.55 -6.36
C PRO C 199 28.39 15.63 -6.84
N VAL C 200 28.17 14.32 -6.78
CA VAL C 200 29.16 13.34 -7.21
C VAL C 200 28.85 13.01 -8.67
N TRP C 201 29.42 13.82 -9.56
CA TRP C 201 29.14 13.69 -10.99
C TRP C 201 29.51 12.31 -11.51
N SER C 202 30.61 11.72 -11.01
CA SER C 202 31.05 10.42 -11.52
C SER C 202 30.00 9.32 -11.32
N GLY C 203 29.15 9.44 -10.32
CA GLY C 203 28.19 8.40 -10.01
C GLY C 203 26.85 8.52 -10.69
N MET C 204 26.59 9.61 -11.41
CA MET C 204 25.27 9.80 -11.98
C MET C 204 25.07 8.89 -13.17
N ASN C 205 23.95 8.15 -13.19
CA ASN C 205 23.75 7.14 -14.22
C ASN C 205 22.28 6.81 -14.36
N VAL C 206 21.96 6.25 -15.52
CA VAL C 206 20.70 5.56 -15.77
C VAL C 206 21.08 4.14 -16.22
N ALA C 207 20.52 3.14 -15.55
CA ALA C 207 20.74 1.75 -15.93
C ALA C 207 22.23 1.38 -15.95
N GLY C 208 22.98 1.93 -15.00
CA GLY C 208 24.40 1.66 -14.90
C GLY C 208 25.28 2.35 -15.93
N VAL C 209 24.71 3.17 -16.80
CA VAL C 209 25.43 3.94 -17.80
C VAL C 209 25.84 5.28 -17.19
N SER C 210 27.14 5.47 -17.02
CA SER C 210 27.69 6.72 -16.48
C SER C 210 27.44 7.88 -17.42
N LEU C 211 26.74 8.90 -16.94
CA LEU C 211 26.46 10.09 -17.73
C LEU C 211 27.74 10.82 -18.07
N LYS C 212 28.68 10.86 -17.13
CA LYS C 212 29.91 11.61 -17.35
C LYS C 212 30.78 10.93 -18.39
N THR C 213 30.80 9.58 -18.39
CA THR C 213 31.46 8.83 -19.45
C THR C 213 30.85 9.14 -20.81
N LEU C 214 29.54 9.34 -20.87
CA LEU C 214 28.87 9.66 -22.12
C LEU C 214 29.02 11.14 -22.50
N HIS C 215 29.19 12.01 -21.51
CA HIS C 215 29.13 13.46 -21.70
C HIS C 215 30.20 14.06 -20.83
N PRO C 216 31.46 14.04 -21.29
CA PRO C 216 32.58 14.30 -20.36
C PRO C 216 32.59 15.70 -19.77
N GLU C 217 31.92 16.67 -20.39
CA GLU C 217 31.83 17.99 -19.77
C GLU C 217 30.83 18.06 -18.62
N LEU C 218 30.15 16.96 -18.30
CA LEU C 218 29.17 16.95 -17.22
C LEU C 218 29.78 17.47 -15.94
N GLY C 219 29.13 18.49 -15.36
CA GLY C 219 29.60 19.05 -14.10
C GLY C 219 30.61 20.18 -14.23
N THR C 220 30.98 20.58 -15.45
CA THR C 220 31.94 21.66 -15.66
C THR C 220 31.26 22.89 -16.23
N ASP C 221 31.95 24.05 -16.10
CA ASP C 221 31.42 25.31 -16.62
C ASP C 221 31.42 25.34 -18.16
N ALA C 222 32.30 24.58 -18.79
CA ALA C 222 32.39 24.51 -20.25
C ALA C 222 31.32 23.62 -20.88
N ASP C 223 30.37 23.13 -20.09
CA ASP C 223 29.30 22.24 -20.57
C ASP C 223 28.21 23.04 -21.26
N LYS C 224 28.01 22.78 -22.55
CA LYS C 224 27.00 23.51 -23.31
C LYS C 224 25.60 23.26 -22.77
N GLU C 225 25.33 22.05 -22.23
CA GLU C 225 24.02 21.76 -21.65
C GLU C 225 23.88 22.25 -20.22
N GLN C 226 24.96 22.74 -19.61
CA GLN C 226 24.91 23.36 -18.29
C GLN C 226 24.24 22.47 -17.24
N TRP C 227 24.70 21.23 -17.17
CA TRP C 227 24.22 20.29 -16.16
C TRP C 227 24.61 20.75 -14.77
N LYS C 228 25.68 21.53 -14.64
CA LYS C 228 26.05 22.13 -13.36
C LYS C 228 24.88 22.92 -12.77
N GLN C 229 24.05 23.50 -13.63
CA GLN C 229 22.89 24.25 -13.17
C GLN C 229 21.86 23.37 -12.47
N VAL C 230 21.84 22.07 -12.78
CA VAL C 230 20.93 21.18 -12.08
C VAL C 230 21.26 21.14 -10.61
N HIS C 231 22.54 21.07 -10.27
CA HIS C 231 22.89 21.13 -8.86
C HIS C 231 22.54 22.49 -8.28
N LYS C 232 22.74 23.56 -9.05
CA LYS C 232 22.36 24.87 -8.56
C LYS C 232 20.87 24.94 -8.29
N GLN C 233 20.05 24.28 -9.13
CA GLN C 233 18.62 24.24 -8.85
C GLN C 233 18.32 23.46 -7.58
N VAL C 234 19.06 22.39 -7.32
CA VAL C 234 18.86 21.69 -6.05
C VAL C 234 19.20 22.62 -4.89
N VAL C 235 20.35 23.28 -4.94
CA VAL C 235 20.76 24.14 -3.84
C VAL C 235 19.73 25.26 -3.63
N ASP C 236 19.20 25.79 -4.72
CA ASP C 236 18.31 26.93 -4.66
C ASP C 236 16.87 26.56 -4.35
N SER C 237 16.53 25.29 -4.41
CA SER C 237 15.13 24.89 -4.46
C SER C 237 14.39 25.25 -3.20
N ALA C 238 14.99 25.03 -2.02
CA ALA C 238 14.32 25.41 -0.79
C ALA C 238 14.07 26.91 -0.73
N TYR C 239 15.04 27.72 -1.20
CA TYR C 239 14.85 29.17 -1.21
C TYR C 239 13.73 29.57 -2.16
N GLU C 240 13.65 28.91 -3.32
CA GLU C 240 12.57 29.25 -4.24
C GLU C 240 11.20 28.85 -3.67
N VAL C 241 11.07 27.69 -3.04
CA VAL C 241 9.77 27.32 -2.47
C VAL C 241 9.43 28.25 -1.31
N ILE C 242 10.42 28.60 -0.50
CA ILE C 242 10.17 29.51 0.61
C ILE C 242 9.64 30.84 0.10
N LYS C 243 10.20 31.34 -0.98
CA LYS C 243 9.73 32.60 -1.55
C LYS C 243 8.30 32.50 -2.08
N LEU C 244 7.91 31.34 -2.62
CA LEU C 244 6.59 31.18 -3.25
C LEU C 244 5.49 30.85 -2.24
N LYS C 245 5.74 29.91 -1.35
CA LYS C 245 4.71 29.50 -0.38
C LYS C 245 5.08 29.79 1.08
N GLY C 246 6.31 30.20 1.37
CA GLY C 246 6.68 30.63 2.71
C GLY C 246 7.50 29.63 3.50
N TYR C 247 7.53 28.38 3.08
CA TYR C 247 8.15 27.27 3.80
C TYR C 247 8.10 26.05 2.88
N THR C 248 8.80 24.99 3.26
CA THR C 248 8.71 23.71 2.56
C THR C 248 8.24 22.66 3.58
N SER C 249 7.48 21.67 3.12
CA SER C 249 6.96 20.66 4.04
C SER C 249 6.73 19.28 3.42
N TRP C 250 6.09 19.20 2.25
CA TRP C 250 5.66 17.91 1.72
C TRP C 250 6.86 17.01 1.36
N ALA C 251 7.84 17.55 0.65
CA ALA C 251 8.95 16.73 0.19
C ALA C 251 9.77 16.21 1.38
N ILE C 252 10.01 17.05 2.38
CA ILE C 252 10.79 16.60 3.53
C ILE C 252 10.02 15.56 4.32
N GLY C 253 8.69 15.70 4.42
CA GLY C 253 7.89 14.68 5.08
C GLY C 253 8.03 13.31 4.43
N LEU C 254 7.97 13.27 3.10
CA LEU C 254 8.11 11.99 2.40
C LEU C 254 9.50 11.42 2.56
N SER C 255 10.50 12.30 2.52
CA SER C 255 11.89 11.87 2.69
C SER C 255 12.12 11.28 4.07
N VAL C 256 11.60 11.94 5.09
CA VAL C 256 11.70 11.45 6.46
C VAL C 256 10.95 10.13 6.62
N ALA C 257 9.78 9.98 5.98
CA ALA C 257 9.09 8.70 6.07
C ALA C 257 9.86 7.60 5.34
N ASP C 258 10.56 7.93 4.25
CA ASP C 258 11.46 6.98 3.57
C ASP C 258 12.53 6.46 4.52
N LEU C 259 13.17 7.37 5.28
CA LEU C 259 14.14 6.98 6.30
C LEU C 259 13.51 6.16 7.43
N ALA C 260 12.34 6.58 7.93
CA ALA C 260 11.67 5.82 8.97
C ALA C 260 11.35 4.41 8.51
N GLU C 261 10.98 4.23 7.24
CA GLU C 261 10.66 2.90 6.73
C GLU C 261 11.89 1.99 6.75
N SER C 262 13.05 2.47 6.32
CA SER C 262 14.28 1.68 6.41
C SER C 262 14.61 1.31 7.85
N ILE C 263 14.44 2.25 8.79
CA ILE C 263 14.70 1.95 10.19
C ILE C 263 13.68 0.95 10.72
N MET C 264 12.38 1.25 10.56
CA MET C 264 11.38 0.43 11.22
C MET C 264 11.30 -0.99 10.63
N LYS C 265 11.60 -1.17 9.35
CA LYS C 265 11.55 -2.49 8.72
C LYS C 265 12.93 -3.13 8.57
N ASN C 266 13.98 -2.48 9.07
CA ASN C 266 15.36 -3.02 9.04
C ASN C 266 15.82 -3.31 7.61
N LEU C 267 15.59 -2.37 6.71
CA LEU C 267 15.76 -2.70 5.31
C LEU C 267 17.21 -2.79 4.91
N ARG C 268 18.10 -2.07 5.59
CA ARG C 268 19.50 -1.97 5.19
C ARG C 268 19.63 -1.43 3.76
N ARG C 269 18.83 -0.40 3.45
CA ARG C 269 19.00 0.40 2.25
C ARG C 269 20.06 1.46 2.51
N VAL C 270 20.67 1.93 1.42
CA VAL C 270 21.67 2.98 1.47
C VAL C 270 21.02 4.33 1.17
N HIS C 271 21.21 5.28 2.07
CA HIS C 271 20.66 6.62 1.95
C HIS C 271 21.76 7.64 2.19
N PRO C 272 21.73 8.81 1.51
CA PRO C 272 22.70 9.86 1.85
C PRO C 272 22.20 10.70 3.01
N ILE C 273 22.61 10.29 4.22
CA ILE C 273 22.14 10.88 5.47
C ILE C 273 23.35 11.31 6.31
N SER C 274 23.07 12.08 7.36
CA SER C 274 24.11 12.76 8.11
C SER C 274 24.58 11.88 9.26
N THR C 275 25.88 11.60 9.29
CA THR C 275 26.47 10.69 10.27
C THR C 275 27.82 11.25 10.67
N MET C 276 28.33 10.77 11.81
CA MET C 276 29.62 11.20 12.35
C MET C 276 30.71 10.53 11.53
N LEU C 277 31.41 11.28 10.70
CA LEU C 277 32.27 10.65 9.73
C LEU C 277 33.76 10.89 10.02
N LYS C 278 34.11 11.18 11.27
CA LYS C 278 35.52 11.26 11.66
C LYS C 278 36.21 9.95 11.30
N GLY C 279 37.40 10.05 10.71
CA GLY C 279 38.12 8.86 10.33
C GLY C 279 37.82 8.32 8.95
N LEU C 280 36.88 8.93 8.24
CA LEU C 280 36.50 8.53 6.91
C LEU C 280 36.70 9.70 5.96
N TYR C 281 36.76 9.39 4.68
CA TYR C 281 36.77 10.43 3.63
C TYR C 281 37.83 11.51 3.90
N GLY C 282 38.89 11.18 4.64
CA GLY C 282 39.94 12.14 4.92
C GLY C 282 39.64 13.16 6.01
N ILE C 283 38.50 13.03 6.74
CA ILE C 283 38.10 14.02 7.74
C ILE C 283 38.66 13.65 9.10
N LYS C 284 39.19 14.63 9.81
CA LYS C 284 39.87 14.41 11.10
C LYS C 284 39.08 14.92 12.30
N GLU C 285 38.03 15.69 12.10
CA GLU C 285 37.26 16.24 13.20
C GLU C 285 35.93 15.49 13.35
N ASP C 286 35.32 15.65 14.53
CA ASP C 286 34.06 14.94 14.82
C ASP C 286 32.93 15.85 14.33
N VAL C 287 32.64 15.73 13.04
CA VAL C 287 31.56 16.47 12.39
C VAL C 287 30.62 15.47 11.76
N PHE C 288 29.39 15.93 11.52
CA PHE C 288 28.38 15.15 10.83
C PHE C 288 28.21 15.72 9.44
N LEU C 289 28.28 14.84 8.45
CA LEU C 289 28.16 15.16 7.03
C LEU C 289 27.31 14.06 6.42
N SER C 290 26.66 14.33 5.28
CA SER C 290 25.99 13.28 4.52
C SER C 290 26.95 12.49 3.66
N VAL C 291 26.95 11.17 3.84
CA VAL C 291 27.57 10.16 2.99
C VAL C 291 26.57 9.00 2.84
N PRO C 292 26.77 8.12 1.86
CA PRO C 292 25.84 6.98 1.73
C PRO C 292 26.00 6.03 2.91
N CYS C 293 24.93 5.86 3.68
CA CYS C 293 24.92 5.02 4.87
C CYS C 293 23.90 3.90 4.75
N VAL C 294 24.22 2.74 5.34
CA VAL C 294 23.31 1.59 5.41
C VAL C 294 22.45 1.76 6.64
N LEU C 295 21.14 1.82 6.43
CA LEU C 295 20.22 2.24 7.47
C LEU C 295 19.26 1.11 7.79
N GLY C 296 19.19 0.77 9.08
CA GLY C 296 18.35 -0.34 9.52
C GLY C 296 17.90 -0.20 10.95
N GLN C 297 17.53 -1.31 11.60
CA GLN C 297 16.87 -1.24 12.89
C GLN C 297 17.82 -0.80 14.01
N ASN C 298 19.13 -0.89 13.77
CA ASN C 298 20.12 -0.37 14.70
C ASN C 298 20.68 0.97 14.26
N GLY C 299 19.96 1.69 13.42
CA GLY C 299 20.51 2.91 12.88
C GLY C 299 21.49 2.69 11.75
N ILE C 300 22.57 3.47 11.78
CA ILE C 300 23.60 3.44 10.75
C ILE C 300 24.63 2.39 11.15
N SER C 301 24.72 1.32 10.36
CA SER C 301 25.62 0.22 10.67
C SER C 301 26.85 0.20 9.79
N ASP C 302 26.83 0.87 8.64
CA ASP C 302 27.94 0.86 7.71
C ASP C 302 27.88 2.11 6.87
N VAL C 303 29.03 2.48 6.30
CA VAL C 303 29.16 3.61 5.39
C VAL C 303 29.81 3.15 4.10
N VAL C 304 29.25 3.58 2.97
CA VAL C 304 29.81 3.28 1.67
C VAL C 304 30.94 4.27 1.40
N LYS C 305 32.07 3.76 0.91
CA LYS C 305 33.24 4.58 0.64
C LYS C 305 33.22 5.00 -0.82
N VAL C 306 32.70 6.21 -1.09
CA VAL C 306 32.63 6.72 -2.44
C VAL C 306 34.01 7.20 -2.87
N THR C 307 34.39 6.86 -4.09
CA THR C 307 35.64 7.34 -4.68
C THR C 307 35.41 8.74 -5.25
N LEU C 308 36.02 9.73 -4.62
CA LEU C 308 35.84 11.12 -5.02
C LEU C 308 37.05 11.62 -5.79
N THR C 309 36.80 12.58 -6.69
CA THR C 309 37.91 13.33 -7.27
C THR C 309 38.53 14.20 -6.19
N SER C 310 39.77 14.63 -6.42
CA SER C 310 40.42 15.47 -5.43
C SER C 310 39.69 16.81 -5.27
N GLU C 311 38.95 17.25 -6.27
CA GLU C 311 38.13 18.46 -6.13
C GLU C 311 36.91 18.19 -5.24
N GLU C 312 36.16 17.14 -5.56
CA GLU C 312 35.07 16.68 -4.69
C GLU C 312 35.54 16.48 -3.25
N GLU C 313 36.70 15.87 -3.06
CA GLU C 313 37.22 15.68 -1.71
C GLU C 313 37.54 17.00 -1.05
N ALA C 314 38.04 17.98 -1.82
CA ALA C 314 38.43 19.26 -1.22
C ALA C 314 37.20 20.03 -0.74
N HIS C 315 36.12 20.00 -1.52
CA HIS C 315 34.85 20.56 -1.04
C HIS C 315 34.41 19.95 0.30
N LEU C 316 34.40 18.61 0.42
CA LEU C 316 34.03 17.99 1.69
C LEU C 316 34.95 18.38 2.82
N LYS C 317 36.26 18.42 2.54
CA LYS C 317 37.21 18.76 3.59
C LYS C 317 36.96 20.17 4.14
N LYS C 318 36.44 21.07 3.30
CA LYS C 318 36.28 22.46 3.71
C LYS C 318 35.01 22.63 4.55
N SER C 319 33.89 22.12 4.04
CA SER C 319 32.69 21.91 4.82
C SER C 319 32.97 21.38 6.22
N ALA C 320 33.66 20.26 6.31
CA ALA C 320 34.00 19.72 7.62
C ALA C 320 34.69 20.78 8.49
N ASP C 321 35.59 21.57 7.87
CA ASP C 321 36.26 22.63 8.62
C ASP C 321 35.26 23.70 9.06
N THR C 322 34.42 24.15 8.13
CA THR C 322 33.37 25.13 8.44
C THR C 322 32.47 24.64 9.57
N LEU C 323 31.84 23.46 9.39
CA LEU C 323 30.92 22.94 10.39
C LEU C 323 31.63 22.79 11.73
N TRP C 324 32.85 22.22 11.70
CA TRP C 324 33.60 22.06 12.94
C TRP C 324 33.87 23.42 13.56
N GLY C 325 33.99 24.46 12.75
CA GLY C 325 34.16 25.77 13.30
C GLY C 325 32.87 26.27 13.95
N ILE C 326 31.72 25.95 13.36
CA ILE C 326 30.48 26.32 14.02
C ILE C 326 30.33 25.55 15.32
N GLN C 327 30.58 24.23 15.26
CA GLN C 327 30.40 23.39 16.45
C GLN C 327 31.29 23.83 17.58
N LYS C 328 32.55 24.18 17.28
CA LYS C 328 33.52 24.42 18.36
C LYS C 328 33.01 25.44 19.37
N GLU C 329 32.33 26.50 18.89
CA GLU C 329 31.94 27.61 19.74
C GLU C 329 30.48 27.56 20.19
N LEU C 330 29.88 26.37 20.25
CA LEU C 330 28.54 26.25 20.78
C LEU C 330 28.63 25.93 22.26
N GLN C 331 27.71 26.52 23.00
CA GLN C 331 27.61 26.37 24.45
C GLN C 331 26.40 25.49 24.71
N PHE C 332 26.64 24.23 25.02
CA PHE C 332 25.56 23.32 25.40
C PHE C 332 26.10 22.25 26.36
N ALA D 2 23.34 14.89 -30.39
CA ALA D 2 24.64 14.94 -29.66
C ALA D 2 24.42 15.54 -28.27
N ALA D 3 23.15 15.78 -27.95
CA ALA D 3 22.78 16.05 -26.57
C ALA D 3 22.95 14.79 -25.75
N LEU D 4 23.11 14.96 -24.43
CA LEU D 4 23.26 13.81 -23.55
C LEU D 4 22.05 12.87 -23.65
N LYS D 5 20.84 13.45 -23.65
CA LYS D 5 19.65 12.60 -23.76
C LYS D 5 19.71 11.71 -24.99
N ASP D 6 20.18 12.24 -26.11
CA ASP D 6 20.19 11.46 -27.35
C ASP D 6 21.35 10.48 -27.40
N GLN D 7 22.45 10.76 -26.71
CA GLN D 7 23.51 9.76 -26.53
C GLN D 7 23.03 8.58 -25.69
N LEU D 8 22.14 8.85 -24.73
CA LEU D 8 21.74 7.89 -23.72
C LEU D 8 20.53 7.09 -24.16
N ILE D 9 19.59 7.75 -24.81
CA ILE D 9 18.27 7.20 -24.99
C ILE D 9 17.91 7.25 -26.47
N HIS D 10 17.54 6.10 -27.00
CA HIS D 10 16.99 6.00 -28.35
C HIS D 10 15.47 5.99 -28.29
N ASN D 11 14.86 7.03 -28.85
CA ASN D 11 13.41 7.19 -28.85
C ASN D 11 12.82 6.35 -29.96
N LEU D 12 11.83 5.54 -29.63
CA LEU D 12 11.23 4.59 -30.55
C LEU D 12 9.83 4.97 -30.94
N LEU D 13 9.26 5.97 -30.29
CA LEU D 13 7.83 6.18 -30.36
C LEU D 13 7.54 7.64 -30.09
N LYS D 14 6.85 8.30 -31.01
CA LYS D 14 6.45 9.68 -30.84
C LYS D 14 5.39 9.77 -29.76
N GLU D 15 5.68 10.51 -28.69
CA GLU D 15 4.87 10.48 -27.48
C GLU D 15 3.79 11.57 -27.56
N GLU D 16 2.53 11.14 -27.74
CA GLU D 16 1.34 11.99 -27.60
C GLU D 16 0.56 11.49 -26.38
N HIS D 17 0.81 12.12 -25.23
CA HIS D 17 0.31 11.65 -23.94
C HIS D 17 -1.14 12.10 -23.66
N VAL D 18 -2.03 11.15 -23.39
CA VAL D 18 -3.35 11.43 -22.84
C VAL D 18 -3.44 10.73 -21.48
N PRO D 19 -3.77 11.42 -20.40
CA PRO D 19 -3.77 10.77 -19.08
C PRO D 19 -5.00 9.88 -18.93
N GLN D 20 -4.84 8.76 -18.21
CA GLN D 20 -5.90 7.77 -18.09
C GLN D 20 -6.62 7.82 -16.76
N ASN D 21 -5.94 8.27 -15.71
CA ASN D 21 -6.45 8.31 -14.34
C ASN D 21 -6.08 9.65 -13.68
N LYS D 22 -6.44 10.75 -14.32
CA LYS D 22 -6.08 12.08 -13.83
C LYS D 22 -7.10 12.62 -12.84
N ILE D 23 -6.59 13.24 -11.76
CA ILE D 23 -7.38 13.95 -10.76
C ILE D 23 -6.90 15.40 -10.69
N THR D 24 -7.85 16.32 -10.52
CA THR D 24 -7.60 17.74 -10.30
C THR D 24 -8.11 18.13 -8.93
N VAL D 25 -7.31 18.94 -8.23
CA VAL D 25 -7.72 19.60 -7.01
C VAL D 25 -7.74 21.11 -7.27
N VAL D 26 -8.89 21.72 -7.05
CA VAL D 26 -9.10 23.15 -7.18
C VAL D 26 -9.08 23.77 -5.79
N GLY D 27 -8.11 24.68 -5.55
CA GLY D 27 -7.92 25.26 -4.23
C GLY D 27 -6.74 24.61 -3.51
N VAL D 28 -5.65 25.34 -3.30
CA VAL D 28 -4.48 24.74 -2.65
C VAL D 28 -4.34 25.35 -1.26
N GLY D 29 -5.45 25.55 -0.58
CA GLY D 29 -5.42 25.88 0.83
C GLY D 29 -5.11 24.63 1.63
N ALA D 30 -5.33 24.73 2.94
CA ALA D 30 -5.02 23.59 3.80
C ALA D 30 -5.78 22.33 3.39
N VAL D 31 -7.07 22.48 3.07
CA VAL D 31 -7.92 21.33 2.72
C VAL D 31 -7.49 20.75 1.39
N GLY D 32 -7.25 21.61 0.40
CA GLY D 32 -6.86 21.12 -0.91
C GLY D 32 -5.55 20.34 -0.89
N MET D 33 -4.55 20.85 -0.15
CA MET D 33 -3.28 20.16 -0.07
C MET D 33 -3.37 18.85 0.74
N ALA D 34 -4.19 18.80 1.78
CA ALA D 34 -4.42 17.53 2.49
C ALA D 34 -5.07 16.52 1.56
N CYS D 35 -6.02 16.97 0.74
CA CYS D 35 -6.58 16.05 -0.27
C CYS D 35 -5.49 15.55 -1.23
N ALA D 36 -4.65 16.46 -1.70
CA ALA D 36 -3.64 16.10 -2.68
C ALA D 36 -2.62 15.12 -2.10
N ILE D 37 -2.10 15.41 -0.89
CA ILE D 37 -1.11 14.49 -0.32
C ILE D 37 -1.73 13.12 -0.04
N SER D 38 -2.99 13.07 0.45
CA SER D 38 -3.64 11.79 0.70
C SER D 38 -3.86 11.01 -0.59
N ILE D 39 -4.25 11.69 -1.66
CA ILE D 39 -4.44 11.03 -2.94
C ILE D 39 -3.11 10.50 -3.50
N LEU D 40 -2.04 11.28 -3.36
CA LEU D 40 -0.72 10.87 -3.85
C LEU D 40 -0.19 9.67 -3.09
N MET D 41 -0.39 9.64 -1.79
CA MET D 41 0.10 8.53 -1.02
C MET D 41 -0.74 7.27 -1.18
N LYS D 42 -1.94 7.34 -1.74
CA LYS D 42 -2.70 6.15 -2.05
C LYS D 42 -2.61 5.68 -3.51
N ASP D 43 -1.82 6.36 -4.36
CA ASP D 43 -1.57 5.94 -5.73
C ASP D 43 -2.85 5.86 -6.54
N LEU D 44 -3.72 6.83 -6.39
CA LEU D 44 -5.00 6.81 -7.09
C LEU D 44 -4.94 7.45 -8.47
N ALA D 45 -3.90 8.21 -8.78
CA ALA D 45 -3.85 8.99 -10.03
C ALA D 45 -2.53 8.80 -10.78
N ASP D 46 -2.61 8.84 -12.10
CA ASP D 46 -1.39 8.88 -12.89
C ASP D 46 -0.97 10.30 -13.23
N GLU D 47 -1.84 11.29 -12.96
CA GLU D 47 -1.52 12.71 -13.05
C GLU D 47 -2.39 13.47 -12.07
N LEU D 48 -1.77 14.38 -11.34
CA LEU D 48 -2.44 15.30 -10.43
C LEU D 48 -2.28 16.73 -10.92
N ALA D 49 -3.39 17.46 -11.09
CA ALA D 49 -3.34 18.86 -11.47
C ALA D 49 -3.85 19.71 -10.31
N LEU D 50 -3.16 20.80 -10.05
CA LEU D 50 -3.56 21.79 -9.05
C LEU D 50 -3.90 23.12 -9.71
N VAL D 51 -5.00 23.75 -9.28
CA VAL D 51 -5.38 25.07 -9.76
C VAL D 51 -5.75 25.94 -8.58
N ASP D 52 -5.39 27.20 -8.66
CA ASP D 52 -5.78 28.21 -7.69
C ASP D 52 -5.66 29.58 -8.39
N VAL D 53 -6.16 30.63 -7.71
CA VAL D 53 -5.93 31.99 -8.22
C VAL D 53 -4.68 32.63 -7.65
N MET D 54 -4.14 32.13 -6.53
CA MET D 54 -2.90 32.67 -5.95
C MET D 54 -1.73 31.97 -6.62
N GLU D 55 -1.12 32.65 -7.59
CA GLU D 55 -0.18 32.01 -8.51
C GLU D 55 1.10 31.56 -7.83
N ASP D 56 1.60 32.37 -6.89
CA ASP D 56 2.88 32.05 -6.26
C ASP D 56 2.75 30.87 -5.30
N LYS D 57 1.75 30.90 -4.41
CA LYS D 57 1.49 29.76 -3.53
CA LYS D 57 1.49 29.75 -3.54
C LYS D 57 1.25 28.48 -4.34
N LEU D 58 0.53 28.58 -5.45
CA LEU D 58 0.21 27.44 -6.31
C LEU D 58 1.49 26.82 -6.89
N LYS D 59 2.37 27.66 -7.42
CA LYS D 59 3.62 27.13 -7.95
C LYS D 59 4.49 26.54 -6.84
N GLY D 60 4.47 27.15 -5.65
CA GLY D 60 5.25 26.64 -4.55
C GLY D 60 4.77 25.30 -4.03
N GLU D 61 3.46 25.12 -3.96
CA GLU D 61 2.92 23.85 -3.51
C GLU D 61 3.21 22.76 -4.52
N MET D 62 3.08 23.08 -5.82
CA MET D 62 3.39 22.13 -6.89
C MET D 62 4.84 21.67 -6.82
N MET D 63 5.75 22.62 -6.67
CA MET D 63 7.16 22.29 -6.62
C MET D 63 7.50 21.43 -5.42
N ASP D 64 6.93 21.77 -4.27
CA ASP D 64 7.15 20.96 -3.06
C ASP D 64 6.70 19.52 -3.27
N LEU D 65 5.51 19.32 -3.89
CA LEU D 65 5.11 17.95 -4.20
C LEU D 65 6.05 17.29 -5.21
N GLN D 66 6.44 18.02 -6.27
CA GLN D 66 7.29 17.44 -7.30
C GLN D 66 8.62 16.96 -6.73
N HIS D 67 9.15 17.68 -5.77
CA HIS D 67 10.43 17.31 -5.15
C HIS D 67 10.33 15.98 -4.40
N GLY D 68 9.12 15.52 -4.11
CA GLY D 68 8.94 14.23 -3.47
C GLY D 68 8.67 13.10 -4.43
N SER D 69 8.83 13.33 -5.73
CA SER D 69 8.43 12.35 -6.74
C SER D 69 9.09 11.00 -6.54
N LEU D 70 10.36 11.02 -6.15
CA LEU D 70 11.07 9.78 -5.93
C LEU D 70 10.31 8.87 -4.99
N PHE D 71 9.56 9.45 -4.04
CA PHE D 71 8.90 8.69 -2.99
C PHE D 71 7.45 8.37 -3.34
N LEU D 72 7.00 8.77 -4.51
CA LEU D 72 5.62 8.56 -4.97
C LEU D 72 5.59 7.66 -6.21
N ARG D 73 4.39 7.30 -6.63
CA ARG D 73 4.13 6.56 -7.87
C ARG D 73 3.07 7.30 -8.69
N THR D 74 3.10 8.61 -8.64
CA THR D 74 2.32 9.51 -9.50
C THR D 74 3.33 10.28 -10.32
N PRO D 75 3.50 9.97 -11.60
CA PRO D 75 4.65 10.48 -12.36
C PRO D 75 4.53 11.92 -12.83
N LYS D 76 3.35 12.53 -12.82
CA LYS D 76 3.19 13.86 -13.38
C LYS D 76 2.32 14.71 -12.44
N ILE D 77 2.87 15.80 -11.92
CA ILE D 77 2.14 16.79 -11.14
C ILE D 77 2.26 18.14 -11.86
N VAL D 78 1.13 18.78 -12.14
CA VAL D 78 1.12 20.01 -12.90
C VAL D 78 0.26 21.01 -12.18
N SER D 79 0.39 22.30 -12.55
CA SER D 79 -0.45 23.32 -11.92
C SER D 79 -0.50 24.57 -12.80
N GLY D 80 -1.51 25.38 -12.58
CA GLY D 80 -1.61 26.63 -13.30
C GLY D 80 -2.91 27.32 -12.95
N LYS D 81 -2.92 28.61 -13.23
CA LYS D 81 -4.14 29.40 -13.08
C LYS D 81 -5.12 29.07 -14.20
N ASP D 82 -4.62 28.63 -15.34
CA ASP D 82 -5.46 28.34 -16.50
C ASP D 82 -5.93 26.89 -16.46
N TYR D 83 -7.21 26.68 -16.67
CA TYR D 83 -7.78 25.33 -16.51
C TYR D 83 -7.38 24.37 -17.61
N SER D 84 -6.63 24.82 -18.62
CA SER D 84 -6.13 23.87 -19.61
C SER D 84 -5.28 22.78 -18.98
N VAL D 85 -4.64 23.08 -17.85
CA VAL D 85 -3.84 22.05 -17.14
C VAL D 85 -4.72 20.94 -16.54
N THR D 86 -6.03 21.16 -16.42
CA THR D 86 -6.95 20.18 -15.84
C THR D 86 -7.59 19.27 -16.88
N ALA D 87 -7.27 19.45 -18.17
CA ALA D 87 -7.97 18.74 -19.24
C ALA D 87 -8.00 17.24 -19.03
N ASN D 88 -9.13 16.61 -19.33
CA ASN D 88 -9.26 15.15 -19.31
C ASN D 88 -9.09 14.56 -17.91
N SER D 89 -9.50 15.30 -16.89
CA SER D 89 -9.57 14.72 -15.56
C SER D 89 -10.73 13.75 -15.46
N LYS D 90 -10.51 12.63 -14.76
CA LYS D 90 -11.62 11.74 -14.38
C LYS D 90 -12.42 12.29 -13.21
N LEU D 91 -11.74 12.99 -12.33
CA LEU D 91 -12.31 13.44 -11.06
C LEU D 91 -11.75 14.82 -10.76
N VAL D 92 -12.62 15.76 -10.42
CA VAL D 92 -12.23 17.12 -10.06
C VAL D 92 -12.76 17.40 -8.68
N ILE D 93 -11.87 17.75 -7.76
CA ILE D 93 -12.20 17.99 -6.36
C ILE D 93 -12.17 19.50 -6.12
N ILE D 94 -13.28 20.10 -5.66
CA ILE D 94 -13.41 21.55 -5.44
C ILE D 94 -13.31 21.83 -3.94
N THR D 95 -12.22 22.48 -3.53
CA THR D 95 -12.04 22.89 -2.15
C THR D 95 -11.90 24.40 -2.05
N ALA D 96 -12.15 25.14 -3.13
CA ALA D 96 -12.00 26.60 -3.07
C ALA D 96 -13.16 27.25 -2.33
N GLY D 97 -12.85 28.34 -1.63
CA GLY D 97 -13.89 29.13 -0.98
C GLY D 97 -13.33 30.46 -0.52
N ALA D 98 -14.21 31.30 0.00
CA ALA D 98 -13.85 32.63 0.49
C ALA D 98 -13.99 32.73 2.01
N ARG D 99 -13.09 33.51 2.62
CA ARG D 99 -13.09 33.75 4.07
C ARG D 99 -14.10 34.84 4.44
N GLN D 100 -14.71 34.70 5.63
CA GLN D 100 -16.05 35.23 5.86
C GLN D 100 -16.23 35.87 7.24
N GLN D 101 -15.26 36.66 7.73
CA GLN D 101 -15.40 37.23 9.08
C GLN D 101 -14.86 38.67 9.14
N GLU D 102 -15.56 39.60 8.49
CA GLU D 102 -15.23 41.02 8.53
C GLU D 102 -16.51 41.85 8.74
N GLY D 103 -17.27 41.52 9.77
CA GLY D 103 -18.57 42.14 10.00
C GLY D 103 -19.53 41.95 8.85
N GLU D 104 -19.53 40.75 8.26
CA GLU D 104 -20.25 40.50 7.01
C GLU D 104 -21.29 39.41 7.19
N SER D 105 -22.46 39.62 6.59
CA SER D 105 -23.51 38.63 6.63
C SER D 105 -23.05 37.36 5.90
N ARG D 106 -23.54 36.21 6.37
CA ARG D 106 -23.16 34.97 5.71
C ARG D 106 -24.00 34.72 4.47
N LEU D 107 -25.21 35.28 4.38
CA LEU D 107 -25.91 35.28 3.10
C LEU D 107 -25.07 35.96 2.01
N ASN D 108 -24.38 37.07 2.35
CA ASN D 108 -23.44 37.64 1.40
C ASN D 108 -22.26 36.72 1.18
N LEU D 109 -21.85 35.99 2.20
CA LEU D 109 -20.70 35.11 2.06
C LEU D 109 -21.01 33.99 1.08
N VAL D 110 -22.03 33.20 1.40
CA VAL D 110 -22.48 32.12 0.56
C VAL D 110 -22.56 32.65 -0.87
N GLN D 111 -23.03 33.90 -1.02
CA GLN D 111 -23.11 34.51 -2.36
C GLN D 111 -21.72 34.70 -2.96
N ARG D 112 -20.73 35.01 -2.14
CA ARG D 112 -19.37 35.17 -2.65
C ARG D 112 -18.77 33.82 -3.05
N ASN D 113 -19.07 32.74 -2.31
CA ASN D 113 -18.64 31.41 -2.75
C ASN D 113 -19.39 30.99 -4.01
N VAL D 114 -20.65 31.38 -4.13
CA VAL D 114 -21.39 31.12 -5.37
C VAL D 114 -20.70 31.79 -6.54
N ASN D 115 -20.30 33.06 -6.37
CA ASN D 115 -19.64 33.77 -7.45
C ASN D 115 -18.31 33.10 -7.79
N ILE D 116 -17.60 32.62 -6.78
CA ILE D 116 -16.39 31.83 -7.04
C ILE D 116 -16.71 30.64 -7.93
N PHE D 117 -17.77 29.87 -7.59
CA PHE D 117 -18.12 28.70 -8.38
C PHE D 117 -18.56 29.08 -9.78
N LYS D 118 -19.11 30.29 -9.95
CA LYS D 118 -19.55 30.72 -11.26
C LYS D 118 -18.39 30.84 -12.22
N PHE D 119 -17.19 31.08 -11.70
CA PHE D 119 -15.96 31.09 -12.50
C PHE D 119 -15.34 29.70 -12.64
N ILE D 120 -15.26 28.94 -11.54
CA ILE D 120 -14.57 27.64 -11.53
C ILE D 120 -15.31 26.62 -12.40
N ILE D 121 -16.59 26.39 -12.10
CA ILE D 121 -17.28 25.25 -12.67
C ILE D 121 -17.32 25.30 -14.19
N PRO D 122 -17.65 26.43 -14.84
CA PRO D 122 -17.63 26.42 -16.31
C PRO D 122 -16.26 26.15 -16.89
N ASN D 123 -15.21 26.56 -16.21
CA ASN D 123 -13.87 26.25 -16.65
C ASN D 123 -13.56 24.75 -16.49
N VAL D 124 -13.97 24.15 -15.37
CA VAL D 124 -13.81 22.71 -15.18
C VAL D 124 -14.53 21.95 -16.29
N VAL D 125 -15.81 22.26 -16.56
CA VAL D 125 -16.56 21.39 -17.47
C VAL D 125 -16.07 21.55 -18.90
N LYS D 126 -15.51 22.72 -19.24
CA LYS D 126 -14.97 22.93 -20.59
C LYS D 126 -13.78 22.04 -20.87
N TYR D 127 -12.92 21.83 -19.87
CA TYR D 127 -11.75 21.00 -20.12
C TYR D 127 -11.94 19.53 -19.73
N SER D 128 -12.91 19.21 -18.89
CA SER D 128 -13.22 17.82 -18.51
C SER D 128 -14.72 17.63 -18.49
N PRO D 129 -15.37 17.59 -19.65
CA PRO D 129 -16.84 17.50 -19.68
C PRO D 129 -17.41 16.16 -19.18
N HIS D 130 -16.59 15.11 -19.03
CA HIS D 130 -17.04 13.80 -18.57
C HIS D 130 -16.57 13.48 -17.16
N CYS D 131 -15.99 14.43 -16.44
CA CYS D 131 -15.49 14.15 -15.10
C CYS D 131 -16.63 13.95 -14.11
N LYS D 132 -16.28 13.38 -12.95
CA LYS D 132 -17.07 13.49 -11.74
C LYS D 132 -16.60 14.70 -10.94
N LEU D 133 -17.54 15.46 -10.38
CA LEU D 133 -17.26 16.61 -9.52
C LEU D 133 -17.48 16.23 -8.07
N LEU D 134 -16.48 16.44 -7.23
CA LEU D 134 -16.60 16.19 -5.80
C LEU D 134 -16.42 17.53 -5.09
N VAL D 135 -17.47 18.01 -4.46
CA VAL D 135 -17.47 19.34 -3.84
C VAL D 135 -17.20 19.19 -2.34
N VAL D 136 -16.15 19.85 -1.88
CA VAL D 136 -15.81 19.85 -0.49
C VAL D 136 -16.06 21.21 0.19
N SER D 137 -16.02 22.31 -0.57
CA SER D 137 -16.20 23.66 -0.03
C SER D 137 -17.47 23.83 0.79
N ASN D 138 -17.38 24.59 1.86
CA ASN D 138 -18.55 24.84 2.70
C ASN D 138 -19.31 26.13 2.28
N PRO D 139 -20.65 26.17 2.49
CA PRO D 139 -21.58 25.13 2.98
C PRO D 139 -21.82 24.06 1.93
N VAL D 140 -21.42 22.83 2.25
CA VAL D 140 -21.18 21.87 1.19
C VAL D 140 -22.47 21.47 0.48
N ASP D 141 -23.57 21.35 1.20
CA ASP D 141 -24.80 20.93 0.56
C ASP D 141 -25.32 21.96 -0.44
N ILE D 142 -25.24 23.24 -0.10
CA ILE D 142 -25.64 24.32 -1.03
C ILE D 142 -24.67 24.40 -2.19
N LEU D 143 -23.37 24.33 -1.91
CA LEU D 143 -22.45 24.49 -3.02
C LEU D 143 -22.43 23.28 -3.93
N THR D 144 -22.81 22.08 -3.44
CA THR D 144 -22.93 20.96 -4.37
C THR D 144 -24.09 21.20 -5.33
N TYR D 145 -25.20 21.73 -4.81
CA TYR D 145 -26.32 22.15 -5.67
C TYR D 145 -25.89 23.19 -6.71
N VAL D 146 -25.16 24.23 -6.28
CA VAL D 146 -24.69 25.26 -7.20
C VAL D 146 -23.85 24.64 -8.30
N ALA D 147 -22.92 23.75 -7.93
CA ALA D 147 -22.09 23.08 -8.93
C ALA D 147 -22.93 22.29 -9.92
N TRP D 148 -23.97 21.62 -9.43
CA TRP D 148 -24.83 20.83 -10.28
C TRP D 148 -25.59 21.72 -11.28
N LYS D 149 -26.14 22.83 -10.80
CA LYS D 149 -26.87 23.76 -11.67
C LYS D 149 -25.97 24.38 -12.73
N ILE D 150 -24.80 24.88 -12.33
CA ILE D 150 -23.91 25.51 -13.29
C ILE D 150 -23.35 24.49 -14.28
N SER D 151 -22.98 23.31 -13.80
CA SER D 151 -22.30 22.39 -14.71
C SER D 151 -23.22 21.84 -15.77
N GLY D 152 -24.49 21.67 -15.43
CA GLY D 152 -25.37 20.89 -16.27
C GLY D 152 -25.09 19.40 -16.26
N PHE D 153 -24.25 18.91 -15.34
CA PHE D 153 -23.96 17.48 -15.27
C PHE D 153 -25.17 16.69 -14.77
N PRO D 154 -25.29 15.42 -15.18
CA PRO D 154 -26.30 14.56 -14.55
C PRO D 154 -25.97 14.38 -13.09
N LYS D 155 -27.02 14.15 -12.29
CA LYS D 155 -26.82 14.12 -10.85
C LYS D 155 -25.88 12.99 -10.38
N ASN D 156 -25.72 11.89 -11.13
CA ASN D 156 -24.79 10.86 -10.67
C ASN D 156 -23.35 11.37 -10.62
N ARG D 157 -23.02 12.45 -11.35
CA ARG D 157 -21.64 12.92 -11.47
C ARG D 157 -21.32 14.14 -10.64
N VAL D 158 -22.20 14.57 -9.75
CA VAL D 158 -21.97 15.71 -8.88
C VAL D 158 -22.23 15.25 -7.46
N ILE D 159 -21.17 15.20 -6.67
CA ILE D 159 -21.15 14.57 -5.36
C ILE D 159 -20.67 15.62 -4.36
N GLY D 160 -21.28 15.68 -3.19
CA GLY D 160 -20.77 16.49 -2.09
C GLY D 160 -20.14 15.63 -1.01
N SER D 161 -19.06 16.10 -0.40
CA SER D 161 -18.46 15.29 0.65
C SER D 161 -19.43 15.08 1.80
N GLY D 162 -20.37 15.99 1.99
CA GLY D 162 -21.49 15.76 2.89
C GLY D 162 -21.09 15.27 4.27
N CYS D 163 -21.70 14.17 4.71
CA CYS D 163 -21.52 13.65 6.07
C CYS D 163 -20.52 12.51 6.14
N ASN D 164 -19.68 12.33 5.11
CA ASN D 164 -18.70 11.26 5.14
C ASN D 164 -17.76 11.43 6.33
N LEU D 165 -17.25 12.63 6.54
CA LEU D 165 -16.34 12.83 7.65
C LEU D 165 -17.09 12.82 8.99
N ASP D 166 -18.29 13.39 9.05
CA ASP D 166 -19.08 13.34 10.29
C ASP D 166 -19.30 11.91 10.75
N SER D 167 -19.65 11.00 9.82
CA SER D 167 -19.80 9.60 10.20
C SER D 167 -18.49 9.00 10.67
N ALA D 168 -17.38 9.36 10.03
CA ALA D 168 -16.09 8.82 10.50
C ALA D 168 -15.74 9.31 11.89
N ARG D 169 -15.95 10.59 12.16
CA ARG D 169 -15.76 11.11 13.52
C ARG D 169 -16.64 10.39 14.52
N PHE D 170 -17.89 10.15 14.16
CA PHE D 170 -18.81 9.40 15.02
C PHE D 170 -18.29 7.99 15.33
N ARG D 171 -17.83 7.28 14.28
CA ARG D 171 -17.30 5.93 14.47
C ARG D 171 -16.04 5.95 15.34
N TYR D 172 -15.20 6.96 15.18
CA TYR D 172 -14.05 7.07 16.05
C TYR D 172 -14.46 7.23 17.51
N LEU D 173 -15.43 8.11 17.78
CA LEU D 173 -15.83 8.36 19.16
C LEU D 173 -16.57 7.15 19.74
N MET D 174 -17.43 6.52 18.93
CA MET D 174 -18.05 5.26 19.36
C MET D 174 -17.00 4.22 19.76
N GLY D 175 -15.95 4.07 18.93
CA GLY D 175 -14.89 3.10 19.24
C GLY D 175 -14.06 3.44 20.46
N GLU D 176 -13.79 4.73 20.66
CA GLU D 176 -13.13 5.13 21.90
C GLU D 176 -13.98 4.74 23.12
N ARG D 177 -15.31 4.84 23.01
CA ARG D 177 -16.17 4.46 24.14
C ARG D 177 -16.25 2.95 24.32
N LEU D 178 -16.29 2.19 23.22
CA LEU D 178 -16.50 0.74 23.31
C LEU D 178 -15.21 -0.07 23.34
N GLY D 179 -14.05 0.56 23.11
CA GLY D 179 -12.77 -0.15 23.16
C GLY D 179 -12.45 -0.96 21.92
N VAL D 180 -12.96 -0.55 20.76
CA VAL D 180 -12.68 -1.22 19.50
C VAL D 180 -12.35 -0.16 18.44
N HIS D 181 -11.73 -0.61 17.35
CA HIS D 181 -11.38 0.26 16.23
C HIS D 181 -12.63 0.82 15.55
N ALA D 182 -12.50 2.04 15.03
CA ALA D 182 -13.60 2.66 14.29
C ALA D 182 -14.06 1.78 13.13
N LEU D 183 -13.15 1.06 12.48
CA LEU D 183 -13.53 0.12 11.43
C LEU D 183 -14.63 -0.84 11.88
N SER D 184 -14.64 -1.23 13.15
CA SER D 184 -15.59 -2.23 13.64
C SER D 184 -16.85 -1.63 14.28
N CYS D 185 -16.94 -0.29 14.40
CA CYS D 185 -18.14 0.40 14.88
C CYS D 185 -18.87 0.97 13.68
N HIS D 186 -20.13 0.66 13.55
CA HIS D 186 -20.89 1.14 12.40
C HIS D 186 -21.99 2.07 12.89
N GLY D 187 -22.17 3.17 12.17
CA GLY D 187 -23.06 4.25 12.55
C GLY D 187 -23.09 5.31 11.48
N TRP D 188 -24.28 5.82 11.19
CA TRP D 188 -24.54 6.68 10.05
C TRP D 188 -25.10 8.03 10.51
N ILE D 189 -24.42 9.11 10.12
CA ILE D 189 -24.91 10.49 10.25
C ILE D 189 -25.36 10.90 8.86
N LEU D 190 -26.62 11.27 8.72
CA LEU D 190 -27.23 11.61 7.44
C LEU D 190 -27.74 13.05 7.44
N GLY D 191 -28.20 13.50 6.28
CA GLY D 191 -28.86 14.78 6.15
C GLY D 191 -27.94 15.94 5.82
N GLU D 192 -28.18 17.09 6.47
CA GLU D 192 -27.36 18.28 6.32
C GLU D 192 -26.05 18.14 7.07
N HIS D 193 -24.95 18.36 6.39
CA HIS D 193 -23.67 18.51 7.08
C HIS D 193 -23.77 19.75 7.95
N GLY D 194 -23.57 19.56 9.24
CA GLY D 194 -23.65 20.64 10.20
C GLY D 194 -24.53 20.30 11.38
N ASP D 195 -25.06 21.38 11.95
CA ASP D 195 -25.75 21.30 13.24
C ASP D 195 -26.99 20.48 13.16
N SER D 196 -27.63 20.40 11.99
CA SER D 196 -28.89 19.68 11.89
C SER D 196 -28.74 18.30 11.26
N SER D 197 -27.55 17.71 11.27
CA SER D 197 -27.40 16.35 10.77
C SER D 197 -28.13 15.36 11.67
N VAL D 198 -28.48 14.21 11.11
CA VAL D 198 -29.35 13.22 11.74
C VAL D 198 -28.54 11.97 12.03
N PRO D 199 -28.24 11.65 13.29
CA PRO D 199 -27.65 10.35 13.60
C PRO D 199 -28.74 9.28 13.58
N VAL D 200 -28.49 8.18 12.85
CA VAL D 200 -29.48 7.12 12.68
C VAL D 200 -29.21 6.08 13.76
N TRP D 201 -29.81 6.32 14.94
CA TRP D 201 -29.55 5.51 16.12
C TRP D 201 -29.89 4.04 15.87
N SER D 202 -30.90 3.77 15.06
CA SER D 202 -31.33 2.41 14.79
C SER D 202 -30.27 1.58 14.10
N GLY D 203 -29.36 2.22 13.38
CA GLY D 203 -28.38 1.47 12.63
C GLY D 203 -27.07 1.22 13.31
N MET D 204 -26.85 1.79 14.48
CA MET D 204 -25.55 1.72 15.12
C MET D 204 -25.33 0.34 15.65
N ASN D 205 -24.18 -0.26 15.31
CA ASN D 205 -23.97 -1.66 15.65
C ASN D 205 -22.49 -1.96 15.67
N VAL D 206 -22.17 -3.00 16.42
CA VAL D 206 -20.91 -3.69 16.38
C VAL D 206 -21.23 -5.16 16.08
N ALA D 207 -20.58 -5.71 15.06
CA ALA D 207 -20.78 -7.12 14.71
C ALA D 207 -22.24 -7.46 14.44
N GLY D 208 -22.98 -6.53 13.86
CA GLY D 208 -24.39 -6.77 13.57
C GLY D 208 -25.32 -6.70 14.77
N VAL D 209 -24.81 -6.39 15.95
CA VAL D 209 -25.60 -6.26 17.18
C VAL D 209 -26.06 -4.80 17.30
N SER D 210 -27.37 -4.58 17.20
CA SER D 210 -27.98 -3.25 17.34
C SER D 210 -27.82 -2.74 18.77
N LEU D 211 -27.08 -1.64 18.91
CA LEU D 211 -26.89 -1.03 20.23
C LEU D 211 -28.20 -0.51 20.81
N LYS D 212 -29.15 -0.09 19.97
CA LYS D 212 -30.39 0.45 20.51
C LYS D 212 -31.26 -0.68 21.06
N THR D 213 -31.28 -1.84 20.40
CA THR D 213 -31.99 -3.00 20.95
C THR D 213 -31.40 -3.42 22.29
N LEU D 214 -30.09 -3.28 22.44
CA LEU D 214 -29.42 -3.65 23.67
C LEU D 214 -29.57 -2.57 24.74
N HIS D 215 -29.77 -1.32 24.33
CA HIS D 215 -29.75 -0.18 25.24
C HIS D 215 -30.84 0.77 24.78
N PRO D 216 -32.10 0.46 25.08
CA PRO D 216 -33.22 1.16 24.42
C PRO D 216 -33.25 2.66 24.69
N GLU D 217 -32.51 3.15 25.68
CA GLU D 217 -32.31 4.58 25.98
C GLU D 217 -31.44 5.29 24.94
N LEU D 218 -30.87 4.56 23.98
CA LEU D 218 -29.88 5.13 23.08
C LEU D 218 -30.47 6.24 22.22
N GLY D 219 -29.84 7.42 22.25
CA GLY D 219 -30.25 8.56 21.46
C GLY D 219 -31.22 9.52 22.13
N THR D 220 -31.62 9.24 23.37
CA THR D 220 -32.52 10.09 24.14
C THR D 220 -31.73 10.83 25.22
N ASP D 221 -32.32 11.91 25.76
CA ASP D 221 -31.74 12.59 26.91
C ASP D 221 -31.84 11.73 28.17
N ALA D 222 -32.80 10.81 28.21
CA ALA D 222 -33.05 9.94 29.37
C ALA D 222 -31.95 8.89 29.53
N ASP D 223 -30.93 8.93 28.69
CA ASP D 223 -29.86 7.95 28.73
C ASP D 223 -28.85 8.37 29.79
N LYS D 224 -28.60 7.50 30.78
CA LYS D 224 -27.61 7.83 31.79
C LYS D 224 -26.22 8.00 31.18
N GLU D 225 -25.94 7.34 30.03
CA GLU D 225 -24.64 7.40 29.38
C GLU D 225 -24.52 8.52 28.34
N GLN D 226 -25.61 9.19 28.00
CA GLN D 226 -25.64 10.36 27.12
C GLN D 226 -24.95 10.14 25.77
N TRP D 227 -25.41 9.12 25.05
CA TRP D 227 -24.90 8.90 23.70
C TRP D 227 -25.31 10.03 22.77
N LYS D 228 -26.42 10.69 23.05
CA LYS D 228 -26.80 11.90 22.32
C LYS D 228 -25.69 12.94 22.32
N GLN D 229 -24.91 12.99 23.40
CA GLN D 229 -23.80 13.95 23.48
C GLN D 229 -22.70 13.63 22.46
N VAL D 230 -22.56 12.37 22.08
CA VAL D 230 -21.57 12.01 21.06
C VAL D 230 -21.91 12.68 19.74
N HIS D 231 -23.19 12.71 19.36
CA HIS D 231 -23.54 13.41 18.14
C HIS D 231 -23.24 14.89 18.27
N LYS D 232 -23.49 15.46 19.45
CA LYS D 232 -23.17 16.87 19.68
C LYS D 232 -21.69 17.11 19.50
N GLN D 233 -20.89 16.15 19.94
CA GLN D 233 -19.43 16.23 19.83
C GLN D 233 -18.98 16.21 18.36
N VAL D 234 -19.61 15.35 17.56
CA VAL D 234 -19.34 15.34 16.13
C VAL D 234 -19.69 16.70 15.52
N VAL D 235 -20.86 17.23 15.85
CA VAL D 235 -21.31 18.52 15.31
C VAL D 235 -20.32 19.62 15.68
N ASP D 236 -19.78 19.56 16.90
CA ASP D 236 -18.88 20.58 17.43
C ASP D 236 -17.42 20.38 17.06
N SER D 237 -17.04 19.21 16.53
CA SER D 237 -15.62 18.86 16.42
C SER D 237 -14.87 19.83 15.53
N ALA D 238 -15.44 20.17 14.37
CA ALA D 238 -14.70 21.10 13.51
C ALA D 238 -14.48 22.45 14.19
N TYR D 239 -15.48 22.94 14.94
CA TYR D 239 -15.30 24.20 15.67
C TYR D 239 -14.22 24.08 16.73
N GLU D 240 -14.19 22.95 17.46
CA GLU D 240 -13.16 22.80 18.49
C GLU D 240 -11.78 22.75 17.86
N VAL D 241 -11.62 22.03 16.74
CA VAL D 241 -10.31 21.98 16.11
C VAL D 241 -9.89 23.36 15.60
N ILE D 242 -10.83 24.08 14.98
CA ILE D 242 -10.56 25.44 14.52
C ILE D 242 -10.14 26.34 15.68
N LYS D 243 -10.78 26.19 16.83
CA LYS D 243 -10.42 27.06 17.95
C LYS D 243 -9.02 26.77 18.44
N LEU D 244 -8.57 25.51 18.33
CA LEU D 244 -7.27 25.11 18.84
C LEU D 244 -6.14 25.37 17.82
N LYS D 245 -6.33 25.03 16.55
CA LYS D 245 -5.23 25.17 15.58
C LYS D 245 -5.56 26.13 14.45
N GLY D 246 -6.81 26.61 14.34
CA GLY D 246 -7.18 27.66 13.39
C GLY D 246 -7.95 27.18 12.17
N TYR D 247 -7.88 25.89 11.85
CA TYR D 247 -8.53 25.30 10.69
C TYR D 247 -8.48 23.78 10.89
N THR D 248 -9.18 23.05 10.03
CA THR D 248 -9.05 21.60 9.99
C THR D 248 -8.60 21.17 8.60
N SER D 249 -7.90 20.05 8.53
CA SER D 249 -7.40 19.66 7.22
C SER D 249 -7.19 18.16 7.10
N TRP D 250 -6.54 17.53 8.08
CA TRP D 250 -6.06 16.16 7.89
C TRP D 250 -7.21 15.16 7.73
N ALA D 251 -8.20 15.22 8.60
CA ALA D 251 -9.29 14.25 8.54
C ALA D 251 -10.10 14.40 7.25
N ILE D 252 -10.40 15.65 6.85
CA ILE D 252 -11.15 15.86 5.62
C ILE D 252 -10.36 15.36 4.43
N GLY D 253 -9.04 15.55 4.43
CA GLY D 253 -8.25 15.04 3.32
C GLY D 253 -8.33 13.53 3.21
N LEU D 254 -8.18 12.85 4.32
CA LEU D 254 -8.27 11.39 4.32
C LEU D 254 -9.64 10.92 3.87
N SER D 255 -10.69 11.61 4.31
CA SER D 255 -12.06 11.22 3.93
C SER D 255 -12.28 11.41 2.44
N VAL D 256 -11.77 12.50 1.87
CA VAL D 256 -11.89 12.75 0.43
C VAL D 256 -11.13 11.69 -0.37
N ALA D 257 -9.92 11.31 0.09
CA ALA D 257 -9.17 10.29 -0.61
C ALA D 257 -9.89 8.94 -0.58
N ASP D 258 -10.61 8.64 0.50
CA ASP D 258 -11.42 7.43 0.57
C ASP D 258 -12.53 7.44 -0.47
N LEU D 259 -13.22 8.58 -0.62
CA LEU D 259 -14.21 8.70 -1.69
C LEU D 259 -13.56 8.60 -3.06
N ALA D 260 -12.40 9.24 -3.25
CA ALA D 260 -11.72 9.15 -4.53
C ALA D 260 -11.33 7.71 -4.84
N GLU D 261 -10.94 6.94 -3.84
CA GLU D 261 -10.60 5.55 -4.08
C GLU D 261 -11.79 4.75 -4.60
N SER D 262 -12.98 4.93 -4.00
CA SER D 262 -14.16 4.25 -4.48
C SER D 262 -14.48 4.60 -5.92
N ILE D 263 -14.35 5.89 -6.28
CA ILE D 263 -14.60 6.35 -7.64
C ILE D 263 -13.58 5.76 -8.62
N MET D 264 -12.29 5.95 -8.33
CA MET D 264 -11.25 5.60 -9.31
C MET D 264 -11.14 4.08 -9.52
N LYS D 265 -11.35 3.27 -8.48
CA LYS D 265 -11.30 1.80 -8.57
C LYS D 265 -12.66 1.16 -8.75
N ASN D 266 -13.71 1.95 -8.94
CA ASN D 266 -15.05 1.42 -9.22
C ASN D 266 -15.53 0.43 -8.15
N LEU D 267 -15.32 0.76 -6.88
CA LEU D 267 -15.53 -0.23 -5.82
C LEU D 267 -17.01 -0.51 -5.51
N ARG D 268 -17.89 0.47 -5.75
CA ARG D 268 -19.31 0.36 -5.36
C ARG D 268 -19.45 0.09 -3.87
N ARG D 269 -18.63 0.78 -3.10
CA ARG D 269 -18.80 0.89 -1.67
C ARG D 269 -19.89 1.93 -1.37
N VAL D 270 -20.49 1.81 -0.20
CA VAL D 270 -21.54 2.71 0.25
C VAL D 270 -20.96 3.76 1.19
N HIS D 271 -21.22 5.02 0.88
CA HIS D 271 -20.71 6.16 1.64
C HIS D 271 -21.82 7.15 1.94
N PRO D 272 -21.79 7.81 3.10
CA PRO D 272 -22.77 8.86 3.37
C PRO D 272 -22.35 10.18 2.79
N ILE D 273 -22.73 10.46 1.54
CA ILE D 273 -22.29 11.65 0.82
C ILE D 273 -23.54 12.30 0.28
N SER D 274 -23.39 13.53 -0.17
CA SER D 274 -24.56 14.34 -0.50
C SER D 274 -24.89 14.22 -1.97
N THR D 275 -26.17 13.94 -2.25
CA THR D 275 -26.66 13.66 -3.58
C THR D 275 -27.99 14.39 -3.76
N MET D 276 -28.39 14.56 -5.01
CA MET D 276 -29.62 15.27 -5.32
C MET D 276 -30.76 14.34 -5.00
N LEU D 277 -31.49 14.59 -3.93
CA LEU D 277 -32.40 13.55 -3.51
C LEU D 277 -33.87 13.88 -3.76
N LYS D 278 -34.16 14.83 -4.64
CA LYS D 278 -35.54 15.05 -5.02
C LYS D 278 -36.22 13.72 -5.36
N GLY D 279 -37.44 13.55 -4.86
CA GLY D 279 -38.17 12.35 -5.18
C GLY D 279 -37.85 11.17 -4.28
N LEU D 280 -36.90 11.31 -3.36
CA LEU D 280 -36.55 10.24 -2.43
C LEU D 280 -36.71 10.77 -1.02
N TYR D 281 -36.88 9.86 -0.07
CA TYR D 281 -36.99 10.17 1.36
C TYR D 281 -38.02 11.26 1.65
N GLY D 282 -39.07 11.36 0.82
CA GLY D 282 -40.12 12.36 1.00
C GLY D 282 -39.79 13.78 0.54
N ILE D 283 -38.66 14.02 -0.14
CA ILE D 283 -38.22 15.37 -0.50
C ILE D 283 -38.75 15.71 -1.88
N LYS D 284 -39.35 16.90 -2.01
CA LYS D 284 -39.86 17.35 -3.30
C LYS D 284 -39.04 18.46 -3.96
N GLU D 285 -38.05 19.04 -3.29
CA GLU D 285 -37.24 20.11 -3.88
C GLU D 285 -35.89 19.61 -4.36
N ASP D 286 -35.29 20.39 -5.28
CA ASP D 286 -33.92 20.23 -5.75
C ASP D 286 -32.94 20.59 -4.64
N VAL D 287 -32.68 19.65 -3.73
CA VAL D 287 -31.67 19.86 -2.69
C VAL D 287 -30.79 18.63 -2.59
N PHE D 288 -29.57 18.85 -2.08
CA PHE D 288 -28.58 17.80 -1.85
C PHE D 288 -28.49 17.56 -0.36
N LEU D 289 -28.60 16.31 0.04
CA LEU D 289 -28.35 15.99 1.42
C LEU D 289 -27.67 14.63 1.46
N SER D 290 -27.10 14.30 2.61
CA SER D 290 -26.36 13.05 2.72
C SER D 290 -27.27 11.84 2.98
N VAL D 291 -27.12 10.82 2.14
CA VAL D 291 -27.74 9.52 2.30
C VAL D 291 -26.69 8.47 1.93
N PRO D 292 -26.85 7.21 2.34
CA PRO D 292 -25.83 6.21 1.93
C PRO D 292 -25.92 5.95 0.44
N CYS D 293 -24.83 6.25 -0.28
CA CYS D 293 -24.81 6.12 -1.71
C CYS D 293 -23.77 5.10 -2.16
N VAL D 294 -24.07 4.41 -3.26
CA VAL D 294 -23.14 3.44 -3.87
C VAL D 294 -22.29 4.21 -4.87
N LEU D 295 -20.98 4.23 -4.65
CA LEU D 295 -20.07 5.11 -5.36
C LEU D 295 -19.06 4.29 -6.16
N GLY D 296 -18.96 4.60 -7.44
CA GLY D 296 -18.08 3.91 -8.38
C GLY D 296 -17.68 4.80 -9.54
N GLN D 297 -17.30 4.18 -10.65
CA GLN D 297 -16.64 4.93 -11.71
C GLN D 297 -17.57 5.86 -12.44
N ASN D 298 -18.87 5.69 -12.29
CA ASN D 298 -19.84 6.60 -12.86
C ASN D 298 -20.44 7.52 -11.81
N GLY D 299 -19.76 7.66 -10.67
CA GLY D 299 -20.29 8.43 -9.57
C GLY D 299 -21.29 7.65 -8.75
N ILE D 300 -22.38 8.31 -8.40
CA ILE D 300 -23.41 7.73 -7.56
C ILE D 300 -24.37 7.01 -8.50
N SER D 301 -24.43 5.68 -8.39
CA SER D 301 -25.27 4.87 -9.25
C SER D 301 -26.53 4.37 -8.57
N ASP D 302 -26.57 4.39 -7.23
CA ASP D 302 -27.69 3.88 -6.46
C ASP D 302 -27.67 4.54 -5.09
N VAL D 303 -28.85 4.61 -4.47
CA VAL D 303 -29.01 5.13 -3.12
C VAL D 303 -29.67 4.07 -2.24
N VAL D 304 -29.12 3.86 -1.06
CA VAL D 304 -29.69 2.93 -0.11
C VAL D 304 -30.87 3.62 0.57
N LYS D 305 -31.98 2.89 0.70
CA LYS D 305 -33.18 3.42 1.33
C LYS D 305 -33.18 3.02 2.80
N VAL D 306 -32.73 3.93 3.64
CA VAL D 306 -32.66 3.66 5.07
C VAL D 306 -34.08 3.75 5.64
N THR D 307 -34.41 2.84 6.55
CA THR D 307 -35.70 2.91 7.24
C THR D 307 -35.58 3.92 8.36
N LEU D 308 -36.19 5.07 8.18
CA LEU D 308 -36.08 6.14 9.16
C LEU D 308 -37.36 6.18 9.99
N THR D 309 -37.22 6.65 11.23
CA THR D 309 -38.37 7.02 12.02
C THR D 309 -39.06 8.24 11.42
N SER D 310 -40.32 8.43 11.77
CA SER D 310 -41.03 9.61 11.30
C SER D 310 -40.38 10.88 11.80
N GLU D 311 -39.75 10.80 12.97
CA GLU D 311 -39.02 11.93 13.50
C GLU D 311 -37.80 12.25 12.62
N GLU D 312 -36.96 11.23 12.38
CA GLU D 312 -35.81 11.37 11.49
C GLU D 312 -36.24 11.91 10.12
N GLU D 313 -37.30 11.34 9.55
CA GLU D 313 -37.72 11.84 8.24
C GLU D 313 -38.10 13.31 8.30
N ALA D 314 -38.70 13.75 9.43
CA ALA D 314 -39.15 15.12 9.57
C ALA D 314 -37.97 16.08 9.64
N HIS D 315 -36.89 15.66 10.31
CA HIS D 315 -35.64 16.42 10.28
C HIS D 315 -35.15 16.63 8.85
N LEU D 316 -35.09 15.56 8.06
CA LEU D 316 -34.59 15.70 6.68
C LEU D 316 -35.47 16.66 5.89
N LYS D 317 -36.78 16.60 6.11
CA LYS D 317 -37.65 17.43 5.28
C LYS D 317 -37.53 18.89 5.67
N LYS D 318 -37.18 19.15 6.92
CA LYS D 318 -36.99 20.52 7.43
C LYS D 318 -35.73 21.12 6.83
N SER D 319 -34.62 20.38 6.91
CA SER D 319 -33.40 20.73 6.18
C SER D 319 -33.70 21.04 4.72
N ALA D 320 -34.34 20.11 4.02
CA ALA D 320 -34.64 20.33 2.61
C ALA D 320 -35.37 21.65 2.39
N ASP D 321 -36.32 21.96 3.28
CA ASP D 321 -37.03 23.24 3.19
C ASP D 321 -36.07 24.40 3.45
N THR D 322 -35.21 24.27 4.46
CA THR D 322 -34.20 25.28 4.75
C THR D 322 -33.29 25.53 3.55
N LEU D 323 -32.65 24.47 3.04
CA LEU D 323 -31.73 24.62 1.93
C LEU D 323 -32.42 25.24 0.73
N TRP D 324 -33.64 24.76 0.42
CA TRP D 324 -34.34 25.28 -0.74
C TRP D 324 -34.65 26.76 -0.56
N GLY D 325 -34.86 27.20 0.68
CA GLY D 325 -35.12 28.61 0.96
C GLY D 325 -33.90 29.49 0.78
N ILE D 326 -32.73 28.98 1.12
CA ILE D 326 -31.49 29.71 0.85
C ILE D 326 -31.23 29.71 -0.66
N GLN D 327 -31.36 28.56 -1.30
CA GLN D 327 -31.07 28.46 -2.73
C GLN D 327 -31.94 29.37 -3.57
N LYS D 328 -33.23 29.46 -3.24
CA LYS D 328 -34.15 30.28 -4.03
C LYS D 328 -33.67 31.72 -4.14
N GLU D 329 -32.97 32.24 -3.13
CA GLU D 329 -32.49 33.62 -3.13
C GLU D 329 -31.01 33.74 -3.54
N LEU D 330 -30.54 32.82 -4.38
CA LEU D 330 -29.25 32.88 -5.06
C LEU D 330 -29.52 33.20 -6.53
N GLN D 331 -28.46 33.39 -7.31
CA GLN D 331 -28.62 33.79 -8.72
C GLN D 331 -27.60 33.07 -9.60
N PHE D 332 -28.08 32.30 -10.57
CA PHE D 332 -27.25 31.68 -11.60
C PHE D 332 -27.76 31.96 -13.02
PA NAI E . 1.64 -24.73 -16.02
O1A NAI E . 1.73 -26.09 -16.63
O2A NAI E . 1.41 -24.80 -14.50
O5B NAI E . 0.41 -23.84 -16.71
C5B NAI E . 0.47 -23.60 -18.11
C4B NAI E . -1.03 -23.17 -18.43
O4B NAI E . -1.12 -22.88 -19.71
C3B NAI E . -1.90 -24.38 -18.15
O3B NAI E . -2.92 -24.08 -17.23
C2B NAI E . -2.45 -24.69 -19.58
O2B NAI E . -3.83 -25.36 -19.53
C1B NAI E . -2.51 -23.54 -20.15
N9A NAI E . -2.64 -23.63 -21.61
C8A NAI E . -2.13 -24.55 -22.45
N7A NAI E . -2.58 -24.22 -23.69
C5A NAI E . -3.38 -23.14 -23.58
C6A NAI E . -4.09 -22.40 -24.53
N6A NAI E . -4.21 -22.58 -25.97
N1A NAI E . -4.80 -21.32 -24.15
C2A NAI E . -4.85 -20.96 -22.85
N3A NAI E . -4.14 -21.68 -21.92
C4A NAI E . -3.41 -22.75 -22.31
O3 NAI E . 3.04 -23.95 -16.30
PN NAI E . 3.65 -22.73 -15.35
O1N NAI E . 4.52 -23.20 -14.22
O2N NAI E . 2.52 -21.80 -14.85
O5D NAI E . 4.63 -21.99 -16.48
C5D NAI E . 3.95 -21.33 -17.54
C4D NAI E . 4.96 -20.59 -18.53
O4D NAI E . 5.62 -19.62 -17.93
C3D NAI E . 5.96 -21.64 -18.95
O3D NAI E . 6.36 -21.44 -20.24
C2D NAI E . 7.11 -21.39 -17.94
O2D NAI E . 8.39 -22.02 -18.42
C1D NAI E . 7.15 -20.12 -18.00
N1N NAI E . 7.91 -19.48 -16.91
C2N NAI E . 8.30 -18.13 -17.15
C3N NAI E . 9.39 -17.46 -16.29
C7N NAI E . 10.22 -16.33 -16.95
O7N NAI E . 11.08 -15.80 -16.33
N7N NAI E . 9.93 -15.94 -18.33
C4N NAI E . 9.88 -18.16 -15.03
C5N NAI E . 9.50 -19.66 -14.96
C6N NAI E . 8.26 -20.14 -15.67
H51A NAI E . 0.71 -24.40 -18.58
H52A NAI E . 1.09 -22.88 -18.31
H4B NAI E . -1.29 -22.42 -17.89
H3B NAI E . -1.37 -25.11 -17.83
HO3A NAI E . -3.39 -24.77 -17.10
H2B NAI E . -1.83 -25.25 -20.06
HO2A NAI E . -3.96 -25.79 -20.25
H1B NAI E . -3.24 -23.03 -19.79
H8A NAI E . -1.61 -25.29 -22.58
H61A NAI E . -4.05 -21.92 -26.52
H62A NAI E . -4.46 -23.34 -26.30
H2A NAI E . -5.28 -20.25 -22.43
H51N NAI E . 3.35 -20.67 -17.15
H52N NAI E . 3.43 -21.98 -18.04
H4D NAI E . 4.49 -20.25 -19.30
H3D NAI E . 5.59 -22.53 -18.84
HO3N NAI E . 5.88 -21.90 -20.76
H2D NAI E . 6.87 -21.68 -17.05
HO2N NAI E . 8.23 -22.78 -18.75
H1D NAI E . 7.54 -19.86 -18.85
H2N NAI E . 7.90 -17.66 -17.84
H71N NAI E . 10.39 -15.32 -18.71
H72N NAI E . 9.30 -16.34 -18.77
H4N NAI E . 10.84 -18.09 -14.99
H42N NAI E . 9.49 -17.71 -14.26
H5N NAI E . 10.12 -20.28 -14.64
H6N NAI E . 7.63 -20.63 -15.22
S SO4 F . 17.22 0.51 -10.51
O1 SO4 F . 17.05 1.71 -11.33
O2 SO4 F . 18.63 -0.01 -10.60
O3 SO4 F . 16.32 -0.54 -11.02
O4 SO4 F . 16.93 0.82 -9.11
PA NAI G . -0.56 -29.22 1.61
O1A NAI G . -0.52 -30.71 1.51
O2A NAI G . -0.36 -28.47 0.30
O5B NAI G . 0.60 -28.74 2.66
C5B NAI G . 0.64 -29.26 3.98
C4B NAI G . 2.15 -29.04 4.47
O4B NAI G . 2.18 -29.43 5.74
C3B NAI G . 3.11 -29.89 3.69
O3B NAI G . 4.12 -29.18 3.04
C2B NAI G . 3.63 -30.76 4.88
O2B NAI G . 4.99 -31.34 4.52
C1B NAI G . 3.61 -29.99 5.92
N9A NAI G . 3.75 -30.75 7.17
C8A NAI G . 3.29 -31.99 7.46
N7A NAI G . 3.76 -32.34 8.68
C5A NAI G . 4.48 -31.29 9.12
C6A NAI G . 5.17 -31.08 10.32
N6A NAI G . 5.33 -31.96 11.48
N1A NAI G . 5.84 -29.94 10.53
C2A NAI G . 5.85 -28.99 9.57
N3A NAI G . 5.15 -29.16 8.38
C4A NAI G . 4.47 -30.31 8.20
O3 NAI G . -1.97 -28.87 2.37
PN NAI G . -2.69 -27.41 2.43
O1N NAI G . -3.59 -27.35 1.23
O2N NAI G . -1.55 -26.35 2.57
O5D NAI G . -3.59 -27.57 3.78
C5D NAI G . -2.96 -27.34 5.02
C4D NAI G . -4.10 -27.26 6.15
O4D NAI G . -4.85 -26.16 5.97
C3D NAI G . -5.00 -28.47 6.00
O3D NAI G . -5.45 -28.99 7.17
C2D NAI G . -6.22 -27.81 5.27
O2D NAI G . -7.48 -28.61 5.47
C1D NAI G . -6.33 -26.72 5.93
N1N NAI G . -7.23 -25.73 5.30
C2N NAI G . -7.79 -24.76 6.18
C3N NAI G . -8.75 -23.70 5.63
C7N NAI G . -9.56 -22.90 6.68
O7N NAI G . -10.51 -22.25 6.32
N7N NAI G . -9.16 -23.00 8.09
C4N NAI G . -9.01 -23.55 4.13
C5N NAI G . -8.16 -24.50 3.26
C6N NAI G . -7.59 -25.77 3.89
H51A NAI G . 0.43 -30.21 3.97
H52A NAI G . 0.02 -28.78 4.56
H4B NAI G . 2.40 -28.10 4.39
H3B NAI G . 2.63 -30.45 3.06
HO3A NAI G . 3.85 -28.39 2.88
H2B NAI G . 3.01 -31.50 5.03
HO2A NAI G . 5.11 -31.27 3.68
H1B NAI G . 4.27 -29.29 5.85
H8A NAI G . 2.80 -32.73 7.17
H61A NAI G . 5.81 -31.72 12.15
H62A NAI G . 4.94 -32.74 11.49
H2A NAI G . 6.26 -28.15 9.56
H51N NAI G . -2.47 -26.51 5.00
H52N NAI G . -2.35 -28.07 5.22
H4D NAI G . -3.71 -27.24 7.03
H3D NAI G . -4.58 -29.14 5.43
HO3N NAI G . -4.78 -29.18 7.67
H2D NAI G . -6.04 -27.65 4.34
HO2N NAI G . -7.38 -29.12 6.14
H1D NAI G . -6.62 -26.91 6.82
H2N NAI G . -7.60 -24.80 7.08
H71N NAI G . -9.59 -22.57 8.70
H72N NAI G . -8.48 -23.48 8.32
H4N NAI G . -9.96 -23.74 3.97
H42N NAI G . -8.83 -22.64 3.87
H5N NAI G . -8.15 -24.39 2.34
H6N NAI G . -7.70 -26.58 3.46
S SO4 H . -17.18 -5.40 9.50
O1 SO4 H . -16.84 -4.40 8.48
O2 SO4 H . -16.21 -6.48 9.42
O3 SO4 H . -17.10 -4.87 10.88
O4 SO4 H . -18.59 -5.90 9.30
PA NAI I . 7.08 25.60 12.16
O1A NAI I . 7.26 27.00 12.59
O2A NAI I . 5.83 25.31 11.30
O5B NAI I . 6.97 24.59 13.42
C5B NAI I . 8.05 24.52 14.32
C4B NAI I . 7.45 23.82 15.61
O4B NAI I . 8.50 23.75 16.40
C3B NAI I . 6.39 24.71 16.21
O3B NAI I . 5.10 24.20 16.34
C2B NAI I . 7.09 24.98 17.58
O2B NAI I . 6.04 25.23 18.64
C1B NAI I . 7.80 23.90 17.78
N9A NAI I . 8.77 24.10 18.86
C8A NAI I . 9.53 25.19 19.11
N7A NAI I . 10.22 24.97 20.23
C5A NAI I . 9.87 23.76 20.66
C6A NAI I . 10.30 23.05 21.76
N6A NAI I . 11.23 23.50 22.77
N1A NAI I . 9.82 21.83 22.02
C2A NAI I . 8.91 21.28 21.19
N3A NAI I . 8.48 21.96 20.08
C4A NAI I . 8.97 23.20 19.83
O3 NAI I . 8.43 25.26 11.34
PN NAI I . 8.66 24.07 10.23
O1N NAI I . 8.36 24.72 8.91
O2N NAI I . 7.88 22.83 10.67
O5D NAI I . 10.28 23.84 10.35
C5D NAI I . 10.71 23.29 11.55
C4D NAI I . 12.24 22.91 11.32
O4D NAI I . 12.39 22.05 10.31
C3D NAI I . 12.98 24.15 10.93
O3D NAI I . 14.28 24.14 11.41
C2D NAI I . 13.14 23.98 9.41
O2D NAI I . 14.34 24.70 8.97
C1D NAI I . 13.43 22.72 9.36
N1N NAI I . 13.31 22.10 8.04
C2N NAI I . 14.23 21.05 7.73
C3N NAI I . 14.32 20.53 6.29
C7N NAI I . 15.41 19.51 5.94
O7N NAI I . 15.60 19.20 4.80
N7N NAI I . 16.24 18.95 7.02
C4N NAI I . 13.23 20.85 5.28
C5N NAI I . 12.17 21.82 5.77
C6N NAI I . 12.30 22.53 7.11
H51A NAI I . 8.38 25.40 14.54
H52A NAI I . 8.76 23.97 13.94
H4B NAI I . 7.11 22.93 15.41
H3B NAI I . 6.35 25.54 15.71
HO3A NAI I . 5.14 23.43 16.73
H2B NAI I . 7.68 25.74 17.50
HO2A NAI I . 6.10 26.03 18.90
H1B NAI I . 7.23 23.14 17.97
H8A NAI I . 9.78 26.05 18.83
H61A NAI I . 11.13 24.25 23.16
H62A NAI I . 11.90 22.99 22.98
H2A NAI I . 8.48 20.45 21.21
H51N NAI I . 10.62 23.95 12.26
H52N NAI I . 10.19 22.50 11.76
H4D NAI I . 12.62 22.54 12.13
H3D NAI I . 12.50 24.97 11.15
HO3N NAI I . 14.28 23.86 12.22
H2D NAI I . 12.33 24.21 8.92
HO2N NAI I . 14.17 25.11 8.24
H1D NAI I . 14.32 22.59 9.70
H2N NAI I . 14.69 20.62 8.41
H71N NAI I . 16.86 18.37 6.82
H72N NAI I . 16.11 19.17 7.83
H4N NAI I . 12.80 20.01 5.03
H42N NAI I . 13.65 21.22 4.49
H5N NAI I . 11.42 21.98 5.24
H6N NAI I . 11.85 23.35 7.24
O1 OAA J . 12.80 24.60 3.73
O2 OAA J . 13.82 24.01 5.75
O4 OAA J . 15.94 21.56 1.62
O5 OAA J . 13.78 22.17 2.14
O3 OAA J . 16.44 22.20 4.51
C1 OAA J . 13.86 24.28 4.47
C2 OAA J . 15.21 24.23 3.87
C3 OAA J . 15.63 22.80 3.65
C4 OAA J . 15.08 22.13 2.41
H21 OAA J . 15.20 24.75 2.90
H22 OAA J . 15.92 24.71 4.54
S SO4 K . 19.09 4.24 -5.24
O1 SO4 K . 18.05 3.58 -6.05
O2 SO4 K . 19.90 5.12 -6.11
O3 SO4 K . 18.47 5.03 -4.16
O4 SO4 K . 19.98 3.24 -4.62
PA NAI L . -7.90 28.27 2.64
O1A NAI L . -8.09 29.73 2.79
O2A NAI L . -6.65 27.72 3.39
O5B NAI L . -7.76 27.95 1.03
C5B NAI L . -8.95 28.09 0.26
C4B NAI L . -8.37 28.17 -1.20
O4B NAI L . -9.36 28.44 -2.03
C3B NAI L . -7.38 29.32 -1.22
O3B NAI L . -6.12 28.89 -1.55
C2B NAI L . -7.98 30.26 -2.29
O2B NAI L . -6.87 30.98 -3.10
C1B NAI L . -8.67 29.45 -3.04
N9A NAI L . -9.57 30.22 -3.89
C8A NAI L . -10.29 31.34 -3.62
N7A NAI L . -10.90 31.70 -4.76
C5A NAI L . -10.55 30.81 -5.72
C6A NAI L . -10.88 30.70 -7.06
N6A NAI L . -11.73 31.51 -7.94
N1A NAI L . -10.39 29.71 -7.81
C2A NAI L . -9.56 28.78 -7.27
N3A NAI L . -9.23 28.90 -5.95
C4A NAI L . -9.73 29.91 -5.19
O3 NAI L . -9.22 27.38 3.06
PN NAI L . -9.20 25.79 3.50
O1N NAI L . -8.75 25.60 4.92
O2N NAI L . -8.31 24.96 2.50
O5D NAI L . -10.80 25.35 3.35
C5D NAI L . -11.27 25.49 2.03
C4D NAI L . -12.82 25.10 1.96
O4D NAI L . -12.99 23.86 2.40
C3D NAI L . -13.59 25.99 2.90
O3D NAI L . -14.82 26.33 2.41
C2D NAI L . -13.77 25.07 4.17
O2D NAI L . -14.95 25.45 5.05
C1D NAI L . -14.03 23.98 3.60
N1N NAI L . -13.90 22.83 4.49
C2N NAI L . -14.66 21.70 4.15
C3N NAI L . -14.82 20.62 5.22
C7N NAI L . -15.92 19.55 4.96
O7N NAI L . -15.97 18.60 5.70
N7N NAI L . -16.86 19.77 3.86
C4N NAI L . -13.61 20.28 6.09
C5N NAI L . -12.64 21.47 6.21
C6N NAI L . -13.11 22.81 5.70
H51A NAI L . -9.52 27.31 0.36
H52A NAI L . -9.43 28.91 0.50
H4B NAI L . -7.93 27.33 -1.46
H3B NAI L . -7.36 29.77 -0.35
HO3A NAI L . -6.16 28.44 -2.27
H2B NAI L . -8.57 30.90 -1.88
HO2A NAI L . -7.09 31.79 -3.21
H1B NAI L . -8.05 28.97 -3.61
H8A NAI L . -10.54 31.98 -2.99
H61A NAI L . -11.70 32.36 -7.88
H62A NAI L . -12.26 31.12 -8.49
H2A NAI L . -9.13 28.05 -7.64
H51N NAI L . -10.77 24.90 1.45
H52N NAI L . -11.16 26.40 1.74
H4D NAI L . -13.16 25.18 1.05
H3D NAI L . -13.07 26.77 3.12
HO3N NAI L . -14.74 27.03 1.93
H2D NAI L . -12.95 25.01 4.68
HO2N NAI L . -14.78 26.19 5.43
H1D NAI L . -14.93 24.01 3.24
H2N NAI L . -14.79 21.47 3.25
H71N NAI L . -16.79 20.47 3.37
H72N NAI L . -17.48 19.18 3.71
H4N NAI L . -13.14 19.54 5.70
H42N NAI L . -13.92 20.04 6.98
H5N NAI L . -11.74 21.32 6.33
H6N NAI L . -13.14 23.54 6.28
O1 OAA M . -14.52 24.83 8.23
O2 OAA M . -16.47 24.22 9.26
O4 OAA M . -14.14 19.67 9.33
O5 OAA M . -16.38 19.26 9.46
O3 OAA M . -16.80 21.41 7.65
C1 OAA M . -15.30 23.91 8.75
C2 OAA M . -14.77 22.48 8.77
C3 OAA M . -15.72 21.34 8.44
C4 OAA M . -15.39 20.01 9.11
H21 OAA M . -14.36 22.29 9.76
H22 OAA M . -13.94 22.43 8.06
S SO4 N . -18.93 0.37 6.78
O1 SO4 N . -19.53 -0.38 5.66
O2 SO4 N . -18.39 1.63 6.24
O3 SO4 N . -17.86 -0.48 7.31
O4 SO4 N . -19.96 0.65 7.88
#